data_4WSJ
#
_entry.id   4WSJ
#
_cell.length_a   55.480
_cell.length_b   186.980
_cell.length_c   98.190
_cell.angle_alpha   90.000
_cell.angle_beta   94.170
_cell.angle_gamma   90.000
#
_symmetry.space_group_name_H-M   'P 1 21 1'
#
loop_
_entity.id
_entity.type
_entity.pdbx_description
1 polymer Alpha-L-fucosidase
2 non-polymer 'SULFATE ION'
3 non-polymer N-[(1S,2R,3R,4S,5R)-3,4,5-trihydroxy-2-methylcyclohexyl]acetamide
4 water water
#
_entity_poly.entity_id   1
_entity_poly.type   'polypeptide(L)'
_entity_poly.pdbx_seq_one_letter_code
;EIPLKYGATNEGKRQDPAMQKFRDNRLGAFIHWGLYAIPGGEWNGKVYGGAAEWLKSWAKVPADEWLKLMDQWNPTKFDA
KKWAKMAKEMGTKYVKITTKHHEGFCLWPSKYTKYTVANTPYKRDILGELVKAYNDEGIDVHFYFSVMDWSNPDYRYDIK
SKEDSIAFSRFLEFTDNQLKELATRYPTVKDFWFDGTWDASVKKNGWWTAHAEQMLKELVPGVAINSRLRADDKGKRHFD
SNGRLMGDYESGYERRLPDPVKDLKVTQWDWEACMTIPENQWGYHKDWSLSYVKTPIEVIDRIVHAVSMGGNMVVNFGPQ
ADGDFRPEEKAMATAIGKWMNRYGKAVYACDYAGFEKQDWGYYTRGKNDEVYMVVFNQPYSERLIVKTPKGITVEKATLL
TTGEDITVVETTRNEYNVSVPKKNPGEPYVIQLKVRAAKGTKSIY
;
_entity_poly.pdbx_strand_id   A,B,C,D
#
loop_
_chem_comp.id
_chem_comp.type
_chem_comp.name
_chem_comp.formula
3U3 non-polymer N-[(1S,2R,3R,4S,5R)-3,4,5-trihydroxy-2-methylcyclohexyl]acetamide 'C9 H17 N O4'
SO4 non-polymer 'SULFATE ION' 'O4 S -2'
#
# COMPACT_ATOMS: atom_id res chain seq x y z
N GLU A 1 21.12 71.21 34.32
CA GLU A 1 20.15 70.21 33.77
C GLU A 1 19.57 70.73 32.44
N ILE A 2 20.03 70.15 31.32
CA ILE A 2 19.59 70.54 29.99
C ILE A 2 18.26 69.86 29.65
N PRO A 3 17.26 70.64 29.20
CA PRO A 3 15.98 69.99 28.86
C PRO A 3 16.13 69.18 27.57
N LEU A 4 15.64 67.95 27.56
CA LEU A 4 15.80 67.03 26.41
C LEU A 4 14.52 66.25 26.18
N LYS A 5 14.10 66.12 24.92
CA LYS A 5 12.97 65.23 24.60
C LYS A 5 13.46 63.82 24.32
N TYR A 6 14.72 63.68 23.90
CA TYR A 6 15.21 62.37 23.32
C TYR A 6 16.43 61.82 24.07
N GLY A 7 16.55 62.18 25.34
CA GLY A 7 17.60 61.62 26.20
C GLY A 7 17.15 60.36 26.94
N ALA A 8 17.81 60.07 28.06
CA ALA A 8 17.65 58.79 28.74
C ALA A 8 16.24 58.49 29.19
N THR A 9 15.88 57.19 29.15
CA THR A 9 14.55 56.72 29.55
C THR A 9 14.54 55.90 30.86
N ASN A 10 15.55 55.03 31.06
CA ASN A 10 15.66 54.23 32.27
C ASN A 10 16.31 55.09 33.37
N GLU A 11 15.81 54.96 34.61
CA GLU A 11 16.37 55.68 35.75
C GLU A 11 17.66 54.97 36.13
N GLY A 12 17.58 53.75 36.62
CA GLY A 12 18.87 53.00 36.89
C GLY A 12 18.84 51.72 36.07
N LYS A 13 19.35 50.60 36.60
CA LYS A 13 19.30 49.33 35.86
C LYS A 13 17.86 48.81 35.75
N ARG A 14 17.47 48.32 34.58
CA ARG A 14 16.24 47.51 34.48
C ARG A 14 16.31 46.25 35.32
N GLN A 15 15.24 45.98 36.08
CA GLN A 15 15.20 44.77 36.86
C GLN A 15 14.03 43.83 36.52
N ASP A 16 13.37 44.06 35.39
CA ASP A 16 12.41 43.10 34.91
C ASP A 16 13.08 41.78 34.51
N PRO A 17 12.32 40.67 34.50
CA PRO A 17 12.91 39.36 34.21
C PRO A 17 13.71 39.29 32.88
N ALA A 18 13.27 39.98 31.83
CA ALA A 18 14.01 39.92 30.52
C ALA A 18 15.37 40.55 30.67
N MET A 19 15.48 41.67 31.40
CA MET A 19 16.81 42.27 31.58
C MET A 19 17.65 41.41 32.48
N GLN A 20 17.01 40.83 33.50
CA GLN A 20 17.78 39.96 34.37
C GLN A 20 18.34 38.78 33.61
N LYS A 21 17.63 38.23 32.62
CA LYS A 21 18.05 37.13 31.84
C LYS A 21 19.24 37.58 30.95
N PHE A 22 19.08 38.73 30.30
CA PHE A 22 20.17 39.32 29.46
C PHE A 22 21.46 39.38 30.23
N ARG A 23 21.40 39.90 31.47
CA ARG A 23 22.54 40.08 32.38
C ARG A 23 23.06 38.74 32.83
N ASP A 24 22.17 37.87 33.38
CA ASP A 24 22.61 36.61 33.89
C ASP A 24 23.23 35.69 32.92
N ASN A 25 22.84 35.77 31.63
CA ASN A 25 23.49 35.01 30.59
C ASN A 25 25.06 35.14 30.64
N ARG A 26 25.48 36.41 30.75
CA ARG A 26 26.91 36.83 30.83
C ARG A 26 27.82 36.58 29.63
N LEU A 27 27.83 35.37 29.09
CA LEU A 27 28.71 34.96 28.01
C LEU A 27 27.95 34.71 26.74
N GLY A 28 28.32 35.46 25.69
CA GLY A 28 27.71 35.37 24.41
C GLY A 28 28.73 35.10 23.33
N ALA A 29 28.20 34.74 22.15
CA ALA A 29 28.98 34.66 20.88
C ALA A 29 28.42 35.70 19.91
N PHE A 30 29.32 36.21 19.07
CA PHE A 30 28.96 37.10 17.96
C PHE A 30 29.16 36.32 16.69
N ILE A 31 28.24 36.48 15.75
CA ILE A 31 28.41 35.97 14.40
C ILE A 31 28.40 37.15 13.39
N HIS A 32 29.51 37.35 12.68
CA HIS A 32 29.63 38.32 11.60
C HIS A 32 29.71 37.53 10.29
N TRP A 33 28.57 37.47 9.60
CA TRP A 33 28.51 36.69 8.33
C TRP A 33 27.75 37.48 7.30
N GLY A 34 28.40 37.66 6.15
CA GLY A 34 27.86 38.45 5.06
C GLY A 34 28.70 38.26 3.83
N LEU A 35 28.46 39.09 2.78
CA LEU A 35 29.15 38.89 1.51
C LEU A 35 30.66 38.99 1.59
N TYR A 36 31.13 39.79 2.54
CA TYR A 36 32.57 39.90 2.85
C TYR A 36 33.31 38.62 3.14
N ALA A 37 32.61 37.56 3.53
CA ALA A 37 33.23 36.27 3.78
C ALA A 37 33.76 35.63 2.49
N ILE A 38 33.17 36.03 1.36
CA ILE A 38 33.59 35.45 0.06
C ILE A 38 35.04 35.92 -0.33
N PRO A 39 35.28 37.21 -0.52
CA PRO A 39 36.68 37.66 -0.77
C PRO A 39 37.64 37.46 0.43
N GLY A 40 37.09 37.47 1.65
CA GLY A 40 37.92 37.19 2.82
C GLY A 40 39.13 38.11 2.97
N GLY A 41 38.95 39.36 2.65
CA GLY A 41 39.97 40.40 2.89
C GLY A 41 40.86 40.64 1.70
N GLU A 42 40.60 39.94 0.62
CA GLU A 42 41.36 40.11 -0.67
C GLU A 42 40.48 40.61 -1.80
N TRP A 43 40.93 41.64 -2.54
CA TRP A 43 40.20 42.12 -3.72
C TRP A 43 41.21 42.35 -4.86
N ASN A 44 40.91 41.75 -6.02
CA ASN A 44 41.71 41.98 -7.25
C ASN A 44 43.18 41.72 -6.93
N GLY A 45 43.48 40.59 -6.30
CA GLY A 45 44.83 40.21 -5.99
C GLY A 45 45.58 40.92 -4.86
N LYS A 46 44.98 41.90 -4.19
CA LYS A 46 45.61 42.56 -3.06
C LYS A 46 44.92 42.11 -1.77
N VAL A 47 45.71 41.59 -0.82
CA VAL A 47 45.18 41.27 0.56
C VAL A 47 45.25 42.54 1.42
N TYR A 48 44.14 42.95 2.03
CA TYR A 48 44.08 44.21 2.77
C TYR A 48 44.09 43.80 4.26
N GLY A 49 44.87 44.51 5.07
CA GLY A 49 45.03 44.14 6.50
C GLY A 49 43.93 44.69 7.38
N GLY A 50 43.15 45.63 6.89
CA GLY A 50 42.00 46.19 7.59
C GLY A 50 40.92 45.10 7.84
N ALA A 51 39.95 45.44 8.67
CA ALA A 51 38.88 44.48 9.00
C ALA A 51 38.20 44.00 7.68
N ALA A 52 38.03 42.69 7.58
CA ALA A 52 37.53 42.04 6.30
C ALA A 52 36.12 42.46 5.97
N GLU A 53 35.32 42.77 6.97
CA GLU A 53 33.96 43.20 6.72
C GLU A 53 33.85 44.62 6.15
N TRP A 54 34.97 45.37 6.22
CA TRP A 54 35.08 46.68 5.63
C TRP A 54 35.80 46.68 4.26
N LEU A 55 36.03 45.51 3.67
CA LEU A 55 36.79 45.42 2.41
C LEU A 55 36.20 46.31 1.28
N LYS A 56 34.88 46.44 1.24
CA LYS A 56 34.26 47.32 0.21
C LYS A 56 34.89 48.72 0.27
N SER A 57 35.13 49.18 1.50
CA SER A 57 35.70 50.49 1.74
C SER A 57 37.21 50.52 1.46
N TRP A 58 37.97 49.55 1.98
CA TRP A 58 39.43 49.51 1.75
C TRP A 58 39.81 49.44 0.25
N ALA A 59 39.09 48.63 -0.50
CA ALA A 59 39.37 48.39 -1.90
C ALA A 59 38.60 49.35 -2.80
N LYS A 60 37.84 50.31 -2.23
CA LYS A 60 37.04 51.31 -2.99
C LYS A 60 36.12 50.64 -4.05
N VAL A 61 35.42 49.57 -3.66
CA VAL A 61 34.56 48.82 -4.58
C VAL A 61 33.19 49.51 -4.66
N PRO A 62 32.71 49.86 -5.88
CA PRO A 62 31.36 50.43 -5.95
C PRO A 62 30.26 49.46 -5.50
N ALA A 63 29.15 50.00 -5.01
CA ALA A 63 28.04 49.16 -4.52
C ALA A 63 27.57 48.12 -5.53
N ASP A 64 27.37 48.51 -6.80
CA ASP A 64 26.88 47.52 -7.74
C ASP A 64 27.84 46.36 -7.84
N GLU A 65 29.16 46.61 -7.90
CA GLU A 65 30.12 45.55 -8.06
C GLU A 65 30.27 44.66 -6.79
N TRP A 66 30.27 45.34 -5.65
CA TRP A 66 30.30 44.60 -4.36
C TRP A 66 29.10 43.63 -4.23
N LEU A 67 27.92 44.14 -4.53
CA LEU A 67 26.69 43.36 -4.35
C LEU A 67 26.55 42.21 -5.35
N LYS A 68 27.32 42.21 -6.47
CA LYS A 68 27.39 41.04 -7.33
C LYS A 68 27.99 39.84 -6.68
N LEU A 69 28.69 40.02 -5.52
CA LEU A 69 29.05 38.83 -4.72
C LEU A 69 27.85 37.94 -4.32
N MET A 70 26.65 38.49 -4.28
CA MET A 70 25.40 37.65 -4.08
C MET A 70 25.34 36.45 -5.04
N ASP A 71 25.88 36.63 -6.26
CA ASP A 71 25.92 35.53 -7.24
C ASP A 71 26.79 34.37 -6.86
N GLN A 72 27.70 34.58 -5.90
CA GLN A 72 28.55 33.52 -5.35
C GLN A 72 28.15 33.05 -3.96
N TRP A 73 27.05 33.53 -3.47
CA TRP A 73 26.66 33.18 -2.09
C TRP A 73 25.94 31.85 -2.09
N ASN A 74 26.65 30.81 -1.72
CA ASN A 74 26.15 29.47 -1.76
C ASN A 74 26.84 28.60 -0.75
N PRO A 75 26.53 28.86 0.55
CA PRO A 75 27.22 28.19 1.68
C PRO A 75 26.77 26.75 1.91
N THR A 76 27.33 25.89 1.06
CA THR A 76 26.98 24.47 0.99
C THR A 76 27.09 23.74 2.29
N LYS A 77 28.05 24.14 3.10
CA LYS A 77 28.31 23.47 4.38
C LYS A 77 27.49 24.01 5.56
N PHE A 78 26.71 25.05 5.35
CA PHE A 78 25.92 25.63 6.42
C PHE A 78 24.94 24.64 7.02
N ASP A 79 24.91 24.56 8.35
CA ASP A 79 23.95 23.73 9.06
C ASP A 79 23.64 24.40 10.38
N ALA A 80 22.50 25.07 10.46
CA ALA A 80 22.17 25.83 11.68
C ALA A 80 22.25 24.99 12.94
N LYS A 81 21.83 23.72 12.89
CA LYS A 81 21.96 22.85 14.07
C LYS A 81 23.42 22.65 14.54
N LYS A 82 24.36 22.57 13.61
CA LYS A 82 25.76 22.42 13.97
C LYS A 82 26.30 23.72 14.62
N TRP A 83 25.89 24.85 14.07
CA TRP A 83 26.27 26.16 14.64
C TRP A 83 25.75 26.27 16.09
N ALA A 84 24.50 25.84 16.32
CA ALA A 84 23.96 25.90 17.65
C ALA A 84 24.59 24.95 18.65
N LYS A 85 24.93 23.76 18.19
CA LYS A 85 25.67 22.77 18.98
C LYS A 85 27.05 23.32 19.38
N MET A 86 27.70 24.00 18.47
CA MET A 86 29.01 24.60 18.75
C MET A 86 28.88 25.64 19.86
N ALA A 87 27.86 26.52 19.75
CA ALA A 87 27.63 27.50 20.79
C ALA A 87 27.29 26.87 22.16
N LYS A 88 26.45 25.81 22.17
CA LYS A 88 26.14 25.14 23.39
C LYS A 88 27.38 24.59 24.06
N GLU A 89 28.22 23.94 23.27
CA GLU A 89 29.42 23.27 23.81
C GLU A 89 30.43 24.32 24.32
N MET A 90 30.41 25.50 23.70
CA MET A 90 31.27 26.61 24.19
C MET A 90 30.83 27.19 25.52
N GLY A 91 29.56 26.98 25.91
CA GLY A 91 29.02 27.58 27.11
C GLY A 91 28.36 28.96 26.90
N THR A 92 28.13 29.35 25.64
CA THR A 92 27.49 30.59 25.39
C THR A 92 26.01 30.49 25.61
N LYS A 93 25.44 31.49 26.23
CA LYS A 93 24.05 31.51 26.59
C LYS A 93 23.20 32.36 25.64
N TYR A 94 23.87 33.07 24.74
CA TYR A 94 23.18 33.88 23.74
C TYR A 94 24.13 34.07 22.57
N VAL A 95 23.56 34.38 21.40
CA VAL A 95 24.33 34.66 20.18
C VAL A 95 23.78 35.94 19.56
N LYS A 96 24.71 36.86 19.18
CA LYS A 96 24.38 38.08 18.47
C LYS A 96 24.75 37.90 16.99
N ILE A 97 23.81 38.15 16.07
CA ILE A 97 23.96 37.81 14.65
C ILE A 97 23.84 39.02 13.81
N THR A 98 24.79 39.19 12.88
CA THR A 98 24.66 40.29 11.91
C THR A 98 23.47 40.02 10.96
N THR A 99 22.37 40.72 11.18
CA THR A 99 21.20 40.61 10.28
C THR A 99 21.52 41.28 8.93
N LYS A 100 22.19 42.43 9.05
CA LYS A 100 22.57 43.27 7.92
C LYS A 100 23.77 44.12 8.40
N HIS A 101 24.87 44.02 7.68
CA HIS A 101 26.08 44.83 7.97
C HIS A 101 26.08 46.07 7.06
N HIS A 102 27.17 46.84 7.08
CA HIS A 102 27.18 48.12 6.36
C HIS A 102 26.91 47.86 4.88
N GLU A 103 27.39 46.74 4.37
CA GLU A 103 27.23 46.37 2.91
C GLU A 103 25.73 46.35 2.51
N GLY A 104 24.81 46.13 3.44
CA GLY A 104 23.36 46.22 3.16
C GLY A 104 22.74 44.88 2.75
N PHE A 105 23.54 43.85 2.60
CA PHE A 105 23.06 42.51 2.32
C PHE A 105 22.38 41.89 3.58
N CYS A 106 21.14 41.41 3.36
CA CYS A 106 20.30 40.93 4.47
C CYS A 106 20.30 39.44 4.55
N LEU A 107 20.51 38.89 5.77
CA LEU A 107 20.54 37.46 5.99
C LEU A 107 19.15 36.84 6.18
N TRP A 108 18.12 37.71 6.11
CA TRP A 108 16.73 37.32 6.04
C TRP A 108 16.15 37.90 4.73
N PRO A 109 15.08 37.27 4.20
CA PRO A 109 14.50 37.71 2.87
C PRO A 109 13.63 38.95 3.02
N SER A 110 14.28 40.10 3.23
CA SER A 110 13.54 41.33 3.46
C SER A 110 12.70 41.66 2.21
N LYS A 111 11.49 42.14 2.46
CA LYS A 111 10.64 42.60 1.37
C LYS A 111 10.95 44.02 0.96
N TYR A 112 11.92 44.70 1.61
CA TYR A 112 12.20 46.09 1.33
C TYR A 112 13.46 46.36 0.51
N THR A 113 14.14 45.32 0.10
CA THR A 113 15.34 45.45 -0.77
C THR A 113 15.56 44.18 -1.51
N LYS A 114 16.19 44.29 -2.68
CA LYS A 114 16.60 43.10 -3.40
C LYS A 114 17.93 42.46 -2.96
N TYR A 115 18.67 43.15 -2.10
CA TYR A 115 19.96 42.63 -1.67
C TYR A 115 19.82 41.73 -0.43
N THR A 116 19.35 40.53 -0.67
CA THR A 116 19.03 39.60 0.41
C THR A 116 19.37 38.18 0.00
N VAL A 117 19.39 37.29 0.99
CA VAL A 117 19.59 35.89 0.80
C VAL A 117 18.64 35.24 -0.26
N ALA A 118 17.42 35.78 -0.41
CA ALA A 118 16.45 35.23 -1.36
C ALA A 118 16.99 35.30 -2.79
N ASN A 119 17.80 36.31 -3.08
CA ASN A 119 18.30 36.54 -4.45
C ASN A 119 19.75 36.08 -4.61
N THR A 120 20.06 34.96 -4.01
CA THR A 120 21.32 34.26 -4.13
C THR A 120 21.04 32.83 -4.54
N PRO A 121 22.05 32.10 -5.01
CA PRO A 121 21.85 30.68 -5.30
C PRO A 121 21.33 29.88 -4.13
N TYR A 122 21.69 30.27 -2.90
CA TYR A 122 21.31 29.49 -1.73
C TYR A 122 19.83 29.65 -1.37
N LYS A 123 19.30 30.83 -1.60
CA LYS A 123 17.88 31.19 -1.44
C LYS A 123 17.28 31.23 -0.05
N ARG A 124 17.77 30.39 0.83
CA ARG A 124 17.14 30.17 2.12
C ARG A 124 17.28 31.31 3.13
N ASP A 125 16.29 31.41 4.02
CA ASP A 125 16.31 32.32 5.17
C ASP A 125 17.29 31.85 6.25
N ILE A 126 18.56 32.22 6.06
CA ILE A 126 19.60 31.89 7.03
C ILE A 126 19.30 32.37 8.43
N LEU A 127 18.81 33.59 8.56
CA LEU A 127 18.53 34.17 9.87
C LEU A 127 17.47 33.39 10.60
N GLY A 128 16.39 33.08 9.88
CA GLY A 128 15.38 32.23 10.43
C GLY A 128 15.87 30.87 10.86
N GLU A 129 16.69 30.22 10.03
CA GLU A 129 17.24 28.93 10.40
C GLU A 129 18.04 29.01 11.70
N LEU A 130 18.85 30.09 11.81
CA LEU A 130 19.63 30.27 13.03
C LEU A 130 18.80 30.55 14.25
N VAL A 131 17.76 31.39 14.10
CA VAL A 131 16.88 31.67 15.22
C VAL A 131 16.33 30.35 15.79
N LYS A 132 15.82 29.54 14.89
CA LYS A 132 15.21 28.26 15.33
C LYS A 132 16.22 27.34 16.00
N ALA A 133 17.37 27.19 15.41
CA ALA A 133 18.42 26.26 15.89
C ALA A 133 18.98 26.69 17.22
N TYR A 134 19.27 28.00 17.36
CA TYR A 134 19.75 28.48 18.66
C TYR A 134 18.72 28.36 19.71
N ASN A 135 17.47 28.78 19.39
CA ASN A 135 16.42 28.68 20.39
C ASN A 135 16.16 27.24 20.83
N ASP A 136 16.30 26.32 19.90
CA ASP A 136 16.08 24.86 20.19
C ASP A 136 17.13 24.36 21.21
N GLU A 137 18.30 24.99 21.27
CA GLU A 137 19.32 24.66 22.27
C GLU A 137 19.20 25.50 23.55
N GLY A 138 18.16 26.31 23.71
CA GLY A 138 17.94 27.13 24.87
C GLY A 138 18.86 28.38 24.87
N ILE A 139 19.25 28.81 23.67
CA ILE A 139 20.19 29.97 23.49
C ILE A 139 19.37 31.14 23.00
N ASP A 140 19.51 32.30 23.66
CA ASP A 140 18.82 33.53 23.28
C ASP A 140 19.48 34.06 22.01
N VAL A 141 18.71 34.74 21.17
CA VAL A 141 19.24 35.34 19.95
C VAL A 141 19.05 36.88 20.02
N HIS A 142 20.13 37.62 19.68
CA HIS A 142 20.21 39.07 19.59
C HIS A 142 20.54 39.41 18.13
N PHE A 143 19.97 40.51 17.68
CA PHE A 143 20.19 40.99 16.32
C PHE A 143 21.08 42.23 16.27
N TYR A 144 22.21 42.04 15.61
CA TYR A 144 23.07 43.18 15.15
C TYR A 144 22.35 43.78 13.93
N PHE A 145 22.29 45.13 13.89
CA PHE A 145 21.71 45.83 12.72
C PHE A 145 22.56 47.08 12.42
N SER A 146 22.99 47.18 11.16
CA SER A 146 23.74 48.39 10.76
C SER A 146 22.71 49.43 10.20
N VAL A 147 22.64 50.61 10.80
CA VAL A 147 21.83 51.70 10.26
C VAL A 147 22.47 52.16 8.97
N MET A 148 23.72 52.63 9.03
CA MET A 148 24.48 52.87 7.77
C MET A 148 24.33 51.73 6.80
N ASP A 149 24.00 52.07 5.53
CA ASP A 149 23.74 51.06 4.56
C ASP A 149 24.29 51.58 3.21
N TRP A 150 25.36 50.93 2.77
CA TRP A 150 26.12 51.25 1.54
C TRP A 150 25.36 50.87 0.27
N SER A 151 24.27 50.12 0.42
CA SER A 151 23.53 49.64 -0.76
C SER A 151 22.35 50.55 -1.14
N ASN A 152 22.00 51.50 -0.30
CA ASN A 152 20.78 52.31 -0.39
C ASN A 152 21.18 53.75 -0.64
N PRO A 153 20.91 54.25 -1.85
CA PRO A 153 21.35 55.62 -2.18
C PRO A 153 20.63 56.74 -1.44
N ASP A 154 19.61 56.45 -0.65
CA ASP A 154 18.97 57.46 0.20
C ASP A 154 19.75 57.71 1.48
N TYR A 155 20.75 56.86 1.80
CA TYR A 155 21.57 57.10 2.99
C TYR A 155 22.32 58.44 2.77
N ARG A 156 22.49 59.18 3.83
CA ARG A 156 23.31 60.36 3.85
C ARG A 156 24.26 60.29 5.06
N TYR A 157 25.47 60.79 4.88
CA TYR A 157 26.44 60.90 5.97
C TYR A 157 26.23 62.16 6.80
N ASP A 158 25.70 63.21 6.16
CA ASP A 158 25.33 64.48 6.82
C ASP A 158 24.17 65.10 6.07
N ILE A 159 23.47 66.02 6.75
CA ILE A 159 22.30 66.74 6.24
C ILE A 159 22.71 68.20 6.01
N LYS A 160 22.93 68.53 4.74
CA LYS A 160 23.45 69.84 4.32
C LYS A 160 22.44 70.58 3.39
N SER A 161 21.25 70.01 3.22
CA SER A 161 20.20 70.59 2.36
C SER A 161 18.85 69.99 2.67
N LYS A 162 17.80 70.67 2.23
CA LYS A 162 16.47 70.12 2.36
C LYS A 162 16.34 68.80 1.60
N GLU A 163 16.98 68.69 0.44
CA GLU A 163 16.99 67.45 -0.34
C GLU A 163 17.59 66.30 0.46
N ASP A 164 18.66 66.58 1.19
CA ASP A 164 19.30 65.54 2.03
C ASP A 164 18.31 65.12 3.11
N SER A 165 17.66 66.10 3.77
CA SER A 165 16.71 65.86 4.82
C SER A 165 15.55 64.97 4.31
N ILE A 166 15.08 65.24 3.09
CA ILE A 166 14.03 64.42 2.52
C ILE A 166 14.50 63.01 2.21
N ALA A 167 15.67 62.85 1.59
CA ALA A 167 16.17 61.53 1.21
C ALA A 167 16.38 60.69 2.50
N PHE A 168 16.95 61.34 3.50
CA PHE A 168 17.32 60.66 4.74
C PHE A 168 16.08 60.28 5.48
N SER A 169 15.03 61.11 5.44
CA SER A 169 13.76 60.73 6.04
C SER A 169 13.23 59.45 5.43
N ARG A 170 13.37 59.31 4.11
CA ARG A 170 12.92 58.15 3.35
C ARG A 170 13.77 56.93 3.78
N PHE A 171 15.06 57.19 3.93
CA PHE A 171 16.00 56.16 4.42
C PHE A 171 15.60 55.65 5.80
N LEU A 172 15.18 56.55 6.68
CA LEU A 172 14.78 56.19 8.05
C LEU A 172 13.48 55.43 8.05
N GLU A 173 12.57 55.79 7.17
CA GLU A 173 11.39 54.96 6.98
C GLU A 173 11.73 53.53 6.54
N PHE A 174 12.62 53.40 5.56
CA PHE A 174 13.12 52.10 5.07
C PHE A 174 13.71 51.31 6.25
N THR A 175 14.49 52.00 7.05
CA THR A 175 15.12 51.37 8.26
C THR A 175 14.08 50.87 9.22
N ASP A 176 13.08 51.70 9.50
CA ASP A 176 11.96 51.32 10.34
C ASP A 176 11.25 50.10 9.77
N ASN A 177 11.03 50.08 8.46
CA ASN A 177 10.36 48.97 7.83
C ASN A 177 11.16 47.66 8.05
N GLN A 178 12.48 47.70 7.82
CA GLN A 178 13.31 46.52 8.11
C GLN A 178 13.29 46.12 9.57
N LEU A 179 13.35 47.11 10.45
CA LEU A 179 13.33 46.81 11.90
C LEU A 179 12.03 46.13 12.35
N LYS A 180 10.90 46.67 11.90
CA LYS A 180 9.60 46.09 12.21
C LYS A 180 9.47 44.73 11.61
N GLU A 181 9.97 44.55 10.40
CA GLU A 181 10.03 43.25 9.77
C GLU A 181 10.79 42.22 10.62
N LEU A 182 11.97 42.60 11.09
CA LEU A 182 12.74 41.68 11.94
C LEU A 182 12.04 41.34 13.26
N ALA A 183 11.40 42.33 13.87
CA ALA A 183 10.72 42.17 15.13
C ALA A 183 9.44 41.28 15.02
N THR A 184 8.76 41.38 13.87
CA THR A 184 7.51 40.62 13.64
C THR A 184 7.79 39.26 13.02
N ARG A 185 8.84 39.11 12.21
CA ARG A 185 9.17 37.79 11.69
C ARG A 185 9.78 36.90 12.78
N TYR A 186 10.58 37.50 13.68
CA TYR A 186 11.38 36.70 14.60
C TYR A 186 11.11 37.18 16.03
N PRO A 187 9.91 36.99 16.54
CA PRO A 187 9.53 37.55 17.82
C PRO A 187 10.21 37.04 19.06
N THR A 188 11.05 35.99 18.94
CA THR A 188 11.83 35.52 20.05
C THR A 188 13.12 36.34 20.23
N VAL A 189 13.37 37.25 19.32
CA VAL A 189 14.54 38.16 19.48
C VAL A 189 14.54 38.84 20.85
N LYS A 190 15.73 38.95 21.49
CA LYS A 190 15.82 39.51 22.80
C LYS A 190 16.54 40.85 22.90
N ASP A 191 17.18 41.25 21.80
CA ASP A 191 18.02 42.40 21.83
C ASP A 191 18.22 42.88 20.41
N PHE A 192 18.36 44.23 20.25
CA PHE A 192 18.85 44.80 18.98
C PHE A 192 20.09 45.65 19.28
N TRP A 193 21.16 45.31 18.59
CA TRP A 193 22.49 45.88 18.85
C TRP A 193 22.88 46.64 17.58
N PHE A 194 22.77 47.97 17.68
CA PHE A 194 22.98 48.82 16.51
C PHE A 194 24.44 49.21 16.32
N ASP A 195 24.82 49.34 15.06
CA ASP A 195 26.10 49.84 14.63
C ASP A 195 25.86 50.73 13.40
N GLY A 196 26.90 51.42 12.93
CA GLY A 196 26.75 52.39 11.82
C GLY A 196 25.84 53.55 12.17
N THR A 197 25.94 54.07 13.40
CA THR A 197 25.12 55.14 13.91
C THR A 197 25.90 56.41 14.33
N TRP A 198 27.17 56.48 13.96
CA TRP A 198 28.05 57.59 14.36
C TRP A 198 27.95 58.82 13.47
N ASP A 199 27.39 58.68 12.29
CA ASP A 199 27.43 59.79 11.31
C ASP A 199 26.65 61.01 11.76
N ALA A 200 27.09 62.19 11.25
CA ALA A 200 26.35 63.42 11.52
C ALA A 200 24.87 63.41 11.17
N SER A 201 24.52 62.73 10.11
CA SER A 201 23.08 62.53 9.77
C SER A 201 22.26 61.90 10.89
N VAL A 202 22.81 60.85 11.51
CA VAL A 202 22.13 60.23 12.63
C VAL A 202 22.13 61.09 13.87
N LYS A 203 23.27 61.72 14.17
CA LYS A 203 23.39 62.63 15.30
C LYS A 203 22.41 63.80 15.21
N LYS A 204 22.15 64.24 13.99
CA LYS A 204 21.15 65.31 13.77
C LYS A 204 19.71 64.86 13.89
N ASN A 205 19.50 63.53 13.95
CA ASN A 205 18.19 62.94 14.04
C ASN A 205 18.07 62.06 15.25
N GLY A 206 18.50 62.61 16.39
CA GLY A 206 18.33 61.93 17.67
C GLY A 206 16.94 61.43 17.94
N TRP A 207 15.92 62.24 17.61
CA TRP A 207 14.55 61.85 17.76
C TRP A 207 14.31 60.45 17.15
N TRP A 208 14.94 60.15 16.01
CA TRP A 208 14.67 58.93 15.29
C TRP A 208 15.24 57.73 16.12
N THR A 209 16.40 57.94 16.71
CA THR A 209 17.02 56.88 17.55
C THR A 209 16.09 56.59 18.72
N ALA A 210 15.48 57.60 19.34
CA ALA A 210 14.56 57.38 20.46
C ALA A 210 13.30 56.70 20.00
N HIS A 211 12.85 57.11 18.82
CA HIS A 211 11.65 56.50 18.22
C HIS A 211 11.91 55.00 17.92
N ALA A 212 13.10 54.69 17.43
CA ALA A 212 13.40 53.31 17.03
C ALA A 212 13.40 52.41 18.29
N GLU A 213 13.98 52.91 19.35
CA GLU A 213 14.00 52.23 20.63
C GLU A 213 12.57 51.96 21.11
N GLN A 214 11.71 53.02 21.11
CA GLN A 214 10.33 52.87 21.55
C GLN A 214 9.50 51.91 20.66
N MET A 215 9.69 52.01 19.36
CA MET A 215 9.00 51.20 18.38
C MET A 215 9.28 49.71 18.59
N LEU A 216 10.57 49.41 18.80
CA LEU A 216 10.96 48.01 19.00
C LEU A 216 10.49 47.50 20.35
N LYS A 217 10.52 48.34 21.39
CA LYS A 217 10.05 47.93 22.69
C LYS A 217 8.49 47.65 22.72
N GLU A 218 7.73 48.36 21.88
CA GLU A 218 6.29 48.05 21.76
C GLU A 218 6.02 46.76 21.01
N LEU A 219 6.86 46.44 20.03
CA LEU A 219 6.73 45.22 19.26
C LEU A 219 7.25 43.98 19.95
N VAL A 220 8.30 44.11 20.77
CA VAL A 220 8.91 42.95 21.38
C VAL A 220 9.00 43.21 22.86
N PRO A 221 8.08 42.63 23.63
CA PRO A 221 8.09 42.85 25.07
C PRO A 221 9.43 42.46 25.71
N GLY A 222 9.98 43.35 26.52
CA GLY A 222 11.19 43.07 27.30
C GLY A 222 12.47 43.17 26.45
N VAL A 223 12.37 43.49 25.16
CA VAL A 223 13.59 43.58 24.33
C VAL A 223 14.60 44.59 24.91
N ALA A 224 15.88 44.29 24.71
CA ALA A 224 16.98 45.19 25.07
C ALA A 224 17.49 45.91 23.84
N ILE A 225 17.98 47.13 24.05
CA ILE A 225 18.47 48.02 23.00
C ILE A 225 19.78 48.65 23.41
N ASN A 226 20.79 48.56 22.59
CA ASN A 226 22.16 49.04 23.02
C ASN A 226 22.30 50.58 22.98
N SER A 227 23.22 51.08 23.79
CA SER A 227 23.44 52.51 23.90
C SER A 227 23.93 53.07 22.56
N ARG A 228 24.61 52.29 21.77
CA ARG A 228 25.25 52.77 20.51
C ARG A 228 24.23 53.32 19.54
N LEU A 229 23.00 52.82 19.60
CA LEU A 229 21.94 53.37 18.81
C LEU A 229 21.77 54.87 19.02
N ARG A 230 21.84 55.28 20.27
CA ARG A 230 21.15 56.47 20.71
C ARG A 230 21.95 57.78 20.67
N ALA A 231 21.28 58.83 20.14
CA ALA A 231 21.74 60.21 20.17
C ALA A 231 20.60 61.07 20.72
N ASP A 232 20.96 62.07 21.50
CA ASP A 232 19.94 62.92 22.10
C ASP A 232 19.68 64.14 21.18
N ASP A 233 18.95 65.10 21.74
CA ASP A 233 18.54 66.34 21.03
C ASP A 233 19.73 67.14 20.52
N LYS A 234 20.87 67.06 21.22
CA LYS A 234 22.08 67.79 20.88
C LYS A 234 23.05 66.98 20.07
N GLY A 235 22.69 65.74 19.68
CA GLY A 235 23.59 64.89 18.94
C GLY A 235 24.60 64.06 19.81
N LYS A 236 24.47 64.15 21.14
CA LYS A 236 25.43 63.45 22.06
C LYS A 236 25.01 61.95 22.02
N ARG A 237 25.99 61.07 21.84
CA ARG A 237 25.72 59.61 21.69
C ARG A 237 26.04 58.81 22.98
N HIS A 238 25.30 57.69 23.12
CA HIS A 238 25.42 56.71 24.28
C HIS A 238 24.91 57.25 25.60
N PHE A 239 25.52 58.36 26.07
CA PHE A 239 25.08 59.05 27.24
C PHE A 239 24.61 60.45 26.79
N ASP A 240 23.51 60.86 27.38
CA ASP A 240 22.86 62.11 26.95
C ASP A 240 23.65 63.32 27.51
N SER A 241 23.16 64.50 27.14
CA SER A 241 23.83 65.74 27.48
C SER A 241 23.81 66.01 28.99
N ASN A 242 22.94 65.32 29.72
CA ASN A 242 23.00 65.28 31.19
C ASN A 242 23.77 64.09 31.82
N GLY A 243 24.55 63.38 31.01
CA GLY A 243 25.39 62.26 31.49
C GLY A 243 24.67 60.96 31.76
N ARG A 244 23.42 60.82 31.32
CA ARG A 244 22.60 59.68 31.64
C ARG A 244 22.67 58.67 30.48
N LEU A 245 22.81 57.38 30.81
CA LEU A 245 22.87 56.35 29.76
C LEU A 245 21.56 56.21 29.02
N MET A 246 21.64 56.19 27.68
CA MET A 246 20.49 55.95 26.83
C MET A 246 20.49 54.47 26.39
N GLY A 247 19.32 53.97 26.03
CA GLY A 247 19.19 52.52 25.83
C GLY A 247 19.33 51.78 27.15
N ASP A 248 19.46 50.46 27.05
CA ASP A 248 19.29 49.56 28.24
C ASP A 248 20.62 49.09 28.83
N TYR A 249 21.68 49.29 28.09
CA TYR A 249 23.04 48.90 28.50
C TYR A 249 24.04 49.63 27.63
N GLU A 250 25.23 49.81 28.17
CA GLU A 250 26.32 50.44 27.44
C GLU A 250 27.02 49.43 26.58
N SER A 251 27.15 49.72 25.28
CA SER A 251 27.86 48.86 24.36
C SER A 251 29.11 49.56 23.96
N GLY A 252 30.22 48.95 24.28
CA GLY A 252 31.51 49.61 24.09
C GLY A 252 32.60 48.63 24.43
N TYR A 253 33.79 49.17 24.62
CA TYR A 253 34.91 48.40 25.13
C TYR A 253 35.45 47.36 24.17
N GLU A 254 35.27 47.53 22.84
CA GLU A 254 35.83 46.59 21.91
C GLU A 254 37.36 46.57 21.92
N ARG A 255 37.99 47.72 22.16
CA ARG A 255 39.47 47.87 22.15
C ARG A 255 40.09 47.50 23.48
N ARG A 256 39.44 47.93 24.58
CA ARG A 256 40.00 47.78 25.92
C ARG A 256 38.84 47.76 26.88
N LEU A 257 38.90 46.81 27.80
CA LEU A 257 37.91 46.72 28.86
C LEU A 257 38.05 47.80 29.90
N PRO A 258 36.98 48.10 30.63
CA PRO A 258 37.11 49.05 31.75
C PRO A 258 38.17 48.71 32.76
N ASP A 259 38.94 49.72 33.18
CA ASP A 259 39.98 49.49 34.13
C ASP A 259 39.43 49.06 35.49
N PRO A 260 40.02 47.99 36.08
CA PRO A 260 39.41 47.49 37.31
C PRO A 260 39.58 48.29 38.57
N VAL A 261 40.47 49.29 38.52
CA VAL A 261 40.64 50.25 39.58
C VAL A 261 40.03 51.60 39.25
N LYS A 262 40.23 52.09 38.04
CA LYS A 262 39.81 53.47 37.71
C LYS A 262 38.46 53.64 37.10
N ASP A 263 37.83 52.55 36.61
CA ASP A 263 36.57 52.66 35.86
C ASP A 263 35.39 51.97 36.59
N LEU A 264 35.39 51.97 37.92
CA LEU A 264 34.31 51.36 38.69
C LEU A 264 32.94 51.98 38.47
N LYS A 265 32.90 53.17 37.87
CA LYS A 265 31.63 53.77 37.44
C LYS A 265 30.74 52.85 36.60
N VAL A 266 31.34 51.95 35.80
CA VAL A 266 30.57 51.03 34.97
C VAL A 266 29.72 50.03 35.74
N THR A 267 30.04 49.79 37.01
CA THR A 267 29.23 48.91 37.83
C THR A 267 27.85 49.50 38.15
N GLN A 268 27.68 50.78 37.79
CA GLN A 268 26.37 51.44 37.97
C GLN A 268 25.32 51.17 36.91
N TRP A 269 25.73 50.58 35.78
CA TRP A 269 24.83 50.28 34.72
C TRP A 269 25.14 48.96 34.07
N ASP A 270 24.16 48.42 33.34
CA ASP A 270 24.42 47.22 32.54
C ASP A 270 25.31 47.60 31.38
N TRP A 271 26.16 46.68 30.99
CA TRP A 271 27.09 46.87 29.87
C TRP A 271 27.58 45.57 29.29
N GLU A 272 28.08 45.63 28.05
CA GLU A 272 28.52 44.45 27.32
C GLU A 272 29.69 44.82 26.44
N ALA A 273 30.77 44.05 26.53
CA ALA A 273 31.92 44.17 25.67
C ALA A 273 31.87 43.08 24.62
N CYS A 274 32.23 43.40 23.38
CA CYS A 274 32.30 42.44 22.33
C CYS A 274 33.75 42.41 21.85
N MET A 275 34.28 41.22 21.53
CA MET A 275 35.72 41.06 21.33
C MET A 275 36.00 40.20 20.09
N THR A 276 37.02 40.57 19.30
CA THR A 276 37.53 39.74 18.26
C THR A 276 38.64 38.84 18.75
N ILE A 277 38.87 37.75 18.06
CA ILE A 277 39.95 36.83 18.39
C ILE A 277 41.31 37.38 17.88
N PRO A 278 41.39 37.74 16.57
CA PRO A 278 42.51 38.60 16.14
C PRO A 278 42.35 40.01 16.62
N GLU A 279 43.32 40.87 16.33
CA GLU A 279 43.21 42.24 16.77
C GLU A 279 41.97 43.00 16.32
N ASN A 280 41.64 42.96 15.01
CA ASN A 280 40.48 43.68 14.53
C ASN A 280 39.95 43.03 13.24
N GLN A 281 39.47 41.82 13.34
CA GLN A 281 38.79 41.14 12.20
C GLN A 281 37.47 40.60 12.76
N TRP A 282 36.36 41.13 12.26
CA TRP A 282 35.03 40.63 12.68
C TRP A 282 34.47 39.61 11.68
N GLY A 283 34.41 40.05 10.42
CA GLY A 283 34.12 39.11 9.32
C GLY A 283 35.30 38.21 9.01
N TYR A 284 35.05 37.10 8.31
CA TYR A 284 36.06 36.22 7.85
C TYR A 284 37.20 36.89 7.06
N HIS A 285 38.41 36.75 7.60
CA HIS A 285 39.68 37.14 6.89
C HIS A 285 40.51 35.92 6.64
N LYS A 286 40.97 35.74 5.38
CA LYS A 286 41.65 34.54 5.05
C LYS A 286 43.06 34.36 5.66
N ASP A 287 43.65 35.43 6.14
CA ASP A 287 45.03 35.36 6.64
C ASP A 287 45.18 35.96 8.07
N TRP A 288 45.07 35.07 9.05
CA TRP A 288 45.17 35.50 10.44
C TRP A 288 46.60 35.68 10.91
N SER A 289 47.57 35.40 10.07
CA SER A 289 48.94 35.77 10.43
C SER A 289 49.24 37.28 10.41
N LEU A 290 48.33 38.12 9.93
CA LEU A 290 48.56 39.54 9.81
C LEU A 290 48.51 40.37 11.10
N SER A 291 47.89 39.79 12.15
CA SER A 291 47.81 40.47 13.44
C SER A 291 47.84 39.44 14.52
N TYR A 292 48.00 39.93 15.77
CA TYR A 292 48.03 39.05 16.95
C TYR A 292 46.67 38.31 17.15
N VAL A 293 46.76 37.03 17.38
CA VAL A 293 45.60 36.13 17.61
C VAL A 293 45.63 35.69 19.10
N LYS A 294 44.58 36.05 19.80
CA LYS A 294 44.49 35.78 21.23
C LYS A 294 44.42 34.25 21.51
N THR A 295 45.08 33.81 22.60
CA THR A 295 44.96 32.47 23.05
C THR A 295 43.67 32.27 23.92
N PRO A 296 43.28 31.01 24.15
CA PRO A 296 42.06 30.79 24.98
C PRO A 296 42.13 31.39 26.36
N ILE A 297 43.29 31.32 27.01
CA ILE A 297 43.39 31.91 28.35
C ILE A 297 43.27 33.42 28.30
N GLU A 298 43.82 34.04 27.24
CA GLU A 298 43.65 35.46 27.11
C GLU A 298 42.19 35.86 26.96
N VAL A 299 41.40 35.04 26.26
CA VAL A 299 39.96 35.31 26.06
C VAL A 299 39.20 35.05 27.38
N ILE A 300 39.54 33.95 28.01
CA ILE A 300 38.92 33.63 29.33
C ILE A 300 39.17 34.76 30.33
N ASP A 301 40.38 35.27 30.36
CA ASP A 301 40.67 36.44 31.18
C ASP A 301 39.73 37.59 30.92
N ARG A 302 39.55 37.94 29.65
CA ARG A 302 38.58 39.00 29.31
C ARG A 302 37.14 38.74 29.76
N ILE A 303 36.69 37.50 29.55
CA ILE A 303 35.34 37.14 29.99
C ILE A 303 35.14 37.35 31.52
N VAL A 304 36.09 36.82 32.31
CA VAL A 304 36.02 36.99 33.78
C VAL A 304 36.14 38.43 34.19
N HIS A 305 37.06 39.17 33.54
CA HIS A 305 37.20 40.61 33.79
C HIS A 305 35.89 41.33 33.62
N ALA A 306 35.19 41.12 32.50
CA ALA A 306 33.90 41.75 32.27
C ALA A 306 32.93 41.45 33.43
N VAL A 307 32.74 40.20 33.69
CA VAL A 307 31.77 39.82 34.79
C VAL A 307 32.11 40.40 36.16
N SER A 308 33.42 40.44 36.45
CA SER A 308 33.91 41.03 37.70
C SER A 308 33.57 42.49 37.83
N MET A 309 33.28 43.15 36.70
CA MET A 309 32.89 44.57 36.74
C MET A 309 31.46 44.75 36.35
N GLY A 310 30.63 43.70 36.44
CA GLY A 310 29.24 43.84 36.20
C GLY A 310 28.80 43.89 34.74
N GLY A 311 29.61 43.32 33.88
CA GLY A 311 29.33 43.36 32.46
C GLY A 311 29.30 41.99 31.79
N ASN A 312 28.74 41.96 30.58
CA ASN A 312 28.68 40.78 29.74
C ASN A 312 29.91 40.78 28.80
N MET A 313 30.24 39.60 28.26
CA MET A 313 31.31 39.50 27.24
C MET A 313 30.87 38.61 26.13
N VAL A 314 31.16 39.04 24.89
CA VAL A 314 30.74 38.34 23.68
C VAL A 314 31.96 38.08 22.82
N VAL A 315 32.18 36.84 22.50
CA VAL A 315 33.34 36.42 21.67
C VAL A 315 32.89 36.28 20.22
N ASN A 316 33.56 36.98 19.29
CA ASN A 316 33.22 36.97 17.90
C ASN A 316 33.75 35.84 17.08
N PHE A 317 32.91 35.39 16.13
CA PHE A 317 33.24 34.41 15.11
C PHE A 317 32.87 35.01 13.74
N GLY A 318 33.69 34.73 12.74
CA GLY A 318 33.50 35.18 11.38
C GLY A 318 33.50 33.94 10.47
N PRO A 319 32.31 33.28 10.35
CA PRO A 319 32.26 32.03 9.55
C PRO A 319 32.79 32.18 8.10
N GLN A 320 33.34 31.10 7.60
CA GLN A 320 33.79 30.94 6.20
C GLN A 320 32.62 31.09 5.21
N ALA A 321 32.96 31.42 3.97
CA ALA A 321 31.94 31.59 2.98
C ALA A 321 31.15 30.30 2.76
N ASP A 322 31.78 29.15 3.00
CA ASP A 322 31.12 27.86 2.81
C ASP A 322 30.12 27.53 3.87
N GLY A 323 30.04 28.30 4.96
CA GLY A 323 29.13 27.99 6.03
C GLY A 323 29.68 27.17 7.19
N ASP A 324 30.95 26.84 7.17
CA ASP A 324 31.64 26.24 8.28
C ASP A 324 32.55 27.28 9.01
N PHE A 325 33.07 26.87 10.14
CA PHE A 325 34.01 27.69 10.91
C PHE A 325 35.44 27.21 10.74
N ARG A 326 36.34 28.16 10.68
CA ARG A 326 37.76 27.88 10.59
C ARG A 326 38.26 27.12 11.80
N PRO A 327 39.39 26.42 11.64
CA PRO A 327 39.82 25.59 12.74
C PRO A 327 40.23 26.31 14.02
N GLU A 328 40.78 27.51 13.87
CA GLU A 328 41.18 28.33 15.03
C GLU A 328 39.96 28.66 15.91
N GLU A 329 38.82 28.92 15.24
CA GLU A 329 37.55 29.26 15.95
C GLU A 329 36.94 28.02 16.60
N LYS A 330 37.01 26.85 15.90
CA LYS A 330 36.55 25.63 16.56
C LYS A 330 37.39 25.32 17.80
N ALA A 331 38.72 25.48 17.70
CA ALA A 331 39.60 25.28 18.85
C ALA A 331 39.30 26.20 20.03
N MET A 332 39.05 27.47 19.72
CA MET A 332 38.71 28.46 20.74
C MET A 332 37.42 28.10 21.47
N ALA A 333 36.39 27.78 20.71
CA ALA A 333 35.09 27.46 21.30
C ALA A 333 35.20 26.26 22.21
N THR A 334 35.93 25.24 21.75
CA THR A 334 36.11 24.02 22.55
C THR A 334 36.86 24.29 23.84
N ALA A 335 37.94 25.11 23.74
CA ALA A 335 38.75 25.46 24.90
C ALA A 335 37.97 26.27 25.92
N ILE A 336 37.24 27.27 25.45
CA ILE A 336 36.38 28.03 26.35
C ILE A 336 35.32 27.15 27.05
N GLY A 337 34.72 26.28 26.26
CA GLY A 337 33.69 25.36 26.79
C GLY A 337 34.18 24.44 27.89
N LYS A 338 35.41 23.95 27.72
CA LYS A 338 36.03 23.12 28.76
C LYS A 338 36.22 23.83 30.04
N TRP A 339 36.74 25.06 29.95
CA TRP A 339 36.96 25.82 31.16
C TRP A 339 35.63 26.25 31.83
N MET A 340 34.65 26.67 31.01
CA MET A 340 33.35 27.08 31.47
C MET A 340 32.60 25.94 32.15
N ASN A 341 32.83 24.73 31.65
CA ASN A 341 32.15 23.56 32.22
C ASN A 341 32.68 23.32 33.62
N ARG A 342 33.95 23.60 33.85
CA ARG A 342 34.52 23.42 35.17
C ARG A 342 34.31 24.58 36.14
N TYR A 343 34.37 25.82 35.60
CA TYR A 343 34.48 27.01 36.46
C TYR A 343 33.35 28.01 36.29
N GLY A 344 32.39 27.64 35.45
CA GLY A 344 31.26 28.56 35.09
C GLY A 344 30.37 29.05 36.17
N LYS A 345 30.37 28.40 37.34
CA LYS A 345 29.60 28.92 38.47
C LYS A 345 30.09 30.30 38.91
N ALA A 346 31.36 30.64 38.59
CA ALA A 346 31.94 31.97 38.90
C ALA A 346 31.68 33.02 37.76
N VAL A 347 31.01 32.62 36.69
CA VAL A 347 30.69 33.48 35.57
C VAL A 347 29.18 33.72 35.47
N TYR A 348 28.46 32.64 35.16
CA TYR A 348 27.00 32.77 34.95
C TYR A 348 26.26 33.31 36.12
N ALA A 349 25.40 34.32 35.87
CA ALA A 349 24.64 35.01 36.89
C ALA A 349 25.48 35.60 37.98
N CYS A 350 26.73 35.97 37.71
CA CYS A 350 27.60 36.64 38.68
C CYS A 350 27.70 38.11 38.37
N ASP A 351 28.33 38.84 39.28
CA ASP A 351 28.37 40.29 39.22
C ASP A 351 29.54 40.84 40.03
N TYR A 352 29.66 42.15 40.02
CA TYR A 352 30.66 42.87 40.78
C TYR A 352 30.56 42.56 42.26
N ALA A 353 31.68 42.29 42.90
CA ALA A 353 31.72 41.93 44.32
C ALA A 353 31.96 43.04 45.27
N GLY A 354 32.40 44.20 44.83
CA GLY A 354 32.70 45.30 45.69
C GLY A 354 33.95 45.24 46.52
N PHE A 355 34.91 44.38 46.14
CA PHE A 355 36.16 44.25 46.81
C PHE A 355 37.24 44.98 45.98
N GLU A 356 38.27 45.45 46.66
CA GLU A 356 39.41 46.12 46.01
C GLU A 356 40.11 45.07 45.16
N LYS A 357 40.46 45.48 43.90
CA LYS A 357 41.13 44.57 43.01
C LYS A 357 42.47 44.12 43.57
N GLN A 358 42.81 42.84 43.40
CA GLN A 358 44.09 42.27 43.70
C GLN A 358 44.79 41.70 42.45
N ASP A 359 46.12 41.51 42.55
CA ASP A 359 46.92 41.13 41.39
C ASP A 359 46.74 39.72 40.90
N TRP A 360 46.24 38.82 41.75
CA TRP A 360 46.13 37.43 41.36
C TRP A 360 45.02 37.16 40.35
N GLY A 361 44.09 38.06 40.14
CA GLY A 361 42.94 37.83 39.31
C GLY A 361 41.77 38.66 39.74
N TYR A 362 40.57 38.05 39.63
CA TYR A 362 39.33 38.82 39.76
C TYR A 362 38.40 38.21 40.80
N TYR A 363 37.63 39.07 41.45
CA TYR A 363 36.46 38.53 42.23
C TYR A 363 35.23 38.52 41.40
N THR A 364 34.33 37.54 41.62
CA THR A 364 32.96 37.69 41.18
C THR A 364 32.00 37.26 42.35
N ARG A 365 30.78 37.78 42.26
CA ARG A 365 29.76 37.56 43.35
C ARG A 365 28.59 36.80 42.75
N GLY A 366 28.25 35.67 43.39
CA GLY A 366 27.11 34.87 42.97
C GLY A 366 25.80 35.37 43.55
N LYS A 367 24.71 34.72 43.12
CA LYS A 367 23.37 35.20 43.48
C LYS A 367 23.04 34.96 44.94
N ASN A 368 23.76 34.06 45.57
CA ASN A 368 23.59 33.77 47.03
C ASN A 368 24.74 34.33 47.85
N ASP A 369 25.41 35.37 47.35
CA ASP A 369 26.54 36.04 48.02
C ASP A 369 27.82 35.24 48.19
N GLU A 370 27.96 34.20 47.37
CA GLU A 370 29.23 33.51 47.16
C GLU A 370 30.20 34.58 46.62
N VAL A 371 31.44 34.60 47.10
CA VAL A 371 32.48 35.42 46.48
C VAL A 371 33.51 34.49 45.92
N TYR A 372 33.70 34.54 44.59
CA TYR A 372 34.59 33.70 43.92
C TYR A 372 35.87 34.48 43.63
N MET A 373 36.99 33.84 43.93
CA MET A 373 38.36 34.34 43.50
C MET A 373 38.74 33.57 42.29
N VAL A 374 38.90 34.26 41.14
CA VAL A 374 39.34 33.58 39.95
C VAL A 374 40.80 33.99 39.69
N VAL A 375 41.66 33.03 39.87
CA VAL A 375 43.10 33.24 39.94
C VAL A 375 43.68 32.98 38.57
N PHE A 376 44.28 34.02 37.94
CA PHE A 376 45.02 34.00 36.69
C PHE A 376 46.54 34.17 36.84
N ASN A 377 47.00 34.72 37.96
CA ASN A 377 48.42 34.99 38.17
C ASN A 377 48.82 34.43 39.55
N GLN A 378 49.56 33.32 39.53
CA GLN A 378 49.79 32.52 40.73
C GLN A 378 50.98 33.12 41.51
N PRO A 379 50.75 33.58 42.75
CA PRO A 379 51.85 34.19 43.51
C PRO A 379 52.90 33.24 43.97
N TYR A 380 54.15 33.63 43.78
CA TYR A 380 55.26 32.88 44.34
C TYR A 380 55.17 32.85 45.88
N SER A 381 54.58 33.86 46.50
CA SER A 381 54.40 33.86 47.93
C SER A 381 53.54 32.72 48.43
N GLU A 382 52.78 32.08 47.57
CA GLU A 382 51.79 31.05 47.94
C GLU A 382 50.60 31.54 48.71
N ARG A 383 50.42 32.86 48.70
CA ARG A 383 49.40 33.56 49.46
C ARG A 383 48.66 34.48 48.51
N LEU A 384 47.34 34.44 48.58
CA LEU A 384 46.46 35.30 47.79
C LEU A 384 45.87 36.35 48.70
N ILE A 385 46.23 37.64 48.48
CA ILE A 385 45.78 38.71 49.37
C ILE A 385 44.33 39.02 49.14
N VAL A 386 43.57 39.04 50.23
CA VAL A 386 42.15 39.41 50.15
C VAL A 386 41.90 40.53 51.10
N LYS A 387 41.61 41.74 50.62
CA LYS A 387 41.23 42.90 51.45
C LYS A 387 39.71 43.06 51.38
N THR A 388 39.07 42.95 52.53
CA THR A 388 37.63 43.01 52.57
C THR A 388 37.12 44.44 52.81
N PRO A 389 35.92 44.73 52.32
CA PRO A 389 35.27 45.97 52.68
C PRO A 389 34.91 46.02 54.19
N LYS A 390 34.70 47.22 54.70
CA LYS A 390 34.36 47.44 56.13
C LYS A 390 33.17 46.58 56.45
N GLY A 391 33.25 45.89 57.58
CA GLY A 391 32.18 45.02 58.06
C GLY A 391 32.08 43.63 57.48
N ILE A 392 32.92 43.29 56.50
CA ILE A 392 32.90 41.99 55.92
C ILE A 392 34.07 41.15 56.38
N THR A 393 33.80 39.91 56.76
CA THR A 393 34.84 38.94 57.13
C THR A 393 34.78 37.75 56.26
N VAL A 394 35.92 37.07 56.10
CA VAL A 394 36.01 35.83 55.38
C VAL A 394 35.96 34.68 56.38
N GLU A 395 34.96 33.82 56.20
CA GLU A 395 34.70 32.70 57.16
C GLU A 395 35.23 31.39 56.72
N LYS A 396 35.36 31.17 55.39
CA LYS A 396 35.87 29.94 54.88
C LYS A 396 36.34 30.15 53.40
N ALA A 397 37.27 29.34 52.97
CA ALA A 397 37.68 29.26 51.57
C ALA A 397 37.69 27.80 51.18
N THR A 398 37.25 27.53 49.94
CA THR A 398 37.09 26.20 49.38
C THR A 398 37.50 26.16 47.91
N LEU A 399 38.30 25.19 47.53
CA LEU A 399 38.61 25.02 46.09
C LEU A 399 37.37 24.57 45.38
N LEU A 400 36.93 25.33 44.37
CA LEU A 400 35.64 25.02 43.76
C LEU A 400 35.57 23.59 43.21
N THR A 401 36.57 23.14 42.51
CA THR A 401 36.52 21.88 41.80
C THR A 401 36.45 20.67 42.73
N THR A 402 37.10 20.72 43.89
CA THR A 402 37.25 19.52 44.72
C THR A 402 36.51 19.61 46.02
N GLY A 403 36.13 20.82 46.45
CA GLY A 403 35.60 21.07 47.76
C GLY A 403 36.63 21.11 48.90
N GLU A 404 37.92 21.04 48.59
CA GLU A 404 38.94 21.01 49.63
C GLU A 404 39.02 22.32 50.35
N ASP A 405 39.22 22.24 51.64
CA ASP A 405 39.29 23.44 52.43
C ASP A 405 40.63 24.10 52.24
N ILE A 406 40.58 25.43 52.18
CA ILE A 406 41.78 26.25 51.93
C ILE A 406 42.05 27.14 53.14
N THR A 407 43.30 27.18 53.63
CA THR A 407 43.65 27.95 54.81
C THR A 407 43.51 29.47 54.59
N VAL A 408 42.89 30.13 55.54
CA VAL A 408 42.73 31.56 55.59
C VAL A 408 43.37 32.14 56.83
N VAL A 409 44.28 33.07 56.66
CA VAL A 409 45.00 33.68 57.78
C VAL A 409 44.74 35.16 57.80
N GLU A 410 44.25 35.72 58.91
CA GLU A 410 44.10 37.14 59.02
C GLU A 410 45.45 37.80 59.24
N THR A 411 45.80 38.79 58.41
CA THR A 411 47.09 39.45 58.51
C THR A 411 47.03 40.83 59.16
N THR A 412 45.92 41.50 59.00
CA THR A 412 45.62 42.75 59.70
C THR A 412 44.11 42.96 59.57
N ARG A 413 43.60 43.99 60.20
CA ARG A 413 42.19 44.26 60.11
C ARG A 413 41.75 44.33 58.63
N ASN A 414 40.72 43.60 58.31
CA ASN A 414 40.15 43.53 56.97
C ASN A 414 41.14 43.05 55.90
N GLU A 415 42.16 42.30 56.29
CA GLU A 415 42.99 41.71 55.26
C GLU A 415 43.38 40.29 55.64
N TYR A 416 43.40 39.42 54.65
CA TYR A 416 43.70 38.04 54.80
C TYR A 416 44.69 37.55 53.80
N ASN A 417 45.44 36.51 54.11
CA ASN A 417 46.11 35.69 53.14
C ASN A 417 45.30 34.39 52.93
N VAL A 418 44.82 34.17 51.73
CA VAL A 418 44.18 32.92 51.37
C VAL A 418 45.25 32.07 50.79
N SER A 419 45.50 30.84 51.30
CA SER A 419 46.51 30.03 50.71
C SER A 419 46.15 29.60 49.30
N VAL A 420 47.17 29.42 48.46
CA VAL A 420 46.97 28.69 47.22
C VAL A 420 46.71 27.21 47.51
N PRO A 421 46.07 26.52 46.58
CA PRO A 421 45.81 25.08 46.82
C PRO A 421 47.07 24.28 47.02
N LYS A 422 46.94 23.17 47.77
CA LYS A 422 48.09 22.29 47.95
C LYS A 422 48.76 21.88 46.63
N LYS A 423 47.98 21.54 45.62
CA LYS A 423 48.50 21.19 44.30
C LYS A 423 48.16 22.31 43.33
N ASN A 424 49.17 22.76 42.59
CA ASN A 424 48.92 23.83 41.61
C ASN A 424 47.90 23.33 40.61
N PRO A 425 46.76 24.05 40.44
CA PRO A 425 45.79 23.62 39.44
C PRO A 425 46.25 23.60 37.97
N GLY A 426 47.27 24.34 37.67
CA GLY A 426 47.86 24.37 36.31
C GLY A 426 47.09 25.08 35.25
N GLU A 427 46.09 25.85 35.66
CA GLU A 427 45.22 26.60 34.75
C GLU A 427 44.55 27.69 35.65
N PRO A 428 43.87 28.68 35.07
CA PRO A 428 43.11 29.65 35.91
C PRO A 428 42.06 28.92 36.68
N TYR A 429 41.98 29.22 37.95
CA TYR A 429 41.14 28.41 38.86
C TYR A 429 40.33 29.23 39.81
N VAL A 430 39.38 28.58 40.56
CA VAL A 430 38.52 29.27 41.41
C VAL A 430 38.57 28.82 42.88
N ILE A 431 38.64 29.78 43.76
CA ILE A 431 38.44 29.53 45.22
C ILE A 431 37.18 30.22 45.56
N GLN A 432 36.23 29.50 46.22
CA GLN A 432 35.04 30.13 46.68
C GLN A 432 35.08 30.52 48.15
N LEU A 433 34.76 31.77 48.43
CA LEU A 433 34.79 32.34 49.79
C LEU A 433 33.36 32.33 50.34
N LYS A 434 33.25 32.03 51.67
CA LYS A 434 32.07 32.34 52.40
C LYS A 434 32.40 33.57 53.18
N VAL A 435 31.60 34.61 53.01
CA VAL A 435 31.75 35.88 53.70
C VAL A 435 30.55 36.19 54.61
N ARG A 436 30.78 37.03 55.60
CA ARG A 436 29.76 37.47 56.53
C ARG A 436 29.82 38.97 56.66
N ALA A 437 28.65 39.60 56.64
CA ALA A 437 28.55 41.05 56.80
C ALA A 437 28.04 41.38 58.21
N ALA A 438 28.75 42.19 58.94
CA ALA A 438 28.32 42.52 60.31
C ALA A 438 26.98 43.32 60.26
N LYS A 439 26.10 43.10 61.25
CA LYS A 439 24.85 43.89 61.47
C LYS A 439 24.94 45.39 61.16
N GLU B 1 -23.01 48.30 -9.23
CA GLU B 1 -22.31 47.50 -8.17
C GLU B 1 -21.97 48.20 -6.82
N ILE B 2 -21.84 47.35 -5.80
CA ILE B 2 -21.70 47.81 -4.41
C ILE B 2 -20.25 48.18 -4.09
N PRO B 3 -19.99 49.36 -3.55
CA PRO B 3 -18.62 49.72 -3.24
C PRO B 3 -18.14 48.83 -2.05
N LEU B 4 -16.96 48.24 -2.21
CA LEU B 4 -16.33 47.41 -1.20
C LEU B 4 -14.92 47.70 -1.04
N LYS B 5 -14.41 47.72 0.20
CA LYS B 5 -12.98 47.74 0.40
C LYS B 5 -12.38 46.38 0.56
N TYR B 6 -13.19 45.42 0.97
CA TYR B 6 -12.63 44.10 1.41
C TYR B 6 -13.16 42.94 0.58
N GLY B 7 -13.59 43.23 -0.64
CA GLY B 7 -14.10 42.20 -1.53
C GLY B 7 -12.97 41.60 -2.37
N ALA B 8 -13.33 41.10 -3.53
CA ALA B 8 -12.37 40.33 -4.37
C ALA B 8 -11.16 41.13 -4.79
N THR B 9 -10.04 40.42 -4.83
CA THR B 9 -8.75 40.95 -5.24
C THR B 9 -8.31 40.45 -6.63
N ASN B 10 -8.54 39.18 -6.95
CA ASN B 10 -8.19 38.61 -8.27
C ASN B 10 -9.36 38.92 -9.22
N GLU B 11 -9.04 39.27 -10.48
CA GLU B 11 -9.97 39.35 -11.57
C GLU B 11 -9.63 38.08 -12.40
N GLY B 12 -10.46 37.05 -12.39
CA GLY B 12 -10.13 35.81 -13.06
C GLY B 12 -9.07 34.95 -12.37
N LYS B 13 -8.66 33.88 -13.03
CA LYS B 13 -7.72 32.92 -12.46
C LYS B 13 -6.35 33.51 -12.37
N ARG B 14 -5.67 33.29 -11.24
CA ARG B 14 -4.23 33.49 -11.21
C ARG B 14 -3.52 32.58 -12.19
N GLN B 15 -2.56 33.15 -12.94
CA GLN B 15 -1.75 32.34 -13.81
C GLN B 15 -0.24 32.42 -13.60
N ASP B 16 0.16 32.94 -12.46
CA ASP B 16 1.52 32.81 -12.05
C ASP B 16 1.92 31.38 -11.83
N PRO B 17 3.24 31.04 -11.85
CA PRO B 17 3.68 29.68 -11.72
C PRO B 17 3.26 28.95 -10.42
N ALA B 18 3.16 29.67 -9.31
CA ALA B 18 2.76 29.00 -8.02
C ALA B 18 1.33 28.55 -8.14
N MET B 19 0.46 29.39 -8.70
CA MET B 19 -0.97 28.92 -8.88
C MET B 19 -1.06 27.82 -9.87
N GLN B 20 -0.29 27.89 -10.98
CA GLN B 20 -0.29 26.83 -11.91
C GLN B 20 0.13 25.56 -11.31
N LYS B 21 1.07 25.56 -10.37
CA LYS B 21 1.49 24.37 -9.66
C LYS B 21 0.38 23.83 -8.76
N PHE B 22 -0.23 24.74 -8.02
CA PHE B 22 -1.38 24.37 -7.12
C PHE B 22 -2.43 23.63 -7.92
N ARG B 23 -2.75 24.13 -9.12
CA ARG B 23 -3.78 23.58 -9.99
C ARG B 23 -3.27 22.25 -10.59
N ASP B 24 -2.10 22.23 -11.21
CA ASP B 24 -1.62 21.09 -11.90
C ASP B 24 -1.43 19.88 -11.00
N ASN B 25 -1.11 20.11 -9.71
CA ASN B 25 -1.00 19.01 -8.77
C ASN B 25 -2.26 18.12 -8.80
N ARG B 26 -3.44 18.78 -8.81
CA ARG B 26 -4.77 18.18 -8.93
C ARG B 26 -5.19 17.25 -7.76
N LEU B 27 -4.37 16.26 -7.40
CA LEU B 27 -4.75 15.29 -6.37
C LEU B 27 -3.93 15.52 -5.13
N GLY B 28 -4.66 15.72 -4.04
CA GLY B 28 -4.08 15.90 -2.73
C GLY B 28 -4.59 14.92 -1.68
N ALA B 29 -3.88 14.86 -0.56
CA ALA B 29 -4.33 14.19 0.70
C ALA B 29 -4.60 15.26 1.75
N PHE B 30 -5.56 14.96 2.67
CA PHE B 30 -5.78 15.76 3.85
C PHE B 30 -5.39 14.91 5.06
N ILE B 31 -4.72 15.54 6.01
CA ILE B 31 -4.43 14.94 7.36
C ILE B 31 -5.20 15.73 8.38
N HIS B 32 -6.15 15.07 9.05
CA HIS B 32 -6.80 15.59 10.26
C HIS B 32 -6.17 14.81 11.42
N TRP B 33 -5.29 15.46 12.17
CA TRP B 33 -4.66 14.80 13.36
C TRP B 33 -4.61 15.79 14.48
N GLY B 34 -5.10 15.35 15.66
CA GLY B 34 -5.16 16.21 16.81
C GLY B 34 -5.59 15.36 18.01
N LEU B 35 -5.94 16.05 19.10
CA LEU B 35 -6.25 15.31 20.36
C LEU B 35 -7.44 14.37 20.26
N TYR B 36 -8.38 14.72 19.41
CA TYR B 36 -9.53 13.89 19.05
C TYR B 36 -9.20 12.46 18.63
N ALA B 37 -7.99 12.21 18.13
CA ALA B 37 -7.62 10.87 17.72
C ALA B 37 -7.53 9.91 18.93
N ILE B 38 -7.28 10.50 20.09
CA ILE B 38 -7.14 9.68 21.34
C ILE B 38 -8.48 9.01 21.71
N PRO B 39 -9.56 9.78 21.95
CA PRO B 39 -10.87 9.15 22.23
C PRO B 39 -11.50 8.49 21.04
N GLY B 40 -11.17 9.01 19.83
CA GLY B 40 -11.69 8.31 18.65
C GLY B 40 -13.20 8.21 18.52
N GLY B 41 -13.92 9.26 18.92
CA GLY B 41 -15.35 9.33 18.79
C GLY B 41 -16.13 8.80 20.01
N GLU B 42 -15.37 8.33 20.98
CA GLU B 42 -16.01 7.74 22.23
C GLU B 42 -15.62 8.55 23.47
N TRP B 43 -16.61 8.87 24.29
CA TRP B 43 -16.33 9.57 25.55
C TRP B 43 -17.15 8.91 26.66
N ASN B 44 -16.40 8.46 27.67
CA ASN B 44 -17.06 7.88 28.87
C ASN B 44 -18.00 6.74 28.45
N GLY B 45 -17.52 5.83 27.61
CA GLY B 45 -18.25 4.66 27.16
C GLY B 45 -19.31 4.81 26.13
N LYS B 46 -19.58 6.03 25.67
CA LYS B 46 -20.55 6.21 24.62
C LYS B 46 -19.82 6.58 23.30
N VAL B 47 -20.15 5.86 22.27
CA VAL B 47 -19.65 6.17 20.89
C VAL B 47 -20.65 7.15 20.23
N TYR B 48 -20.18 8.34 19.81
CA TYR B 48 -20.98 9.32 19.18
C TYR B 48 -20.83 9.20 17.68
N GLY B 49 -21.95 9.32 16.96
CA GLY B 49 -21.94 9.13 15.51
C GLY B 49 -21.47 10.35 14.73
N GLY B 50 -21.51 11.50 15.34
CA GLY B 50 -21.01 12.73 14.71
C GLY B 50 -19.53 12.66 14.43
N ALA B 51 -19.04 13.63 13.61
CA ALA B 51 -17.65 13.67 13.28
C ALA B 51 -16.75 13.64 14.52
N ALA B 52 -15.79 12.71 14.53
CA ALA B 52 -14.90 12.53 15.71
C ALA B 52 -14.15 13.77 16.13
N GLU B 53 -13.73 14.65 15.16
CA GLU B 53 -12.98 15.81 15.55
C GLU B 53 -13.84 16.84 16.29
N TRP B 54 -15.18 16.64 16.26
CA TRP B 54 -16.15 17.46 17.01
C TRP B 54 -16.62 16.83 18.33
N LEU B 55 -15.93 15.78 18.77
CA LEU B 55 -16.39 15.06 19.99
C LEU B 55 -16.46 16.04 21.17
N LYS B 56 -15.55 17.01 21.25
CA LYS B 56 -15.58 17.96 22.40
C LYS B 56 -16.98 18.58 22.51
N SER B 57 -17.58 18.85 21.35
CA SER B 57 -18.91 19.41 21.25
C SER B 57 -20.04 18.40 21.50
N TRP B 58 -19.99 17.22 20.88
CA TRP B 58 -21.04 16.19 21.03
C TRP B 58 -21.17 15.74 22.50
N ALA B 59 -20.04 15.58 23.14
CA ALA B 59 -19.97 15.00 24.53
C ALA B 59 -19.96 16.13 25.55
N LYS B 60 -20.06 17.41 25.12
CA LYS B 60 -20.11 18.55 26.03
C LYS B 60 -18.93 18.59 27.02
N VAL B 61 -17.71 18.34 26.53
CA VAL B 61 -16.52 18.31 27.36
C VAL B 61 -15.97 19.73 27.54
N PRO B 62 -15.75 20.18 28.80
CA PRO B 62 -15.19 21.52 28.94
C PRO B 62 -13.77 21.60 28.39
N ALA B 63 -13.34 22.79 28.01
CA ALA B 63 -11.99 22.97 27.48
C ALA B 63 -10.89 22.42 28.35
N ASP B 64 -10.92 22.68 29.66
CA ASP B 64 -9.82 22.27 30.52
C ASP B 64 -9.73 20.78 30.48
N GLU B 65 -10.85 20.08 30.52
CA GLU B 65 -10.81 18.64 30.54
C GLU B 65 -10.42 18.04 29.18
N TRP B 66 -10.95 18.62 28.11
CA TRP B 66 -10.57 18.17 26.75
C TRP B 66 -9.08 18.29 26.51
N LEU B 67 -8.52 19.44 26.87
CA LEU B 67 -7.12 19.70 26.65
C LEU B 67 -6.16 18.84 27.49
N LYS B 68 -6.66 18.24 28.61
CA LYS B 68 -5.89 17.24 29.35
C LYS B 68 -5.62 15.95 28.59
N LEU B 69 -6.26 15.78 27.40
CA LEU B 69 -5.75 14.76 26.48
C LEU B 69 -4.32 14.91 26.04
N MET B 70 -3.73 16.10 26.16
CA MET B 70 -2.32 16.35 25.90
C MET B 70 -1.42 15.39 26.68
N ASP B 71 -1.86 15.10 27.91
CA ASP B 71 -1.13 14.18 28.76
C ASP B 71 -1.03 12.78 28.21
N GLN B 72 -1.91 12.43 27.26
CA GLN B 72 -1.89 11.14 26.59
C GLN B 72 -1.36 11.18 25.17
N TRP B 73 -0.83 12.33 24.76
CA TRP B 73 -0.36 12.46 23.39
C TRP B 73 1.08 11.95 23.30
N ASN B 74 1.22 10.73 22.79
CA ASN B 74 2.49 10.07 22.66
C ASN B 74 2.47 9.06 21.52
N PRO B 75 2.48 9.60 20.29
CA PRO B 75 2.32 8.79 19.09
C PRO B 75 3.58 8.05 18.72
N THR B 76 3.83 7.00 19.49
CA THR B 76 5.09 6.36 19.37
C THR B 76 5.39 5.70 18.04
N LYS B 77 4.36 5.34 17.25
CA LYS B 77 4.56 4.79 15.90
C LYS B 77 4.71 5.84 14.79
N PHE B 78 4.61 7.10 15.13
CA PHE B 78 4.82 8.15 14.14
C PHE B 78 6.17 8.13 13.47
N ASP B 79 6.18 8.18 12.13
CA ASP B 79 7.40 8.31 11.34
C ASP B 79 7.06 9.15 10.10
N ALA B 80 7.51 10.39 10.08
CA ALA B 80 7.14 11.33 8.99
C ALA B 80 7.57 10.80 7.65
N LYS B 81 8.74 10.16 7.57
CA LYS B 81 9.17 9.54 6.29
C LYS B 81 8.21 8.48 5.79
N LYS B 82 7.60 7.66 6.68
CA LYS B 82 6.69 6.67 6.28
C LYS B 82 5.34 7.33 5.76
N TRP B 83 4.90 8.37 6.48
CA TRP B 83 3.71 9.13 6.02
C TRP B 83 3.99 9.70 4.62
N ALA B 84 5.15 10.29 4.40
CA ALA B 84 5.44 10.82 3.05
C ALA B 84 5.54 9.78 1.95
N LYS B 85 6.11 8.61 2.25
CA LYS B 85 6.15 7.53 1.31
C LYS B 85 4.74 7.02 0.96
N MET B 86 3.84 6.94 1.96
CA MET B 86 2.46 6.57 1.71
C MET B 86 1.80 7.55 0.70
N ALA B 87 2.01 8.84 0.92
CA ALA B 87 1.44 9.83 0.03
C ALA B 87 2.06 9.71 -1.37
N LYS B 88 3.38 9.50 -1.45
CA LYS B 88 4.05 9.34 -2.75
C LYS B 88 3.46 8.16 -3.52
N GLU B 89 3.27 7.04 -2.83
CA GLU B 89 2.80 5.82 -3.44
C GLU B 89 1.33 5.99 -3.91
N MET B 90 0.56 6.83 -3.19
CA MET B 90 -0.83 7.06 -3.53
C MET B 90 -0.94 7.90 -4.82
N GLY B 91 0.15 8.62 -5.15
CA GLY B 91 0.10 9.56 -6.29
C GLY B 91 -0.34 10.94 -5.88
N THR B 92 -0.39 11.26 -4.59
CA THR B 92 -0.73 12.63 -4.17
C THR B 92 0.43 13.56 -4.45
N LYS B 93 0.13 14.76 -4.92
CA LYS B 93 1.14 15.73 -5.22
C LYS B 93 1.27 16.81 -4.15
N TYR B 94 0.32 16.85 -3.21
CA TYR B 94 0.33 17.77 -2.12
C TYR B 94 -0.47 17.21 -0.99
N VAL B 95 -0.14 17.68 0.19
CA VAL B 95 -0.82 17.26 1.42
C VAL B 95 -1.24 18.48 2.22
N LYS B 96 -2.48 18.50 2.71
CA LYS B 96 -3.01 19.56 3.56
C LYS B 96 -3.11 19.06 4.98
N ILE B 97 -2.52 19.76 5.91
CA ILE B 97 -2.35 19.28 7.31
C ILE B 97 -3.07 20.20 8.28
N THR B 98 -3.88 19.61 9.21
CA THR B 98 -4.42 20.39 10.31
C THR B 98 -3.29 20.92 11.23
N THR B 99 -2.93 22.19 11.12
CA THR B 99 -1.96 22.80 12.01
C THR B 99 -2.57 23.00 13.42
N LYS B 100 -3.84 23.35 13.44
CA LYS B 100 -4.63 23.62 14.64
C LYS B 100 -6.08 23.46 14.22
N HIS B 101 -6.82 22.59 14.88
CA HIS B 101 -8.26 22.41 14.65
C HIS B 101 -9.06 23.19 15.68
N HIS B 102 -10.37 23.01 15.71
CA HIS B 102 -11.27 23.87 16.56
C HIS B 102 -10.89 23.73 18.03
N GLU B 103 -10.40 22.56 18.39
CA GLU B 103 -9.95 22.27 19.81
C GLU B 103 -8.80 23.24 20.24
N GLY B 104 -8.01 23.75 19.31
CA GLY B 104 -6.94 24.75 19.67
C GLY B 104 -5.59 24.15 19.99
N PHE B 105 -5.45 22.83 19.96
CA PHE B 105 -4.17 22.14 20.08
C PHE B 105 -3.33 22.26 18.82
N CYS B 106 -2.13 22.75 19.00
CA CYS B 106 -1.23 23.07 17.86
C CYS B 106 -0.23 21.97 17.60
N LEU B 107 -0.08 21.60 16.31
CA LEU B 107 0.84 20.52 15.90
C LEU B 107 2.27 21.02 15.74
N TRP B 108 2.50 22.34 15.98
CA TRP B 108 3.82 22.95 16.01
C TRP B 108 3.94 23.62 17.38
N PRO B 109 5.18 23.92 17.77
CA PRO B 109 5.35 24.43 19.18
C PRO B 109 5.17 25.94 19.22
N SER B 110 3.92 26.36 19.12
CA SER B 110 3.65 27.77 19.08
C SER B 110 4.09 28.47 20.38
N LYS B 111 4.62 29.68 20.22
CA LYS B 111 4.94 30.56 21.34
C LYS B 111 3.73 31.25 21.95
N TYR B 112 2.56 31.18 21.32
CA TYR B 112 1.44 31.97 21.73
C TYR B 112 0.36 31.23 22.54
N THR B 113 0.59 29.95 22.81
CA THR B 113 -0.26 29.17 23.65
C THR B 113 0.49 28.03 24.24
N LYS B 114 0.05 27.59 25.44
CA LYS B 114 0.56 26.37 26.01
C LYS B 114 -0.04 25.06 25.43
N TYR B 115 -1.10 25.16 24.63
CA TYR B 115 -1.76 23.95 24.10
C TYR B 115 -1.09 23.50 22.77
N THR B 116 0.09 22.93 22.87
CA THR B 116 0.88 22.53 21.73
C THR B 116 1.58 21.23 21.98
N VAL B 117 2.09 20.64 20.92
CA VAL B 117 2.90 19.46 20.94
C VAL B 117 4.12 19.51 21.86
N ALA B 118 4.67 20.71 22.09
CA ALA B 118 5.83 20.87 23.02
C ALA B 118 5.47 20.43 24.45
N ASN B 119 4.23 20.60 24.80
CA ASN B 119 3.79 20.33 26.19
C ASN B 119 3.04 19.00 26.34
N THR B 120 3.52 18.01 25.58
CA THR B 120 2.99 16.65 25.62
C THR B 120 4.19 15.75 25.91
N PRO B 121 3.90 14.52 26.30
CA PRO B 121 5.04 13.55 26.40
C PRO B 121 5.89 13.39 25.14
N TYR B 122 5.29 13.51 23.96
CA TYR B 122 6.01 13.32 22.74
C TYR B 122 6.99 14.44 22.45
N LYS B 123 6.61 15.70 22.82
CA LYS B 123 7.41 16.91 22.68
C LYS B 123 7.68 17.46 21.28
N ARG B 124 7.82 16.59 20.33
CA ARG B 124 8.41 16.94 19.05
C ARG B 124 7.47 17.77 18.14
N ASP B 125 8.11 18.55 17.28
CA ASP B 125 7.42 19.41 16.28
C ASP B 125 6.92 18.52 15.14
N ILE B 126 5.75 17.96 15.36
CA ILE B 126 5.13 17.07 14.36
C ILE B 126 5.01 17.80 13.00
N LEU B 127 4.55 19.04 13.02
CA LEU B 127 4.31 19.76 11.76
C LEU B 127 5.61 19.92 11.05
N GLY B 128 6.64 20.36 11.74
CA GLY B 128 7.93 20.52 11.10
C GLY B 128 8.47 19.21 10.51
N GLU B 129 8.32 18.10 11.24
CA GLU B 129 8.79 16.79 10.73
C GLU B 129 8.03 16.45 9.43
N LEU B 130 6.73 16.73 9.42
CA LEU B 130 5.95 16.42 8.21
C LEU B 130 6.38 17.28 7.06
N VAL B 131 6.52 18.59 7.31
CA VAL B 131 6.91 19.50 6.25
C VAL B 131 8.16 18.97 5.53
N LYS B 132 9.17 18.65 6.35
CA LYS B 132 10.42 18.16 5.80
C LYS B 132 10.25 16.87 5.03
N ALA B 133 9.56 15.92 5.60
CA ALA B 133 9.42 14.62 4.97
C ALA B 133 8.65 14.69 3.63
N TYR B 134 7.53 15.42 3.64
CA TYR B 134 6.76 15.57 2.43
C TYR B 134 7.57 16.30 1.39
N ASN B 135 8.21 17.38 1.79
CA ASN B 135 8.99 18.19 0.82
C ASN B 135 10.17 17.33 0.22
N ASP B 136 10.73 16.46 1.01
CA ASP B 136 11.81 15.54 0.57
C ASP B 136 11.32 14.52 -0.47
N GLU B 137 10.02 14.21 -0.49
CA GLU B 137 9.39 13.40 -1.55
C GLU B 137 8.82 14.20 -2.72
N GLY B 138 9.07 15.50 -2.75
CA GLY B 138 8.64 16.33 -3.87
C GLY B 138 7.14 16.71 -3.72
N ILE B 139 6.60 16.65 -2.50
CA ILE B 139 5.16 16.84 -2.29
C ILE B 139 4.99 18.20 -1.61
N ASP B 140 4.11 19.05 -2.17
CA ASP B 140 3.84 20.36 -1.59
C ASP B 140 3.04 20.21 -0.32
N VAL B 141 3.23 21.14 0.60
CA VAL B 141 2.49 21.11 1.86
C VAL B 141 1.62 22.38 2.01
N HIS B 142 0.34 22.14 2.35
CA HIS B 142 -0.63 23.18 2.63
C HIS B 142 -1.02 23.11 4.10
N PHE B 143 -1.37 24.23 4.68
CA PHE B 143 -1.77 24.32 6.09
C PHE B 143 -3.22 24.63 6.26
N TYR B 144 -3.95 23.68 6.83
CA TYR B 144 -5.30 23.93 7.43
C TYR B 144 -5.13 24.72 8.72
N PHE B 145 -5.98 25.74 8.92
CA PHE B 145 -5.98 26.53 10.15
C PHE B 145 -7.38 26.87 10.54
N SER B 146 -7.77 26.53 11.79
CA SER B 146 -9.07 26.88 12.29
C SER B 146 -8.99 28.25 13.00
N VAL B 147 -9.74 29.20 12.52
CA VAL B 147 -9.88 30.51 13.24
C VAL B 147 -10.62 30.26 14.56
N MET B 148 -11.83 29.74 14.49
CA MET B 148 -12.52 29.32 15.73
C MET B 148 -11.57 28.50 16.59
N ASP B 149 -11.48 28.87 17.88
CA ASP B 149 -10.54 28.19 18.78
C ASP B 149 -11.22 28.07 20.14
N TRP B 150 -11.59 26.84 20.47
CA TRP B 150 -12.29 26.47 21.70
C TRP B 150 -11.40 26.55 22.95
N SER B 151 -10.12 26.75 22.78
CA SER B 151 -9.17 26.82 23.92
C SER B 151 -8.91 28.25 24.43
N ASN B 152 -9.33 29.27 23.66
CA ASN B 152 -8.98 30.68 23.89
C ASN B 152 -10.26 31.41 24.27
N PRO B 153 -10.35 31.84 25.52
CA PRO B 153 -11.58 32.49 25.97
C PRO B 153 -11.91 33.85 25.40
N ASP B 154 -11.02 34.39 24.60
CA ASP B 154 -11.30 35.65 23.90
C ASP B 154 -12.08 35.39 22.61
N TYR B 155 -12.21 34.12 22.18
CA TYR B 155 -13.04 33.86 21.00
C TYR B 155 -14.47 34.28 21.31
N ARG B 156 -15.13 34.82 20.31
CA ARG B 156 -16.55 35.13 20.36
C ARG B 156 -17.22 34.56 19.11
N TYR B 157 -18.45 34.07 19.31
CA TYR B 157 -19.31 33.57 18.19
C TYR B 157 -20.01 34.73 17.50
N ASP B 158 -20.26 35.81 18.26
CA ASP B 158 -20.88 37.02 17.69
C ASP B 158 -20.39 38.19 18.50
N ILE B 159 -20.54 39.37 17.91
CA ILE B 159 -20.20 40.62 18.54
C ILE B 159 -21.51 41.36 18.89
N LYS B 160 -21.89 41.29 20.16
CA LYS B 160 -23.17 41.89 20.62
C LYS B 160 -22.97 43.03 21.61
N SER B 161 -21.73 43.36 21.86
CA SER B 161 -21.40 44.35 22.87
C SER B 161 -20.01 44.90 22.62
N LYS B 162 -19.71 46.01 23.29
CA LYS B 162 -18.38 46.55 23.24
C LYS B 162 -17.34 45.60 23.82
N GLU B 163 -17.70 44.91 24.90
CA GLU B 163 -16.85 43.98 25.58
C GLU B 163 -16.47 42.84 24.58
N ASP B 164 -17.47 42.42 23.80
CA ASP B 164 -17.23 41.33 22.82
C ASP B 164 -16.24 41.83 21.76
N SER B 165 -16.44 43.05 21.28
CA SER B 165 -15.54 43.63 20.34
C SER B 165 -14.10 43.71 20.81
N ILE B 166 -13.91 44.10 22.09
CA ILE B 166 -12.58 44.20 22.63
C ILE B 166 -11.87 42.81 22.77
N ALA B 167 -12.59 41.82 23.26
CA ALA B 167 -12.06 40.49 23.47
C ALA B 167 -11.72 39.93 22.05
N PHE B 168 -12.62 40.10 21.13
CA PHE B 168 -12.39 39.52 19.76
C PHE B 168 -11.23 40.19 19.07
N SER B 169 -11.03 41.51 19.26
CA SER B 169 -9.85 42.12 18.76
C SER B 169 -8.54 41.51 19.26
N ARG B 170 -8.52 41.14 20.55
CA ARG B 170 -7.37 40.48 21.12
C ARG B 170 -7.20 39.07 20.51
N PHE B 171 -8.34 38.45 20.32
CA PHE B 171 -8.39 37.10 19.71
C PHE B 171 -7.78 37.14 18.30
N LEU B 172 -8.10 38.16 17.54
CA LEU B 172 -7.59 38.30 16.16
C LEU B 172 -6.11 38.62 16.12
N GLU B 173 -5.61 39.39 17.11
CA GLU B 173 -4.19 39.55 17.23
C GLU B 173 -3.43 38.25 17.51
N PHE B 174 -3.94 37.47 18.48
CA PHE B 174 -3.45 36.14 18.78
C PHE B 174 -3.41 35.27 17.53
N THR B 175 -4.50 35.34 16.77
CA THR B 175 -4.60 34.55 15.49
C THR B 175 -3.52 34.96 14.49
N ASP B 176 -3.35 36.26 14.32
CA ASP B 176 -2.32 36.77 13.43
C ASP B 176 -0.94 36.30 13.84
N ASN B 177 -0.65 36.37 15.19
CA ASN B 177 0.59 35.90 15.73
C ASN B 177 0.88 34.44 15.35
N GLN B 178 -0.13 33.58 15.48
CA GLN B 178 0.04 32.14 15.04
C GLN B 178 0.27 32.02 13.52
N LEU B 179 -0.46 32.80 12.75
CA LEU B 179 -0.32 32.72 11.27
C LEU B 179 1.02 33.16 10.80
N LYS B 180 1.48 34.29 11.33
CA LYS B 180 2.83 34.75 11.01
C LYS B 180 3.88 33.78 11.43
N GLU B 181 3.71 33.16 12.59
CA GLU B 181 4.59 32.15 13.07
C GLU B 181 4.70 30.92 12.11
N LEU B 182 3.54 30.47 11.65
CA LEU B 182 3.54 29.38 10.66
C LEU B 182 4.25 29.73 9.36
N ALA B 183 3.94 30.92 8.86
CA ALA B 183 4.43 31.41 7.55
C ALA B 183 5.95 31.58 7.57
N THR B 184 6.50 32.03 8.70
CA THR B 184 7.95 32.27 8.84
C THR B 184 8.75 31.11 9.32
N ARG B 185 8.18 30.30 10.16
CA ARG B 185 8.86 29.06 10.57
C ARG B 185 8.94 27.97 9.51
N TYR B 186 7.90 27.91 8.64
CA TYR B 186 7.80 26.88 7.62
C TYR B 186 7.54 27.59 6.25
N PRO B 187 8.58 28.23 5.71
CA PRO B 187 8.44 29.06 4.51
C PRO B 187 8.15 28.32 3.21
N THR B 188 8.21 26.99 3.21
CA THR B 188 7.85 26.20 2.01
C THR B 188 6.33 25.95 1.90
N VAL B 189 5.59 26.38 2.93
CA VAL B 189 4.09 26.30 2.84
C VAL B 189 3.59 26.92 1.52
N LYS B 190 2.66 26.24 0.85
CA LYS B 190 2.15 26.72 -0.46
C LYS B 190 0.72 27.28 -0.40
N ASP B 191 0.03 27.04 0.72
CA ASP B 191 -1.40 27.33 0.81
C ASP B 191 -1.82 27.40 2.29
N PHE B 192 -2.74 28.32 2.59
CA PHE B 192 -3.45 28.30 3.87
C PHE B 192 -4.93 28.12 3.61
N TRP B 193 -5.50 27.08 4.23
CA TRP B 193 -6.85 26.61 4.00
C TRP B 193 -7.61 26.80 5.33
N PHE B 194 -8.40 27.84 5.40
CA PHE B 194 -9.06 28.21 6.64
C PHE B 194 -10.41 27.49 6.81
N ASP B 195 -10.70 27.20 8.08
CA ASP B 195 -12.00 26.71 8.54
C ASP B 195 -12.35 27.41 9.89
N GLY B 196 -13.56 27.18 10.37
CA GLY B 196 -14.03 27.87 11.60
C GLY B 196 -14.17 29.36 11.39
N THR B 197 -14.59 29.77 10.18
CA THR B 197 -14.71 31.18 9.81
C THR B 197 -16.14 31.55 9.44
N TRP B 198 -17.12 30.73 9.80
CA TRP B 198 -18.52 30.98 9.49
C TRP B 198 -19.28 31.90 10.49
N ASP B 199 -18.72 32.03 11.68
CA ASP B 199 -19.43 32.74 12.74
C ASP B 199 -19.68 34.19 12.43
N ALA B 200 -20.79 34.69 12.99
CA ALA B 200 -21.11 36.13 12.90
C ALA B 200 -19.99 37.06 13.29
N SER B 201 -19.20 36.71 14.32
CA SER B 201 -18.02 37.50 14.67
C SER B 201 -17.05 37.74 13.51
N VAL B 202 -16.75 36.65 12.78
CA VAL B 202 -15.88 36.77 11.65
C VAL B 202 -16.51 37.53 10.48
N LYS B 203 -17.79 37.26 10.22
CA LYS B 203 -18.59 37.98 9.18
C LYS B 203 -18.58 39.46 9.45
N LYS B 204 -18.62 39.84 10.74
CA LYS B 204 -18.60 41.28 11.07
C LYS B 204 -17.22 41.92 10.93
N ASN B 205 -16.18 41.11 10.72
CA ASN B 205 -14.82 41.54 10.64
C ASN B 205 -14.20 41.09 9.33
N GLY B 206 -14.94 41.32 8.27
CA GLY B 206 -14.42 41.08 6.92
C GLY B 206 -13.10 41.69 6.61
N TRP B 207 -12.87 42.94 7.10
CA TRP B 207 -11.57 43.58 6.95
C TRP B 207 -10.39 42.67 7.38
N TRP B 208 -10.58 41.96 8.48
CA TRP B 208 -9.59 41.13 9.09
C TRP B 208 -9.26 39.98 8.10
N THR B 209 -10.28 39.41 7.53
CA THR B 209 -10.09 38.28 6.57
C THR B 209 -9.28 38.73 5.39
N ALA B 210 -9.54 39.92 4.86
CA ALA B 210 -8.72 40.49 3.81
C ALA B 210 -7.33 40.80 4.26
N HIS B 211 -7.17 41.34 5.46
CA HIS B 211 -5.85 41.64 6.04
C HIS B 211 -5.04 40.33 6.23
N ALA B 212 -5.70 39.26 6.66
CA ALA B 212 -5.00 37.97 6.85
C ALA B 212 -4.48 37.44 5.54
N GLU B 213 -5.31 37.50 4.49
CA GLU B 213 -4.86 37.10 3.13
C GLU B 213 -3.64 37.89 2.63
N GLN B 214 -3.72 39.19 2.80
CA GLN B 214 -2.63 40.05 2.36
C GLN B 214 -1.34 39.82 3.20
N MET B 215 -1.54 39.66 4.51
CA MET B 215 -0.42 39.45 5.39
C MET B 215 0.33 38.21 5.07
N LEU B 216 -0.42 37.16 4.79
CA LEU B 216 0.25 35.91 4.41
C LEU B 216 0.90 35.96 2.99
N LYS B 217 0.26 36.65 2.06
CA LYS B 217 0.81 36.77 0.72
C LYS B 217 2.15 37.57 0.74
N GLU B 218 2.26 38.50 1.67
CA GLU B 218 3.49 39.30 1.79
C GLU B 218 4.61 38.46 2.37
N LEU B 219 4.27 37.52 3.26
CA LEU B 219 5.23 36.66 3.88
C LEU B 219 5.63 35.43 3.13
N VAL B 220 4.72 34.93 2.27
CA VAL B 220 5.01 33.71 1.52
C VAL B 220 4.70 34.00 0.06
N PRO B 221 5.73 34.23 -0.71
CA PRO B 221 5.48 34.54 -2.14
C PRO B 221 4.73 33.43 -2.87
N GLY B 222 3.66 33.84 -3.56
CA GLY B 222 2.92 32.91 -4.35
C GLY B 222 1.94 32.05 -3.59
N VAL B 223 1.85 32.19 -2.26
CA VAL B 223 0.94 31.37 -1.47
C VAL B 223 -0.48 31.47 -2.02
N ALA B 224 -1.24 30.38 -1.87
CA ALA B 224 -2.68 30.35 -2.14
C ALA B 224 -3.49 30.41 -0.87
N ILE B 225 -4.65 31.04 -0.94
CA ILE B 225 -5.51 31.28 0.22
C ILE B 225 -6.94 30.91 -0.19
N ASN B 226 -7.60 30.05 0.59
CA ASN B 226 -8.95 29.62 0.23
C ASN B 226 -10.07 30.65 0.39
N SER B 227 -11.12 30.47 -0.39
CA SER B 227 -12.29 31.36 -0.33
C SER B 227 -12.97 31.30 1.01
N ARG B 228 -12.88 30.16 1.71
CA ARG B 228 -13.62 30.00 2.98
C ARG B 228 -13.14 30.97 4.04
N LEU B 229 -11.92 31.45 3.96
CA LEU B 229 -11.43 32.48 4.88
C LEU B 229 -12.32 33.72 4.83
N ARG B 230 -12.71 34.10 3.61
CA ARG B 230 -13.04 35.50 3.30
C ARG B 230 -14.47 35.92 3.46
N ALA B 231 -14.61 37.11 4.06
CA ALA B 231 -15.91 37.79 4.15
C ALA B 231 -15.62 39.23 3.72
N ASP B 232 -16.60 39.82 3.03
CA ASP B 232 -16.44 41.22 2.60
C ASP B 232 -16.95 42.20 3.68
N ASP B 233 -17.01 43.47 3.23
CA ASP B 233 -17.53 44.58 4.09
C ASP B 233 -18.91 44.36 4.65
N LYS B 234 -19.77 43.60 3.95
CA LYS B 234 -21.11 43.31 4.34
C LYS B 234 -21.34 42.01 5.06
N GLY B 235 -20.27 41.24 5.28
CA GLY B 235 -20.39 39.89 5.87
C GLY B 235 -20.65 38.74 4.88
N LYS B 236 -20.66 39.01 3.57
CA LYS B 236 -20.92 37.99 2.59
C LYS B 236 -19.62 37.14 2.44
N ARG B 237 -19.77 35.82 2.47
CA ARG B 237 -18.62 34.89 2.47
C ARG B 237 -18.38 34.21 1.13
N HIS B 238 -17.09 33.87 0.92
CA HIS B 238 -16.54 33.17 -0.32
C HIS B 238 -16.58 34.05 -1.57
N PHE B 239 -17.78 34.49 -1.95
CA PHE B 239 -17.96 35.39 -3.07
C PHE B 239 -18.51 36.68 -2.46
N ASP B 240 -17.98 37.80 -2.94
CA ASP B 240 -18.33 39.12 -2.37
C ASP B 240 -19.74 39.55 -2.80
N SER B 241 -20.11 40.71 -2.35
CA SER B 241 -21.47 41.23 -2.58
C SER B 241 -21.73 41.56 -4.05
N ASN B 242 -20.65 41.66 -4.85
CA ASN B 242 -20.74 41.80 -6.31
C ASN B 242 -20.53 40.47 -7.07
N GLY B 243 -20.60 39.35 -6.36
CA GLY B 243 -20.53 38.02 -6.96
C GLY B 243 -19.14 37.55 -7.34
N ARG B 244 -18.12 38.27 -6.90
CA ARG B 244 -16.75 37.93 -7.26
C ARG B 244 -16.07 37.05 -6.19
N LEU B 245 -15.39 36.02 -6.67
CA LEU B 245 -14.70 35.13 -5.73
C LEU B 245 -13.59 35.86 -5.00
N MET B 246 -13.58 35.68 -3.68
CA MET B 246 -12.52 36.14 -2.85
C MET B 246 -11.50 35.02 -2.57
N GLY B 247 -10.28 35.41 -2.26
CA GLY B 247 -9.21 34.42 -2.18
C GLY B 247 -8.86 33.91 -3.54
N ASP B 248 -8.06 32.82 -3.60
CA ASP B 248 -7.50 32.38 -4.87
C ASP B 248 -8.19 31.24 -5.53
N TYR B 249 -9.02 30.55 -4.77
CA TYR B 249 -9.80 29.41 -5.30
C TYR B 249 -11.02 29.15 -4.38
N GLU B 250 -12.06 28.57 -4.91
CA GLU B 250 -13.27 28.23 -4.15
C GLU B 250 -13.06 26.94 -3.40
N SER B 251 -13.24 26.96 -2.09
CA SER B 251 -13.14 25.74 -1.30
C SER B 251 -14.54 25.41 -0.93
N GLY B 252 -15.00 24.25 -1.35
CA GLY B 252 -16.36 23.80 -1.03
C GLY B 252 -16.58 22.38 -1.52
N TYR B 253 -17.82 22.00 -1.65
CA TYR B 253 -18.16 20.75 -2.27
C TYR B 253 -17.84 19.52 -1.44
N GLU B 254 -17.76 19.65 -0.12
CA GLU B 254 -17.45 18.50 0.75
C GLU B 254 -18.54 17.42 0.70
N ARG B 255 -19.76 17.85 0.54
CA ARG B 255 -20.92 16.93 0.51
C ARG B 255 -21.23 16.40 -0.87
N ARG B 256 -21.14 17.26 -1.89
CA ARG B 256 -21.51 16.92 -3.25
C ARG B 256 -20.73 17.81 -4.24
N LEU B 257 -20.20 17.16 -5.22
CA LEU B 257 -19.41 17.87 -6.27
C LEU B 257 -20.34 18.65 -7.19
N PRO B 258 -19.76 19.65 -7.88
CA PRO B 258 -20.58 20.33 -8.90
C PRO B 258 -21.22 19.43 -9.94
N ASP B 259 -22.45 19.75 -10.37
CA ASP B 259 -23.15 18.93 -11.32
C ASP B 259 -22.55 19.09 -12.75
N PRO B 260 -22.16 17.97 -13.38
CA PRO B 260 -21.43 18.10 -14.67
C PRO B 260 -22.20 18.69 -15.82
N VAL B 261 -23.53 18.80 -15.68
CA VAL B 261 -24.35 19.48 -16.69
C VAL B 261 -24.77 20.88 -16.22
N LYS B 262 -25.23 21.01 -14.98
CA LYS B 262 -25.81 22.26 -14.49
C LYS B 262 -24.88 23.27 -13.85
N ASP B 263 -23.67 22.88 -13.43
CA ASP B 263 -22.81 23.77 -12.68
C ASP B 263 -21.54 24.11 -13.42
N LEU B 264 -21.64 24.23 -14.74
CA LEU B 264 -20.45 24.59 -15.53
C LEU B 264 -19.82 25.95 -15.21
N LYS B 265 -20.53 26.80 -14.51
CA LYS B 265 -19.97 28.06 -14.04
C LYS B 265 -18.64 27.85 -13.31
N VAL B 266 -18.49 26.75 -12.52
CA VAL B 266 -17.31 26.52 -11.71
C VAL B 266 -16.05 26.46 -12.52
N THR B 267 -16.17 26.15 -13.81
CA THR B 267 -15.00 26.08 -14.69
C THR B 267 -14.36 27.48 -14.91
N GLN B 268 -15.05 28.54 -14.47
CA GLN B 268 -14.51 29.89 -14.59
C GLN B 268 -13.52 30.31 -13.52
N TRP B 269 -13.41 29.53 -12.43
CA TRP B 269 -12.46 29.83 -11.38
C TRP B 269 -11.74 28.55 -10.88
N ASP B 270 -10.61 28.73 -10.19
CA ASP B 270 -9.93 27.59 -9.54
C ASP B 270 -10.80 27.19 -8.32
N TRP B 271 -10.86 25.89 -8.10
CA TRP B 271 -11.62 25.34 -6.93
C TRP B 271 -11.06 24.01 -6.51
N GLU B 272 -11.34 23.62 -5.24
CA GLU B 272 -10.81 22.38 -4.68
C GLU B 272 -11.91 21.77 -3.80
N ALA B 273 -12.20 20.51 -4.03
CA ALA B 273 -13.07 19.72 -3.18
C ALA B 273 -12.30 18.84 -2.27
N CYS B 274 -12.73 18.75 -1.01
CA CYS B 274 -12.11 17.87 -0.04
C CYS B 274 -13.16 16.80 0.39
N MET B 275 -12.73 15.68 0.68
CA MET B 275 -13.73 14.61 0.86
C MET B 275 -13.28 13.64 1.96
N THR B 276 -14.22 13.05 2.62
CA THR B 276 -13.98 12.00 3.62
C THR B 276 -14.26 10.64 2.98
N ILE B 277 -13.64 9.59 3.55
CA ILE B 277 -13.88 8.23 3.10
C ILE B 277 -15.24 7.67 3.60
N PRO B 278 -15.47 7.76 4.95
CA PRO B 278 -16.85 7.62 5.39
C PRO B 278 -17.69 8.84 5.09
N GLU B 279 -18.96 8.82 5.45
CA GLU B 279 -19.81 9.94 5.17
C GLU B 279 -19.37 11.29 5.71
N ASN B 280 -19.01 11.37 7.01
CA ASN B 280 -18.58 12.62 7.61
C ASN B 280 -17.71 12.33 8.85
N GLN B 281 -16.54 11.76 8.63
CA GLN B 281 -15.52 11.61 9.66
C GLN B 281 -14.20 12.15 9.10
N TRP B 282 -13.69 13.23 9.68
CA TRP B 282 -12.38 13.77 9.29
C TRP B 282 -11.25 13.27 10.21
N GLY B 283 -11.39 13.52 11.49
CA GLY B 283 -10.52 12.89 12.51
C GLY B 283 -10.76 11.42 12.63
N TYR B 284 -9.82 10.74 13.28
CA TYR B 284 -9.99 9.34 13.59
C TYR B 284 -11.21 9.02 14.42
N HIS B 285 -12.06 8.19 13.85
CA HIS B 285 -13.22 7.58 14.50
C HIS B 285 -13.02 6.06 14.59
N LYS B 286 -13.17 5.50 15.80
CA LYS B 286 -12.87 4.07 15.94
C LYS B 286 -13.87 3.11 15.32
N ASP B 287 -15.07 3.56 14.99
CA ASP B 287 -16.10 2.69 14.40
C ASP B 287 -16.67 3.24 13.05
N TRP B 288 -16.06 2.77 11.99
CA TRP B 288 -16.51 3.13 10.65
C TRP B 288 -17.75 2.34 10.18
N SER B 289 -18.26 1.38 10.99
CA SER B 289 -19.55 0.77 10.62
C SER B 289 -20.79 1.67 10.75
N LEU B 290 -20.64 2.85 11.36
CA LEU B 290 -21.75 3.71 11.59
C LEU B 290 -22.34 4.46 10.39
N SER B 291 -21.54 4.56 9.30
CA SER B 291 -21.98 5.30 8.09
C SER B 291 -21.37 4.57 6.92
N TYR B 292 -21.82 4.96 5.72
CA TYR B 292 -21.35 4.39 4.50
C TYR B 292 -19.88 4.75 4.23
N VAL B 293 -19.08 3.75 3.89
CA VAL B 293 -17.65 3.91 3.62
C VAL B 293 -17.38 3.72 2.10
N LYS B 294 -16.87 4.75 1.41
CA LYS B 294 -16.66 4.68 -0.03
C LYS B 294 -15.64 3.69 -0.41
N THR B 295 -15.89 3.00 -1.54
CA THR B 295 -14.92 2.14 -2.10
C THR B 295 -13.88 2.89 -2.95
N PRO B 296 -12.74 2.26 -3.22
CA PRO B 296 -11.74 3.00 -4.08
C PRO B 296 -12.30 3.51 -5.42
N ILE B 297 -13.09 2.72 -6.15
CA ILE B 297 -13.62 3.21 -7.41
C ILE B 297 -14.56 4.41 -7.21
N GLU B 298 -15.31 4.41 -6.11
CA GLU B 298 -16.15 5.57 -5.78
C GLU B 298 -15.31 6.83 -5.53
N VAL B 299 -14.16 6.69 -4.90
CA VAL B 299 -13.21 7.78 -4.68
C VAL B 299 -12.58 8.25 -6.01
N ILE B 300 -12.10 7.30 -6.77
CA ILE B 300 -11.49 7.58 -8.11
C ILE B 300 -12.50 8.34 -8.95
N ASP B 301 -13.76 7.92 -8.97
CA ASP B 301 -14.79 8.63 -9.72
C ASP B 301 -14.84 10.11 -9.30
N ARG B 302 -14.80 10.38 -7.99
CA ARG B 302 -14.82 11.75 -7.52
CA ARG B 302 -14.82 11.75 -7.52
C ARG B 302 -13.58 12.57 -7.94
N ILE B 303 -12.40 11.95 -7.87
CA ILE B 303 -11.11 12.61 -8.28
C ILE B 303 -11.31 13.05 -9.77
N VAL B 304 -11.72 12.12 -10.61
CA VAL B 304 -11.78 12.41 -12.07
C VAL B 304 -12.86 13.45 -12.30
N HIS B 305 -14.01 13.28 -11.63
CA HIS B 305 -15.12 14.22 -11.74
C HIS B 305 -14.64 15.62 -11.46
N ALA B 306 -13.90 15.81 -10.41
CA ALA B 306 -13.36 17.17 -10.05
C ALA B 306 -12.46 17.73 -11.17
N VAL B 307 -11.52 16.92 -11.61
CA VAL B 307 -10.58 17.39 -12.64
C VAL B 307 -11.35 17.70 -13.92
N SER B 308 -12.37 16.91 -14.24
CA SER B 308 -13.17 17.11 -15.49
C SER B 308 -13.90 18.47 -15.45
N MET B 309 -14.10 19.03 -14.25
CA MET B 309 -14.74 20.35 -14.10
C MET B 309 -13.80 21.43 -13.70
N GLY B 310 -12.50 21.18 -13.86
CA GLY B 310 -11.49 22.18 -13.56
C GLY B 310 -11.16 22.43 -12.12
N GLY B 311 -11.36 21.41 -11.30
CA GLY B 311 -11.04 21.45 -9.90
C GLY B 311 -10.06 20.42 -9.40
N ASN B 312 -9.56 20.67 -8.20
CA ASN B 312 -8.67 19.75 -7.46
C ASN B 312 -9.55 18.85 -6.51
N MET B 313 -8.99 17.67 -6.16
CA MET B 313 -9.70 16.78 -5.22
C MET B 313 -8.69 16.35 -4.16
N VAL B 314 -9.13 16.35 -2.90
CA VAL B 314 -8.29 16.04 -1.78
C VAL B 314 -8.98 14.96 -0.98
N VAL B 315 -8.29 13.86 -0.80
CA VAL B 315 -8.80 12.70 -0.01
C VAL B 315 -8.28 12.73 1.41
N ASN B 316 -9.21 12.73 2.39
CA ASN B 316 -8.83 12.83 3.77
C ASN B 316 -8.40 11.52 4.42
N PHE B 317 -7.47 11.68 5.34
CA PHE B 317 -7.02 10.66 6.28
C PHE B 317 -7.08 11.19 7.70
N GLY B 318 -7.50 10.33 8.63
CA GLY B 318 -7.54 10.65 10.04
C GLY B 318 -6.64 9.70 10.87
N PRO B 319 -5.37 10.04 11.02
CA PRO B 319 -4.41 9.03 11.56
C PRO B 319 -4.79 8.65 12.99
N GLN B 320 -4.38 7.43 13.33
CA GLN B 320 -4.61 6.91 14.71
C GLN B 320 -3.84 7.72 15.74
N ALA B 321 -4.24 7.61 17.00
CA ALA B 321 -3.50 8.24 18.09
C ALA B 321 -2.03 7.81 18.24
N ASP B 322 -1.76 6.61 17.84
CA ASP B 322 -0.42 6.08 17.87
C ASP B 322 0.50 6.55 16.78
N GLY B 323 -0.05 7.25 15.79
CA GLY B 323 0.77 7.77 14.70
C GLY B 323 0.87 6.90 13.47
N ASP B 324 0.13 5.80 13.42
CA ASP B 324 -0.01 5.00 12.24
C ASP B 324 -1.37 5.26 11.58
N PHE B 325 -1.54 4.80 10.35
CA PHE B 325 -2.84 4.86 9.69
C PHE B 325 -3.57 3.55 9.82
N ARG B 326 -4.87 3.61 9.94
CA ARG B 326 -5.75 2.48 9.95
C ARG B 326 -5.72 1.67 8.68
N PRO B 327 -6.06 0.40 8.74
CA PRO B 327 -5.96 -0.45 7.53
C PRO B 327 -6.81 -0.06 6.34
N GLU B 328 -8.01 0.48 6.61
CA GLU B 328 -8.96 0.89 5.54
C GLU B 328 -8.28 2.03 4.76
N GLU B 329 -7.53 2.89 5.43
CA GLU B 329 -6.85 4.00 4.75
C GLU B 329 -5.64 3.57 4.01
N LYS B 330 -4.88 2.63 4.59
CA LYS B 330 -3.76 2.10 3.81
C LYS B 330 -4.30 1.43 2.54
N ALA B 331 -5.37 0.61 2.61
CA ALA B 331 -5.97 -0.02 1.45
C ALA B 331 -6.41 0.97 0.38
N MET B 332 -7.00 2.07 0.85
CA MET B 332 -7.43 3.13 -0.06
C MET B 332 -6.27 3.77 -0.77
N ALA B 333 -5.27 4.19 -0.05
CA ALA B 333 -4.11 4.85 -0.62
C ALA B 333 -3.42 3.96 -1.66
N THR B 334 -3.25 2.69 -1.32
CA THR B 334 -2.64 1.76 -2.26
C THR B 334 -3.49 1.56 -3.54
N ALA B 335 -4.80 1.44 -3.39
CA ALA B 335 -5.69 1.27 -4.56
C ALA B 335 -5.68 2.53 -5.44
N ILE B 336 -5.79 3.68 -4.81
CA ILE B 336 -5.70 4.92 -5.60
C ILE B 336 -4.37 5.02 -6.33
N GLY B 337 -3.27 4.67 -5.64
CA GLY B 337 -1.96 4.76 -6.26
C GLY B 337 -1.79 3.85 -7.46
N LYS B 338 -2.35 2.66 -7.36
CA LYS B 338 -2.28 1.69 -8.46
C LYS B 338 -2.97 2.26 -9.71
N TRP B 339 -4.17 2.81 -9.50
CA TRP B 339 -4.93 3.42 -10.62
C TRP B 339 -4.23 4.62 -11.19
N MET B 340 -3.74 5.53 -10.34
CA MET B 340 -3.04 6.75 -10.74
C MET B 340 -1.75 6.39 -11.51
N ASN B 341 -1.09 5.32 -11.10
CA ASN B 341 0.15 4.97 -11.82
C ASN B 341 -0.20 4.59 -13.25
N ARG B 342 -1.36 3.94 -13.47
CA ARG B 342 -1.74 3.56 -14.81
C ARG B 342 -2.36 4.67 -15.60
N TYR B 343 -3.20 5.45 -14.94
CA TYR B 343 -4.10 6.38 -15.63
C TYR B 343 -3.91 7.87 -15.35
N GLY B 344 -2.92 8.20 -14.53
CA GLY B 344 -2.69 9.55 -14.04
C GLY B 344 -2.42 10.61 -15.07
N LYS B 345 -2.03 10.22 -16.31
CA LYS B 345 -1.86 11.17 -17.37
C LYS B 345 -3.18 11.93 -17.66
N ALA B 346 -4.33 11.33 -17.32
CA ALA B 346 -5.65 11.96 -17.50
C ALA B 346 -6.07 12.79 -16.29
N VAL B 347 -5.22 12.90 -15.27
CA VAL B 347 -5.54 13.66 -14.06
C VAL B 347 -4.57 14.78 -13.89
N TYR B 348 -3.27 14.46 -13.72
CA TYR B 348 -2.30 15.49 -13.48
C TYR B 348 -2.18 16.51 -14.59
N ALA B 349 -2.20 17.80 -14.18
CA ALA B 349 -2.14 18.92 -15.09
C ALA B 349 -3.27 18.90 -16.09
N CYS B 350 -4.41 18.26 -15.82
CA CYS B 350 -5.57 18.26 -16.69
C CYS B 350 -6.64 19.23 -16.23
N ASP B 351 -7.61 19.44 -17.09
CA ASP B 351 -8.63 20.50 -16.89
C ASP B 351 -9.90 20.15 -17.67
N TYR B 352 -10.87 21.03 -17.52
CA TYR B 352 -12.16 20.95 -18.23
C TYR B 352 -11.94 20.89 -19.73
N ALA B 353 -12.63 20.00 -20.40
CA ALA B 353 -12.44 19.79 -21.85
C ALA B 353 -13.42 20.56 -22.73
N GLY B 354 -14.48 21.06 -22.16
CA GLY B 354 -15.44 21.83 -22.99
C GLY B 354 -16.39 20.98 -23.84
N PHE B 355 -16.51 19.67 -23.56
CA PHE B 355 -17.37 18.74 -24.32
C PHE B 355 -18.64 18.51 -23.50
N GLU B 356 -19.74 18.23 -24.19
CA GLU B 356 -21.01 17.85 -23.49
C GLU B 356 -20.76 16.54 -22.74
N LYS B 357 -21.25 16.50 -21.52
CA LYS B 357 -21.09 15.31 -20.71
C LYS B 357 -21.81 14.13 -21.30
N GLN B 358 -21.18 12.97 -21.25
CA GLN B 358 -21.79 11.71 -21.66
C GLN B 358 -21.86 10.69 -20.51
N ASP B 359 -22.69 9.68 -20.72
CA ASP B 359 -23.03 8.77 -19.56
C ASP B 359 -21.94 7.78 -19.21
N TRP B 360 -21.00 7.53 -20.13
CA TRP B 360 -19.96 6.60 -19.88
C TRP B 360 -18.91 7.05 -18.86
N GLY B 361 -18.84 8.34 -18.52
CA GLY B 361 -17.75 8.82 -17.72
C GLY B 361 -17.44 10.28 -18.07
N TYR B 362 -16.19 10.66 -17.95
CA TYR B 362 -15.78 12.04 -17.91
C TYR B 362 -14.71 12.29 -18.99
N TYR B 363 -14.73 13.47 -19.55
CA TYR B 363 -13.57 13.94 -20.29
C TYR B 363 -12.62 14.73 -19.41
N THR B 364 -11.29 14.68 -19.74
CA THR B 364 -10.39 15.69 -19.25
C THR B 364 -9.48 16.15 -20.41
N ARG B 365 -8.92 17.31 -20.23
CA ARG B 365 -8.05 17.93 -21.25
C ARG B 365 -6.67 18.14 -20.69
N GLY B 366 -5.70 17.67 -21.47
CA GLY B 366 -4.32 17.85 -21.08
C GLY B 366 -3.79 19.23 -21.39
N LYS B 367 -2.56 19.49 -20.90
CA LYS B 367 -1.98 20.79 -21.07
C LYS B 367 -1.73 21.12 -22.51
N ASN B 368 -1.54 20.11 -23.31
CA ASN B 368 -1.27 20.29 -24.75
C ASN B 368 -2.38 19.74 -25.67
N ASP B 369 -3.61 19.88 -25.18
CA ASP B 369 -4.83 19.57 -25.96
C ASP B 369 -5.13 18.12 -26.24
N GLU B 370 -4.50 17.23 -25.49
CA GLU B 370 -4.90 15.84 -25.41
C GLU B 370 -6.34 15.84 -24.85
N VAL B 371 -7.23 15.00 -25.36
CA VAL B 371 -8.57 14.85 -24.70
C VAL B 371 -8.70 13.43 -24.28
N TYR B 372 -8.90 13.23 -22.96
CA TYR B 372 -9.02 11.92 -22.40
C TYR B 372 -10.47 11.54 -22.06
N MET B 373 -10.86 10.36 -22.48
CA MET B 373 -12.14 9.76 -22.10
C MET B 373 -11.87 8.84 -20.95
N VAL B 374 -12.43 9.10 -19.74
CA VAL B 374 -12.27 8.24 -18.60
C VAL B 374 -13.58 7.50 -18.36
N VAL B 375 -13.57 6.22 -18.68
CA VAL B 375 -14.77 5.40 -18.77
C VAL B 375 -15.02 4.67 -17.45
N PHE B 376 -16.12 5.07 -16.81
CA PHE B 376 -16.57 4.39 -15.52
C PHE B 376 -17.77 3.47 -15.72
N ASN B 377 -18.55 3.69 -16.77
CA ASN B 377 -19.84 2.98 -17.05
C ASN B 377 -19.73 2.42 -18.43
N GLN B 378 -19.60 1.10 -18.53
CA GLN B 378 -19.29 0.45 -19.81
C GLN B 378 -20.57 0.17 -20.61
N PRO B 379 -20.74 0.75 -21.82
CA PRO B 379 -22.01 0.53 -22.56
C PRO B 379 -22.14 -0.88 -23.14
N TYR B 380 -23.31 -1.50 -22.93
CA TYR B 380 -23.63 -2.70 -23.64
C TYR B 380 -23.64 -2.53 -25.19
N SER B 381 -23.85 -1.32 -25.66
CA SER B 381 -23.76 -1.05 -27.11
C SER B 381 -22.36 -1.21 -27.67
N GLU B 382 -21.33 -1.26 -26.84
CA GLU B 382 -19.91 -1.39 -27.19
C GLU B 382 -19.40 -0.16 -27.91
N ARG B 383 -20.15 0.93 -27.76
CA ARG B 383 -19.89 2.23 -28.45
C ARG B 383 -19.95 3.33 -27.40
N LEU B 384 -18.95 4.19 -27.38
CA LEU B 384 -18.85 5.35 -26.48
C LEU B 384 -19.14 6.59 -27.27
N ILE B 385 -20.29 7.23 -26.99
CA ILE B 385 -20.71 8.42 -27.77
C ILE B 385 -19.83 9.60 -27.42
N VAL B 386 -19.35 10.29 -28.45
CA VAL B 386 -18.59 11.50 -28.30
C VAL B 386 -19.16 12.60 -29.18
N LYS B 387 -19.76 13.61 -28.57
CA LYS B 387 -20.27 14.76 -29.27
C LYS B 387 -19.29 15.92 -29.14
N THR B 388 -18.72 16.38 -30.26
CA THR B 388 -17.69 17.40 -30.20
C THR B 388 -18.29 18.83 -30.24
N PRO B 389 -17.54 19.81 -29.70
CA PRO B 389 -17.94 21.16 -29.87
C PRO B 389 -17.78 21.56 -31.37
N LYS B 390 -18.43 22.66 -31.75
CA LYS B 390 -18.40 23.15 -33.15
C LYS B 390 -16.93 23.32 -33.46
N GLY B 391 -16.59 22.90 -34.67
CA GLY B 391 -15.27 23.06 -35.17
C GLY B 391 -14.24 22.02 -34.78
N ILE B 392 -14.60 21.08 -33.87
CA ILE B 392 -13.68 20.06 -33.44
C ILE B 392 -13.97 18.74 -34.06
N THR B 393 -12.97 18.06 -34.62
CA THR B 393 -13.06 16.72 -35.08
C THR B 393 -12.15 15.80 -34.26
N VAL B 394 -12.50 14.52 -34.25
CA VAL B 394 -11.71 13.46 -33.66
C VAL B 394 -10.94 12.73 -34.75
N GLU B 395 -9.63 12.76 -34.65
CA GLU B 395 -8.69 12.19 -35.66
C GLU B 395 -8.23 10.82 -35.28
N LYS B 396 -8.15 10.49 -34.00
CA LYS B 396 -7.63 9.21 -33.60
C LYS B 396 -8.10 8.92 -32.15
N ALA B 397 -8.17 7.66 -31.84
CA ALA B 397 -8.38 7.22 -30.44
C ALA B 397 -7.36 6.13 -30.15
N THR B 398 -6.80 6.13 -28.93
CA THR B 398 -5.79 5.22 -28.49
C THR B 398 -6.06 4.75 -27.05
N LEU B 399 -5.94 3.49 -26.77
CA LEU B 399 -6.09 2.99 -25.39
C LEU B 399 -4.85 3.39 -24.59
N LEU B 400 -5.02 4.14 -23.51
CA LEU B 400 -3.86 4.74 -22.83
C LEU B 400 -2.89 3.71 -22.33
N THR B 401 -3.33 2.63 -21.75
CA THR B 401 -2.41 1.64 -21.17
C THR B 401 -1.62 0.81 -22.16
N THR B 402 -2.17 0.56 -23.32
CA THR B 402 -1.52 -0.37 -24.28
C THR B 402 -0.97 0.32 -25.49
N GLY B 403 -1.46 1.49 -25.80
CA GLY B 403 -1.17 2.19 -27.04
C GLY B 403 -1.92 1.68 -28.26
N GLU B 404 -2.86 0.75 -28.06
CA GLU B 404 -3.61 0.19 -29.17
C GLU B 404 -4.54 1.19 -29.80
N ASP B 405 -4.68 1.12 -31.11
CA ASP B 405 -5.63 1.94 -31.83
C ASP B 405 -7.07 1.45 -31.59
N ILE B 406 -7.96 2.44 -31.43
CA ILE B 406 -9.39 2.26 -31.17
C ILE B 406 -10.20 2.87 -32.31
N THR B 407 -11.15 2.07 -32.82
CA THR B 407 -11.97 2.49 -33.95
C THR B 407 -12.87 3.66 -33.58
N VAL B 408 -12.85 4.66 -34.43
CA VAL B 408 -13.71 5.82 -34.36
C VAL B 408 -14.61 5.88 -35.59
N VAL B 409 -15.93 5.92 -35.37
CA VAL B 409 -16.92 5.99 -36.48
C VAL B 409 -17.73 7.23 -36.39
N GLU B 410 -17.77 8.05 -37.44
CA GLU B 410 -18.61 9.20 -37.43
C GLU B 410 -20.07 8.76 -37.61
N THR B 411 -20.99 9.29 -36.79
CA THR B 411 -22.37 8.90 -36.88
C THR B 411 -23.22 10.05 -37.44
N THR B 412 -22.82 11.27 -37.17
CA THR B 412 -23.39 12.46 -37.83
C THR B 412 -22.39 13.62 -37.62
N ARG B 413 -22.65 14.80 -38.18
CA ARG B 413 -21.72 15.90 -38.00
C ARG B 413 -21.53 16.11 -36.45
N ASN B 414 -20.27 16.18 -36.05
CA ASN B 414 -19.87 16.44 -34.69
C ASN B 414 -20.23 15.31 -33.73
N GLU B 415 -20.54 14.14 -34.20
CA GLU B 415 -20.81 13.03 -33.29
C GLU B 415 -20.12 11.78 -33.78
N TYR B 416 -19.54 11.00 -32.86
CA TYR B 416 -18.82 9.81 -33.13
C TYR B 416 -19.16 8.70 -32.17
N ASN B 417 -19.05 7.48 -32.65
CA ASN B 417 -18.93 6.34 -31.81
C ASN B 417 -17.49 5.93 -31.68
N VAL B 418 -16.98 5.95 -30.45
CA VAL B 418 -15.66 5.42 -30.18
C VAL B 418 -15.83 4.01 -29.63
N SER B 419 -15.23 3.03 -30.27
CA SER B 419 -15.39 1.66 -29.83
C SER B 419 -14.81 1.40 -28.48
N VAL B 420 -15.43 0.51 -27.69
CA VAL B 420 -14.77 0.04 -26.47
C VAL B 420 -13.61 -0.85 -26.93
N PRO B 421 -12.63 -1.05 -26.05
CA PRO B 421 -11.49 -1.94 -26.37
C PRO B 421 -11.99 -3.38 -26.63
N LYS B 422 -11.25 -4.10 -27.47
CA LYS B 422 -11.62 -5.52 -27.75
C LYS B 422 -11.65 -6.35 -26.47
N LYS B 423 -10.70 -6.14 -25.59
CA LYS B 423 -10.64 -6.77 -24.27
C LYS B 423 -11.09 -5.78 -23.21
N ASN B 424 -12.11 -6.16 -22.47
CA ASN B 424 -12.65 -5.29 -21.42
C ASN B 424 -11.57 -5.01 -20.41
N PRO B 425 -11.24 -3.73 -20.13
CA PRO B 425 -10.18 -3.49 -19.16
C PRO B 425 -10.45 -3.94 -17.73
N GLY B 426 -11.71 -4.09 -17.40
CA GLY B 426 -12.12 -4.58 -16.09
C GLY B 426 -11.99 -3.62 -14.94
N GLU B 427 -11.81 -2.34 -15.26
CA GLU B 427 -11.67 -1.29 -14.25
C GLU B 427 -11.94 0.02 -15.02
N PRO B 428 -12.17 1.13 -14.28
CA PRO B 428 -12.29 2.38 -15.05
C PRO B 428 -11.01 2.65 -15.88
N TYR B 429 -11.18 3.13 -17.12
CA TYR B 429 -10.05 3.16 -18.02
C TYR B 429 -10.04 4.36 -18.88
N VAL B 430 -8.93 4.58 -19.62
CA VAL B 430 -8.78 5.79 -20.37
C VAL B 430 -8.54 5.53 -21.86
N ILE B 431 -9.25 6.29 -22.69
CA ILE B 431 -8.98 6.39 -24.15
C ILE B 431 -8.54 7.78 -24.38
N GLN B 432 -7.38 7.95 -25.03
CA GLN B 432 -6.90 9.28 -25.42
C GLN B 432 -7.27 9.62 -26.88
N LEU B 433 -7.89 10.79 -27.07
CA LEU B 433 -8.30 11.26 -28.39
C LEU B 433 -7.27 12.30 -28.83
N LYS B 434 -7.03 12.27 -30.16
CA LYS B 434 -6.37 13.34 -30.81
C LYS B 434 -7.47 14.11 -31.57
N VAL B 435 -7.59 15.38 -31.26
CA VAL B 435 -8.61 16.26 -31.80
C VAL B 435 -7.99 17.35 -32.65
N ARG B 436 -8.78 17.89 -33.54
CA ARG B 436 -8.31 18.97 -34.45
C ARG B 436 -9.37 20.04 -34.43
N ALA B 437 -8.93 21.29 -34.29
CA ALA B 437 -9.85 22.44 -34.28
C ALA B 437 -9.77 23.15 -35.67
N ALA B 438 -10.92 23.44 -36.25
CA ALA B 438 -10.94 24.05 -37.59
C ALA B 438 -10.46 25.47 -37.49
N LYS B 439 -9.78 25.93 -38.55
CA LYS B 439 -9.25 27.30 -38.54
C LYS B 439 -10.44 28.24 -38.60
N GLY B 440 -10.47 29.28 -37.75
CA GLY B 440 -11.57 30.30 -37.80
C GLY B 440 -12.98 29.90 -37.33
N THR B 441 -13.10 28.77 -36.64
CA THR B 441 -14.32 28.50 -35.82
C THR B 441 -13.91 28.65 -34.36
N LYS B 442 -14.92 28.91 -33.51
CA LYS B 442 -14.86 28.76 -32.01
C LYS B 442 -13.49 28.86 -31.32
N SER B 443 -13.19 27.95 -30.38
CA SER B 443 -11.95 28.01 -29.54
C SER B 443 -12.21 27.31 -28.24
N ILE B 444 -11.47 27.70 -27.22
CA ILE B 444 -11.07 26.76 -26.21
C ILE B 444 -9.88 26.01 -26.84
N TYR B 445 -9.98 25.42 -28.07
CA TYR B 445 -8.87 24.60 -28.68
C TYR B 445 -7.91 25.31 -29.70
N GLU C 1 20.82 -48.50 21.55
CA GLU C 1 19.56 -48.54 20.73
C GLU C 1 18.39 -49.12 21.51
N ILE C 2 17.36 -48.33 21.75
CA ILE C 2 16.05 -48.85 22.17
C ILE C 2 15.39 -49.46 20.93
N PRO C 3 14.94 -50.73 21.00
CA PRO C 3 14.35 -51.32 19.80
C PRO C 3 13.00 -50.63 19.57
N LEU C 4 12.72 -50.27 18.33
CA LEU C 4 11.42 -49.55 17.99
C LEU C 4 10.87 -50.08 16.71
N LYS C 5 9.53 -50.24 16.61
CA LYS C 5 8.88 -50.57 15.35
C LYS C 5 8.43 -49.33 14.63
N TYR C 6 8.24 -48.23 15.36
CA TYR C 6 7.58 -47.02 14.79
C TYR C 6 8.41 -45.74 14.91
N GLY C 7 9.75 -45.90 14.98
CA GLY C 7 10.65 -44.78 15.02
C GLY C 7 11.12 -44.40 13.61
N ALA C 8 12.26 -43.73 13.55
CA ALA C 8 12.73 -43.13 12.34
C ALA C 8 12.90 -44.09 11.19
N THR C 9 12.65 -43.59 9.99
CA THR C 9 12.76 -44.37 8.74
C THR C 9 13.91 -43.92 7.82
N ASN C 10 14.17 -42.61 7.73
CA ASN C 10 15.28 -42.06 6.96
C ASN C 10 16.56 -42.13 7.82
N GLU C 11 17.69 -42.51 7.21
CA GLU C 11 19.00 -42.51 7.90
C GLU C 11 19.47 -41.05 7.99
N GLY C 12 19.74 -40.39 6.89
CA GLY C 12 20.08 -38.92 6.99
C GLY C 12 19.12 -38.17 6.08
N LYS C 13 19.58 -37.14 5.36
CA LYS C 13 18.69 -36.36 4.47
C LYS C 13 18.32 -37.16 3.23
N ARG C 14 17.04 -37.12 2.85
CA ARG C 14 16.65 -37.61 1.54
C ARG C 14 17.31 -36.83 0.44
N GLN C 15 17.82 -37.54 -0.55
CA GLN C 15 18.39 -36.85 -1.69
C GLN C 15 17.74 -37.16 -3.02
N ASP C 16 16.59 -37.80 -3.01
CA ASP C 16 15.80 -37.94 -4.25
C ASP C 16 15.36 -36.60 -4.79
N PRO C 17 15.01 -36.52 -6.09
CA PRO C 17 14.72 -35.23 -6.68
C PRO C 17 13.56 -34.46 -6.03
N ALA C 18 12.55 -35.20 -5.57
CA ALA C 18 11.41 -34.54 -4.92
C ALA C 18 11.86 -33.84 -3.64
N MET C 19 12.65 -34.50 -2.80
CA MET C 19 13.17 -33.83 -1.62
C MET C 19 14.09 -32.66 -1.96
N GLN C 20 14.89 -32.81 -3.02
CA GLN C 20 15.75 -31.73 -3.42
C GLN C 20 14.94 -30.54 -3.87
N LYS C 21 13.80 -30.78 -4.48
CA LYS C 21 12.91 -29.67 -4.92
C LYS C 21 12.26 -28.99 -3.71
N PHE C 22 11.81 -29.81 -2.77
CA PHE C 22 11.24 -29.27 -1.51
C PHE C 22 12.19 -28.33 -0.84
N ARG C 23 13.45 -28.75 -0.74
CA ARG C 23 14.50 -27.99 -0.14
C ARG C 23 14.85 -26.75 -0.99
N ASP C 24 15.12 -26.91 -2.30
CA ASP C 24 15.58 -25.82 -3.13
C ASP C 24 14.58 -24.67 -3.23
N ASN C 25 13.30 -25.02 -3.16
CA ASN C 25 12.22 -24.01 -3.13
C ASN C 25 12.52 -22.91 -2.13
N ARG C 26 12.90 -23.34 -0.91
CA ARG C 26 13.27 -22.53 0.25
C ARG C 26 12.18 -21.60 0.85
N LEU C 27 11.51 -20.81 0.01
CA LEU C 27 10.53 -19.81 0.46
C LEU C 27 9.13 -20.24 0.09
N GLY C 28 8.29 -20.39 1.11
CA GLY C 28 6.93 -20.76 0.92
C GLY C 28 5.95 -19.72 1.56
N ALA C 29 4.69 -19.89 1.23
CA ALA C 29 3.57 -19.16 1.87
C ALA C 29 2.68 -20.16 2.53
N PHE C 30 2.05 -19.79 3.66
CA PHE C 30 1.04 -20.60 4.30
C PHE C 30 -0.32 -19.89 4.10
N ILE C 31 -1.37 -20.69 3.89
CA ILE C 31 -2.78 -20.17 3.85
C ILE C 31 -3.51 -20.85 4.95
N HIS C 32 -3.98 -20.09 5.95
CA HIS C 32 -4.93 -20.56 6.95
C HIS C 32 -6.30 -19.95 6.65
N TRP C 33 -7.18 -20.73 6.07
CA TRP C 33 -8.54 -20.22 5.68
C TRP C 33 -9.51 -21.24 6.06
N GLY C 34 -10.56 -20.82 6.82
CA GLY C 34 -11.56 -21.71 7.36
C GLY C 34 -12.71 -20.86 7.95
N LEU C 35 -13.66 -21.52 8.57
CA LEU C 35 -14.87 -20.82 9.12
C LEU C 35 -14.48 -19.74 10.09
N TYR C 36 -13.36 -19.92 10.81
CA TYR C 36 -12.82 -18.85 11.68
C TYR C 36 -12.60 -17.50 11.03
N ALA C 37 -12.45 -17.38 9.72
CA ALA C 37 -12.30 -16.10 9.10
C ALA C 37 -13.56 -15.21 9.28
N ILE C 38 -14.68 -15.88 9.43
CA ILE C 38 -16.00 -15.16 9.47
C ILE C 38 -16.10 -14.34 10.75
N PRO C 39 -16.05 -14.95 11.95
CA PRO C 39 -15.99 -14.12 13.15
C PRO C 39 -14.71 -13.28 13.31
N GLY C 40 -13.58 -13.75 12.75
CA GLY C 40 -12.38 -12.98 12.80
C GLY C 40 -11.88 -12.63 14.17
N GLY C 41 -11.96 -13.54 15.09
CA GLY C 41 -11.48 -13.37 16.45
C GLY C 41 -12.43 -12.74 17.44
N GLU C 42 -13.64 -12.49 16.92
CA GLU C 42 -14.67 -11.88 17.74
C GLU C 42 -15.87 -12.86 17.81
N TRP C 43 -16.33 -13.20 19.01
CA TRP C 43 -17.54 -14.00 19.17
C TRP C 43 -18.56 -13.15 19.92
N ASN C 44 -19.68 -12.95 19.24
CA ASN C 44 -20.88 -12.35 19.86
C ASN C 44 -20.53 -11.04 20.61
N GLY C 45 -19.83 -10.12 19.95
CA GLY C 45 -19.42 -8.87 20.52
C GLY C 45 -18.22 -8.79 21.45
N LYS C 46 -17.55 -9.89 21.73
CA LYS C 46 -16.33 -9.88 22.44
C LYS C 46 -15.10 -10.30 21.54
N VAL C 47 -14.11 -9.44 21.48
CA VAL C 47 -12.84 -9.70 20.78
C VAL C 47 -11.90 -10.47 21.69
N TYR C 48 -11.40 -11.63 21.24
CA TYR C 48 -10.53 -12.45 22.03
C TYR C 48 -9.12 -12.25 21.48
N GLY C 49 -8.14 -12.16 22.36
CA GLY C 49 -6.76 -11.89 21.90
C GLY C 49 -5.99 -13.17 21.51
N GLY C 50 -6.51 -14.34 21.85
CA GLY C 50 -5.96 -15.64 21.41
C GLY C 50 -6.01 -15.75 19.87
N ALA C 51 -5.29 -16.75 19.33
CA ALA C 51 -5.26 -16.95 17.90
C ALA C 51 -6.69 -17.15 17.35
N ALA C 52 -6.99 -16.44 16.28
CA ALA C 52 -8.38 -16.44 15.69
C ALA C 52 -8.87 -17.79 15.27
N GLU C 53 -7.94 -18.65 14.80
CA GLU C 53 -8.37 -19.96 14.39
C GLU C 53 -8.78 -20.89 15.49
N TRP C 54 -8.43 -20.50 16.74
CA TRP C 54 -8.84 -21.18 17.95
C TRP C 54 -10.05 -20.54 18.66
N LEU C 55 -10.73 -19.63 18.00
CA LEU C 55 -11.88 -18.91 18.64
C LEU C 55 -12.92 -19.90 19.18
N LYS C 56 -13.18 -21.01 18.47
CA LYS C 56 -14.19 -21.98 18.99
C LYS C 56 -13.87 -22.38 20.41
N SER C 57 -12.55 -22.56 20.68
CA SER C 57 -12.10 -22.89 21.99
C SER C 57 -12.17 -21.70 22.99
N TRP C 58 -11.67 -20.53 22.61
CA TRP C 58 -11.60 -19.39 23.52
C TRP C 58 -13.03 -19.00 23.97
N ALA C 59 -13.96 -19.03 23.05
CA ALA C 59 -15.35 -18.55 23.29
C ALA C 59 -16.23 -19.73 23.72
N LYS C 60 -15.69 -20.95 23.85
CA LYS C 60 -16.42 -22.14 24.30
C LYS C 60 -17.67 -22.45 23.46
N VAL C 61 -17.55 -22.33 22.14
CA VAL C 61 -18.66 -22.49 21.21
C VAL C 61 -18.82 -24.00 20.94
N PRO C 62 -20.00 -24.59 21.17
CA PRO C 62 -20.21 -25.99 20.83
C PRO C 62 -20.08 -26.20 19.33
N ALA C 63 -19.68 -27.43 18.95
CA ALA C 63 -19.54 -27.75 17.53
C ALA C 63 -20.75 -27.43 16.67
N ASP C 64 -21.97 -27.73 17.13
CA ASP C 64 -23.14 -27.53 16.28
C ASP C 64 -23.28 -26.05 15.95
N GLU C 65 -23.02 -25.18 16.93
CA GLU C 65 -23.16 -23.76 16.69
C GLU C 65 -22.02 -23.20 15.83
N TRP C 66 -20.80 -23.67 16.14
CA TRP C 66 -19.67 -23.21 15.36
C TRP C 66 -19.87 -23.54 13.87
N LEU C 67 -20.29 -24.77 13.62
CA LEU C 67 -20.42 -25.26 12.24
C LEU C 67 -21.55 -24.62 11.45
N LYS C 68 -22.49 -23.92 12.15
CA LYS C 68 -23.43 -23.06 11.44
C LYS C 68 -22.85 -21.90 10.72
N LEU C 69 -21.58 -21.56 10.98
CA LEU C 69 -20.91 -20.61 10.16
C LEU C 69 -20.84 -20.98 8.68
N MET C 70 -20.92 -22.26 8.36
CA MET C 70 -21.01 -22.72 7.01
C MET C 70 -22.12 -22.01 6.22
N ASP C 71 -23.18 -21.68 6.95
CA ASP C 71 -24.29 -20.92 6.31
C ASP C 71 -23.90 -19.53 5.84
N GLN C 72 -22.80 -18.96 6.35
CA GLN C 72 -22.28 -17.71 5.92
C GLN C 72 -21.11 -17.73 5.03
N TRP C 73 -20.68 -18.93 4.62
CA TRP C 73 -19.47 -19.04 3.88
C TRP C 73 -19.77 -18.76 2.41
N ASN C 74 -19.37 -17.58 1.97
CA ASN C 74 -19.61 -17.10 0.61
C ASN C 74 -18.58 -16.08 0.17
N PRO C 75 -17.33 -16.50 -0.05
CA PRO C 75 -16.26 -15.62 -0.37
C PRO C 75 -16.31 -15.11 -1.80
N THR C 76 -17.16 -14.12 -2.00
CA THR C 76 -17.42 -13.64 -3.34
C THR C 76 -16.24 -12.99 -3.99
N LYS C 77 -15.26 -12.49 -3.22
CA LYS C 77 -14.08 -11.90 -3.82
C LYS C 77 -12.95 -12.93 -4.12
N PHE C 78 -13.17 -14.17 -3.77
CA PHE C 78 -12.16 -15.22 -4.06
C PHE C 78 -11.88 -15.42 -5.52
N ASP C 79 -10.61 -15.41 -5.88
CA ASP C 79 -10.20 -15.68 -7.25
C ASP C 79 -8.84 -16.41 -7.12
N ALA C 80 -8.86 -17.71 -7.34
CA ALA C 80 -7.62 -18.51 -7.19
C ALA C 80 -6.50 -18.00 -8.06
N LYS C 81 -6.80 -17.51 -9.29
CA LYS C 81 -5.78 -16.97 -10.13
C LYS C 81 -5.10 -15.75 -9.52
N LYS C 82 -5.87 -14.91 -8.83
CA LYS C 82 -5.29 -13.72 -8.21
C LYS C 82 -4.42 -14.15 -6.99
N TRP C 83 -4.88 -15.12 -6.26
CA TRP C 83 -4.07 -15.67 -5.10
C TRP C 83 -2.72 -16.23 -5.62
N ALA C 84 -2.78 -16.95 -6.74
CA ALA C 84 -1.54 -17.49 -7.34
C ALA C 84 -0.63 -16.46 -7.93
N LYS C 85 -1.20 -15.39 -8.54
CA LYS C 85 -0.41 -14.25 -8.97
C LYS C 85 0.31 -13.56 -7.82
N MET C 86 -0.38 -13.41 -6.69
CA MET C 86 0.19 -12.78 -5.52
C MET C 86 1.38 -13.59 -5.03
N ALA C 87 1.20 -14.90 -4.98
CA ALA C 87 2.29 -15.78 -4.54
C ALA C 87 3.45 -15.71 -5.51
N LYS C 88 3.18 -15.71 -6.83
CA LYS C 88 4.25 -15.57 -7.83
C LYS C 88 5.05 -14.28 -7.70
N GLU C 89 4.35 -13.15 -7.50
CA GLU C 89 4.95 -11.90 -7.33
C GLU C 89 5.79 -11.81 -6.06
N MET C 90 5.34 -12.52 -5.02
CA MET C 90 6.04 -12.51 -3.74
C MET C 90 7.35 -13.29 -3.85
N GLY C 91 7.46 -14.15 -4.84
CA GLY C 91 8.63 -14.98 -4.96
C GLY C 91 8.51 -16.31 -4.19
N THR C 92 7.32 -16.69 -3.76
CA THR C 92 7.14 -17.97 -3.12
C THR C 92 7.15 -19.08 -4.16
N LYS C 93 7.83 -20.17 -3.81
CA LYS C 93 7.94 -21.31 -4.69
C LYS C 93 6.98 -22.47 -4.36
N TYR C 94 6.31 -22.36 -3.20
CA TYR C 94 5.33 -23.28 -2.81
C TYR C 94 4.36 -22.66 -1.80
N VAL C 95 3.19 -23.23 -1.72
CA VAL C 95 2.14 -22.80 -0.79
C VAL C 95 1.59 -23.97 -0.02
N LYS C 96 1.53 -23.83 1.30
CA LYS C 96 0.93 -24.78 2.21
C LYS C 96 -0.48 -24.31 2.59
N ILE C 97 -1.46 -25.18 2.45
CA ILE C 97 -2.90 -24.81 2.53
C ILE C 97 -3.54 -25.63 3.60
N THR C 98 -4.29 -24.98 4.54
CA THR C 98 -5.12 -25.66 5.45
C THR C 98 -6.26 -26.40 4.75
N THR C 99 -6.13 -27.71 4.55
CA THR C 99 -7.22 -28.48 3.99
C THR C 99 -8.39 -28.63 4.98
N LYS C 100 -8.06 -28.79 6.26
CA LYS C 100 -8.94 -28.98 7.33
C LYS C 100 -8.21 -28.60 8.60
N HIS C 101 -8.71 -27.56 9.28
CA HIS C 101 -8.10 -27.15 10.56
C HIS C 101 -8.82 -27.88 11.70
N HIS C 102 -8.54 -27.53 12.96
CA HIS C 102 -9.11 -28.20 14.12
C HIS C 102 -10.67 -28.19 14.13
N GLU C 103 -11.24 -27.10 13.63
CA GLU C 103 -12.71 -26.98 13.52
C GLU C 103 -13.36 -28.11 12.71
N GLY C 104 -12.57 -28.73 11.79
CA GLY C 104 -13.10 -29.87 11.03
C GLY C 104 -13.80 -29.54 9.70
N PHE C 105 -13.93 -28.27 9.35
CA PHE C 105 -14.45 -27.85 8.06
C PHE C 105 -13.42 -28.10 6.97
N CYS C 106 -13.87 -28.79 5.89
CA CYS C 106 -12.99 -29.13 4.76
C CYS C 106 -13.10 -28.21 3.61
N LEU C 107 -11.97 -27.76 3.14
CA LEU C 107 -11.88 -26.82 1.97
C LEU C 107 -12.08 -27.56 0.63
N TRP C 108 -12.23 -28.85 0.72
CA TRP C 108 -12.55 -29.73 -0.44
C TRP C 108 -13.80 -30.47 -0.08
N PRO C 109 -14.54 -30.98 -1.12
CA PRO C 109 -15.81 -31.60 -0.84
C PRO C 109 -15.69 -33.05 -0.42
N SER C 110 -15.24 -33.30 0.81
CA SER C 110 -14.99 -34.63 1.26
C SER C 110 -16.26 -35.46 1.28
N LYS C 111 -16.13 -36.73 0.90
CA LYS C 111 -17.26 -37.63 0.99
C LYS C 111 -17.46 -38.21 2.35
N TYR C 112 -16.59 -37.93 3.37
CA TYR C 112 -16.65 -38.57 4.63
C TYR C 112 -17.22 -37.69 5.79
N THR C 113 -17.64 -36.52 5.42
CA THR C 113 -18.30 -35.63 6.38
C THR C 113 -19.18 -34.68 5.61
N LYS C 114 -20.21 -34.17 6.31
CA LYS C 114 -21.00 -33.04 5.78
C LYS C 114 -20.44 -31.68 6.00
N TYR C 115 -19.38 -31.57 6.83
CA TYR C 115 -18.81 -30.26 7.10
C TYR C 115 -17.76 -29.85 6.10
N THR C 116 -18.18 -29.47 4.89
CA THR C 116 -17.33 -29.12 3.81
C THR C 116 -17.82 -27.96 2.99
N VAL C 117 -16.99 -27.43 2.11
CA VAL C 117 -17.29 -26.40 1.16
C VAL C 117 -18.54 -26.70 0.30
N ALA C 118 -18.83 -27.98 0.05
CA ALA C 118 -20.00 -28.35 -0.79
C ALA C 118 -21.33 -27.91 -0.11
N ASN C 119 -21.38 -27.93 1.22
CA ASN C 119 -22.59 -27.59 1.98
C ASN C 119 -22.59 -26.16 2.52
N THR C 120 -22.10 -25.27 1.70
CA THR C 120 -22.09 -23.83 1.96
C THR C 120 -22.69 -23.16 0.78
N PRO C 121 -23.05 -21.87 0.92
CA PRO C 121 -23.58 -21.17 -0.24
C PRO C 121 -22.63 -21.09 -1.42
N TYR C 122 -21.32 -21.03 -1.14
CA TYR C 122 -20.37 -20.91 -2.20
C TYR C 122 -20.27 -22.20 -3.06
N LYS C 123 -20.48 -23.34 -2.44
CA LYS C 123 -20.46 -24.70 -3.05
C LYS C 123 -19.10 -25.20 -3.62
N ARG C 124 -18.28 -24.33 -4.15
CA ARG C 124 -17.17 -24.71 -4.98
C ARG C 124 -16.00 -25.36 -4.17
N ASP C 125 -15.26 -26.19 -4.89
CA ASP C 125 -14.00 -26.87 -4.36
C ASP C 125 -12.87 -25.87 -4.33
N ILE C 126 -12.80 -25.10 -3.23
CA ILE C 126 -11.79 -24.12 -3.04
C ILE C 126 -10.39 -24.76 -3.20
N LEU C 127 -10.20 -25.88 -2.51
CA LEU C 127 -8.85 -26.54 -2.51
C LEU C 127 -8.43 -26.87 -3.95
N GLY C 128 -9.32 -27.48 -4.65
CA GLY C 128 -9.07 -27.80 -6.07
C GLY C 128 -8.79 -26.61 -6.94
N GLU C 129 -9.52 -25.50 -6.74
CA GLU C 129 -9.19 -24.29 -7.48
C GLU C 129 -7.86 -23.75 -7.19
N LEU C 130 -7.46 -23.85 -5.92
CA LEU C 130 -6.16 -23.33 -5.56
C LEU C 130 -5.04 -24.21 -6.15
N VAL C 131 -5.23 -25.50 -6.05
CA VAL C 131 -4.22 -26.45 -6.56
C VAL C 131 -3.93 -26.17 -8.04
N LYS C 132 -5.02 -26.00 -8.77
CA LYS C 132 -4.85 -25.65 -10.19
C LYS C 132 -4.13 -24.34 -10.42
N ALA C 133 -4.60 -23.26 -9.77
CA ALA C 133 -4.04 -21.93 -9.97
C ALA C 133 -2.61 -21.83 -9.57
N TYR C 134 -2.25 -22.36 -8.39
CA TYR C 134 -0.85 -22.37 -8.01
C TYR C 134 -0.01 -23.18 -8.97
N ASN C 135 -0.45 -24.39 -9.26
CA ASN C 135 0.33 -25.28 -10.15
C ASN C 135 0.52 -24.63 -11.56
N ASP C 136 -0.46 -23.87 -12.01
CA ASP C 136 -0.39 -23.12 -13.31
C ASP C 136 0.66 -22.06 -13.28
N GLU C 137 1.01 -21.53 -12.09
CA GLU C 137 2.09 -20.59 -11.95
C GLU C 137 3.44 -21.23 -11.66
N GLY C 138 3.51 -22.55 -11.68
CA GLY C 138 4.76 -23.30 -11.42
C GLY C 138 5.07 -23.37 -9.93
N ILE C 139 4.02 -23.24 -9.11
CA ILE C 139 4.16 -23.20 -7.63
C ILE C 139 3.69 -24.55 -7.07
N ASP C 140 4.53 -25.20 -6.22
CA ASP C 140 4.13 -26.48 -5.62
C ASP C 140 3.09 -26.25 -4.50
N VAL C 141 2.26 -27.23 -4.30
CA VAL C 141 1.26 -27.19 -3.24
C VAL C 141 1.48 -28.25 -2.16
N HIS C 142 1.41 -27.82 -0.90
CA HIS C 142 1.52 -28.65 0.25
C HIS C 142 0.21 -28.59 1.07
N PHE C 143 -0.19 -29.69 1.69
CA PHE C 143 -1.45 -29.77 2.44
C PHE C 143 -1.21 -29.87 3.95
N TYR C 144 -1.62 -28.82 4.65
CA TYR C 144 -1.81 -28.89 6.09
C TYR C 144 -3.02 -29.75 6.37
N PHE C 145 -2.94 -30.56 7.43
CA PHE C 145 -4.01 -31.40 7.87
C PHE C 145 -4.03 -31.52 9.37
N SER C 146 -5.17 -31.21 10.01
CA SER C 146 -5.32 -31.40 11.42
C SER C 146 -5.90 -32.75 11.78
N VAL C 147 -5.17 -33.58 12.51
CA VAL C 147 -5.70 -34.83 12.99
C VAL C 147 -6.83 -34.59 14.03
N MET C 148 -6.53 -33.85 15.10
CA MET C 148 -7.61 -33.35 16.02
C MET C 148 -8.72 -32.71 15.23
N ASP C 149 -9.95 -33.13 15.51
CA ASP C 149 -11.12 -32.67 14.75
C ASP C 149 -12.31 -32.49 15.72
N TRP C 150 -12.58 -31.21 15.98
CA TRP C 150 -13.62 -30.76 16.89
C TRP C 150 -15.02 -31.00 16.35
N SER C 151 -15.15 -31.39 15.05
CA SER C 151 -16.48 -31.64 14.44
C SER C 151 -16.90 -33.09 14.53
N ASN C 152 -15.99 -34.01 14.88
CA ASN C 152 -16.24 -35.44 14.84
C ASN C 152 -16.28 -35.96 16.22
N PRO C 153 -17.43 -36.47 16.66
CA PRO C 153 -17.57 -36.89 18.07
C PRO C 153 -16.89 -38.22 18.39
N ASP C 154 -16.27 -38.85 17.40
CA ASP C 154 -15.42 -39.99 17.64
C ASP C 154 -13.97 -39.58 18.02
N TYR C 155 -13.61 -38.33 17.89
CA TYR C 155 -12.28 -37.94 18.40
C TYR C 155 -12.23 -38.10 19.91
N ARG C 156 -11.04 -38.49 20.41
CA ARG C 156 -10.81 -38.58 21.81
C ARG C 156 -9.45 -37.93 22.11
N TYR C 157 -9.37 -37.25 23.26
CA TYR C 157 -8.11 -36.62 23.75
C TYR C 157 -7.18 -37.59 24.48
N ASP C 158 -7.77 -38.63 25.03
CA ASP C 158 -7.09 -39.73 25.64
C ASP C 158 -8.03 -40.96 25.61
N ILE C 159 -7.43 -42.11 25.78
CA ILE C 159 -8.15 -43.41 25.79
C ILE C 159 -8.22 -43.88 27.23
N LYS C 160 -9.38 -43.72 27.86
CA LYS C 160 -9.59 -44.11 29.28
C LYS C 160 -10.65 -45.21 29.48
N SER C 161 -11.13 -45.82 28.40
CA SER C 161 -12.18 -46.84 28.43
C SER C 161 -12.25 -47.59 27.11
N LYS C 162 -12.91 -48.76 27.15
CA LYS C 162 -13.12 -49.52 25.97
C LYS C 162 -13.94 -48.74 24.96
N GLU C 163 -14.90 -47.96 25.45
CA GLU C 163 -15.75 -47.14 24.59
C GLU C 163 -14.92 -46.05 23.85
N ASP C 164 -13.94 -45.51 24.56
CA ASP C 164 -13.00 -44.53 23.92
C ASP C 164 -12.19 -45.21 22.84
N SER C 165 -11.71 -46.41 23.11
CA SER C 165 -10.94 -47.18 22.15
CA SER C 165 -10.97 -47.21 22.16
C SER C 165 -11.75 -47.46 20.87
N ILE C 166 -13.02 -47.87 21.04
CA ILE C 166 -13.85 -48.13 19.85
C ILE C 166 -14.07 -46.91 19.02
N ALA C 167 -14.39 -45.79 19.67
CA ALA C 167 -14.63 -44.55 18.96
C ALA C 167 -13.35 -44.08 18.24
N PHE C 168 -12.25 -44.14 18.93
CA PHE C 168 -11.00 -43.57 18.36
C PHE C 168 -10.51 -44.44 17.21
N SER C 169 -10.71 -45.78 17.28
CA SER C 169 -10.35 -46.62 16.14
C SER C 169 -11.12 -46.23 14.91
N ARG C 170 -12.43 -45.94 15.11
CA ARG C 170 -13.24 -45.48 14.02
C ARG C 170 -12.78 -44.12 13.50
N PHE C 171 -12.41 -43.22 14.43
CA PHE C 171 -11.83 -41.94 14.12
C PHE C 171 -10.58 -42.01 13.21
N LEU C 172 -9.70 -42.95 13.55
CA LEU C 172 -8.48 -43.13 12.78
C LEU C 172 -8.74 -43.66 11.37
N GLU C 173 -9.76 -44.52 11.24
CA GLU C 173 -10.23 -44.94 9.91
C GLU C 173 -10.75 -43.79 9.08
N PHE C 174 -11.58 -42.94 9.70
CA PHE C 174 -12.08 -41.75 9.10
C PHE C 174 -10.95 -40.85 8.63
N THR C 175 -9.94 -40.70 9.49
CA THR C 175 -8.78 -39.86 9.16
C THR C 175 -7.99 -40.38 7.93
N ASP C 176 -7.75 -41.67 7.97
CA ASP C 176 -7.15 -42.37 6.82
C ASP C 176 -7.97 -42.16 5.55
N ASN C 177 -9.27 -42.33 5.63
CA ASN C 177 -10.18 -42.09 4.48
C ASN C 177 -10.05 -40.68 3.88
N GLN C 178 -10.05 -39.64 4.73
CA GLN C 178 -9.79 -38.28 4.24
C GLN C 178 -8.42 -38.06 3.63
N LEU C 179 -7.38 -38.65 4.24
CA LEU C 179 -6.03 -38.53 3.75
C LEU C 179 -5.86 -39.20 2.34
N LYS C 180 -6.42 -40.38 2.22
CA LYS C 180 -6.40 -41.09 0.91
C LYS C 180 -7.16 -40.30 -0.13
N GLU C 181 -8.30 -39.73 0.27
CA GLU C 181 -9.07 -38.86 -0.59
C GLU C 181 -8.33 -37.64 -1.10
N LEU C 182 -7.61 -36.94 -0.19
CA LEU C 182 -6.80 -35.85 -0.59
C LEU C 182 -5.68 -36.27 -1.60
N ALA C 183 -5.04 -37.36 -1.27
CA ALA C 183 -3.89 -37.84 -2.05
C ALA C 183 -4.30 -38.24 -3.48
N THR C 184 -5.50 -38.76 -3.62
CA THR C 184 -6.00 -39.28 -4.91
C THR C 184 -6.75 -38.23 -5.70
N ARG C 185 -7.44 -37.28 -5.00
CA ARG C 185 -8.07 -36.21 -5.74
C ARG C 185 -7.10 -35.18 -6.27
N TYR C 186 -5.99 -34.95 -5.55
CA TYR C 186 -5.03 -33.91 -5.84
C TYR C 186 -3.63 -34.52 -5.86
N PRO C 187 -3.34 -35.29 -6.91
CA PRO C 187 -2.10 -36.04 -6.92
C PRO C 187 -0.84 -35.24 -7.17
N THR C 188 -0.92 -33.95 -7.48
CA THR C 188 0.26 -33.10 -7.51
C THR C 188 0.73 -32.60 -6.13
N VAL C 189 0.04 -32.94 -5.11
CA VAL C 189 0.43 -32.56 -3.75
C VAL C 189 1.87 -33.02 -3.48
N LYS C 190 2.68 -32.18 -2.85
CA LYS C 190 4.11 -32.51 -2.62
C LYS C 190 4.45 -32.79 -1.16
N ASP C 191 3.52 -32.53 -0.22
CA ASP C 191 3.80 -32.55 1.21
C ASP C 191 2.55 -32.62 1.96
N PHE C 192 2.57 -33.34 3.10
CA PHE C 192 1.49 -33.30 4.10
C PHE C 192 2.10 -32.84 5.41
N TRP C 193 1.53 -31.75 5.92
CA TRP C 193 2.04 -31.07 7.11
C TRP C 193 1.00 -31.24 8.21
N PHE C 194 1.26 -32.09 9.17
CA PHE C 194 0.25 -32.40 10.20
C PHE C 194 0.33 -31.50 11.41
N ASP C 195 -0.86 -31.28 12.01
CA ASP C 195 -0.99 -30.56 13.29
C ASP C 195 -2.13 -31.25 14.05
N GLY C 196 -2.35 -30.86 15.30
CA GLY C 196 -3.32 -31.56 16.14
C GLY C 196 -2.97 -32.98 16.44
N THR C 197 -1.67 -33.23 16.70
CA THR C 197 -1.20 -34.59 16.92
C THR C 197 -0.53 -34.76 18.28
N TRP C 198 -0.71 -33.78 19.16
CA TRP C 198 -0.04 -33.78 20.49
C TRP C 198 -0.78 -34.57 21.53
N ASP C 199 -2.05 -34.89 21.30
CA ASP C 199 -2.85 -35.47 22.38
C ASP C 199 -2.36 -36.83 22.80
N ALA C 200 -2.64 -37.18 24.06
CA ALA C 200 -2.35 -38.50 24.57
C ALA C 200 -2.87 -39.65 23.71
N SER C 201 -4.07 -39.49 23.16
CA SER C 201 -4.64 -40.51 22.27
C SER C 201 -3.73 -40.81 21.06
N VAL C 202 -3.11 -39.76 20.48
CA VAL C 202 -2.24 -39.95 19.34
C VAL C 202 -0.90 -40.51 19.79
N LYS C 203 -0.37 -39.95 20.88
CA LYS C 203 0.92 -40.42 21.44
C LYS C 203 0.86 -41.90 21.77
N LYS C 204 -0.28 -42.35 22.28
CA LYS C 204 -0.47 -43.78 22.57
C LYS C 204 -0.61 -44.67 21.36
N ASN C 205 -0.83 -44.07 20.18
CA ASN C 205 -1.03 -44.74 18.92
C ASN C 205 0.01 -44.31 17.90
N GLY C 206 1.28 -44.35 18.32
CA GLY C 206 2.42 -44.10 17.43
C GLY C 206 2.43 -44.89 16.14
N TRP C 207 2.07 -46.17 16.23
CA TRP C 207 1.90 -47.07 15.10
C TRP C 207 1.08 -46.42 14.02
N TRP C 208 0.03 -45.67 14.42
CA TRP C 208 -0.85 -45.02 13.43
C TRP C 208 -0.11 -43.91 12.66
N THR C 209 0.72 -43.12 13.37
CA THR C 209 1.45 -42.06 12.76
C THR C 209 2.41 -42.62 11.72
N ALA C 210 3.06 -43.74 12.07
CA ALA C 210 3.95 -44.38 11.09
C ALA C 210 3.24 -44.96 9.88
N HIS C 211 2.08 -45.54 10.14
CA HIS C 211 1.20 -46.08 9.09
C HIS C 211 0.74 -44.97 8.18
N ALA C 212 0.36 -43.84 8.77
CA ALA C 212 -0.07 -42.70 7.90
C ALA C 212 1.00 -42.17 6.95
N GLU C 213 2.22 -42.05 7.47
CA GLU C 213 3.36 -41.65 6.68
C GLU C 213 3.56 -42.66 5.52
N GLN C 214 3.62 -43.93 5.85
CA GLN C 214 3.84 -44.96 4.81
C GLN C 214 2.72 -45.03 3.77
N MET C 215 1.48 -44.89 4.23
CA MET C 215 0.29 -44.91 3.34
C MET C 215 0.37 -43.78 2.33
N LEU C 216 0.68 -42.57 2.82
CA LEU C 216 0.79 -41.45 1.92
C LEU C 216 1.96 -41.58 0.94
N LYS C 217 3.09 -42.07 1.43
CA LYS C 217 4.28 -42.21 0.56
C LYS C 217 4.04 -43.26 -0.53
N GLU C 218 3.20 -44.26 -0.22
CA GLU C 218 2.76 -45.23 -1.29
C GLU C 218 1.84 -44.64 -2.31
N LEU C 219 0.95 -43.73 -1.90
CA LEU C 219 0.03 -43.11 -2.82
C LEU C 219 0.59 -41.94 -3.63
N VAL C 220 1.54 -41.22 -3.07
CA VAL C 220 2.06 -40.03 -3.69
C VAL C 220 3.58 -40.14 -3.76
N PRO C 221 4.12 -40.56 -4.93
CA PRO C 221 5.56 -40.73 -5.00
C PRO C 221 6.35 -39.48 -4.66
N GLY C 222 7.36 -39.63 -3.80
CA GLY C 222 8.24 -38.53 -3.43
C GLY C 222 7.62 -37.50 -2.43
N VAL C 223 6.42 -37.77 -1.96
CA VAL C 223 5.75 -36.82 -0.99
C VAL C 223 6.64 -36.68 0.24
N ALA C 224 6.64 -35.50 0.79
CA ALA C 224 7.28 -35.19 2.07
C ALA C 224 6.21 -35.21 3.20
N ILE C 225 6.66 -35.58 4.37
CA ILE C 225 5.81 -35.73 5.54
C ILE C 225 6.52 -35.09 6.72
N ASN C 226 5.87 -34.12 7.43
CA ASN C 226 6.54 -33.48 8.55
C ASN C 226 6.69 -34.31 9.86
N SER C 227 7.72 -33.92 10.64
CA SER C 227 8.02 -34.55 11.90
C SER C 227 6.90 -34.48 12.93
N ARG C 228 6.08 -33.41 12.87
CA ARG C 228 5.01 -33.19 13.87
C ARG C 228 3.96 -34.27 13.84
N LEU C 229 3.78 -34.93 12.69
CA LEU C 229 2.91 -36.08 12.64
C LEU C 229 3.26 -37.15 13.67
N ARG C 230 4.58 -37.37 13.86
CA ARG C 230 5.07 -38.67 14.27
C ARG C 230 5.32 -38.86 15.75
N ALA C 231 4.88 -40.01 16.26
CA ALA C 231 5.19 -40.47 17.61
C ALA C 231 5.69 -41.90 17.49
N ASP C 232 6.71 -42.26 18.30
CA ASP C 232 7.21 -43.61 18.25
C ASP C 232 6.45 -44.49 19.20
N ASP C 233 7.01 -45.70 19.41
CA ASP C 233 6.42 -46.74 20.25
C ASP C 233 6.23 -46.30 21.68
N LYS C 234 7.06 -45.41 22.17
CA LYS C 234 6.98 -44.91 23.51
C LYS C 234 6.22 -43.57 23.67
N GLY C 235 5.61 -43.07 22.58
CA GLY C 235 4.92 -41.80 22.60
C GLY C 235 5.80 -40.57 22.47
N LYS C 236 7.08 -40.76 22.16
CA LYS C 236 8.00 -39.63 21.95
C LYS C 236 7.76 -39.06 20.53
N ARG C 237 7.60 -37.75 20.47
CA ARG C 237 7.24 -37.07 19.21
C ARG C 237 8.42 -36.35 18.50
N HIS C 238 8.27 -36.19 17.18
CA HIS C 238 9.25 -35.54 16.26
C HIS C 238 10.58 -36.32 16.06
N PHE C 239 11.25 -36.50 17.18
CA PHE C 239 12.47 -37.34 17.26
C PHE C 239 12.17 -38.52 18.11
N ASP C 240 12.62 -39.70 17.66
CA ASP C 240 12.30 -40.94 18.35
C ASP C 240 13.16 -41.12 19.64
N SER C 241 12.92 -42.24 20.32
CA SER C 241 13.51 -42.49 21.62
C SER C 241 15.02 -42.68 21.49
N ASN C 242 15.50 -42.93 20.29
CA ASN C 242 16.94 -42.92 19.98
C ASN C 242 17.50 -41.58 19.44
N GLY C 243 16.70 -40.52 19.48
CA GLY C 243 17.10 -39.19 19.06
C GLY C 243 17.10 -39.00 17.55
N ARG C 244 16.49 -39.93 16.78
CA ARG C 244 16.48 -39.86 15.32
C ARG C 244 15.20 -39.14 14.82
N LEU C 245 15.38 -38.26 13.88
CA LEU C 245 14.20 -37.55 13.29
C LEU C 245 13.28 -38.47 12.58
N MET C 246 11.98 -38.36 12.89
CA MET C 246 10.95 -39.09 12.21
C MET C 246 10.32 -38.16 11.14
N GLY C 247 9.75 -38.78 10.14
CA GLY C 247 9.34 -38.02 8.94
C GLY C 247 10.51 -37.52 8.17
N ASP C 248 10.26 -36.63 7.24
CA ASP C 248 11.26 -36.19 6.26
C ASP C 248 12.03 -34.92 6.59
N TYR C 249 11.46 -34.13 7.49
CA TYR C 249 12.00 -32.83 7.87
C TYR C 249 11.41 -32.44 9.21
N GLU C 250 12.16 -31.66 9.93
CA GLU C 250 11.72 -31.17 11.21
C GLU C 250 10.83 -29.92 11.03
N SER C 251 9.60 -30.00 11.51
CA SER C 251 8.68 -28.86 11.50
C SER C 251 8.63 -28.32 12.90
N GLY C 252 9.06 -27.09 13.03
CA GLY C 252 9.14 -26.46 14.33
C GLY C 252 9.53 -25.00 14.17
N TYR C 253 9.98 -24.42 15.25
CA TYR C 253 10.54 -23.10 15.21
C TYR C 253 9.55 -21.96 14.94
N GLU C 254 8.27 -22.18 15.25
CA GLU C 254 7.29 -21.15 14.96
C GLU C 254 7.53 -19.91 15.79
N ARG C 255 8.01 -20.06 17.00
CA ARG C 255 8.22 -18.88 17.91
C ARG C 255 9.61 -18.27 17.69
N ARG C 256 10.62 -19.12 17.55
CA ARG C 256 12.02 -18.66 17.48
C ARG C 256 12.84 -19.64 16.60
N LEU C 257 13.62 -19.05 15.71
CA LEU C 257 14.46 -19.82 14.81
C LEU C 257 15.65 -20.41 15.57
N PRO C 258 16.30 -21.39 14.96
CA PRO C 258 17.50 -21.91 15.59
C PRO C 258 18.54 -20.84 15.77
N ASP C 259 19.29 -20.93 16.87
CA ASP C 259 20.34 -20.00 17.13
C ASP C 259 21.56 -20.22 16.20
N PRO C 260 22.03 -19.17 15.56
CA PRO C 260 23.05 -19.36 14.47
C PRO C 260 24.44 -19.80 14.99
N VAL C 261 24.65 -19.68 16.31
CA VAL C 261 25.91 -20.14 16.97
C VAL C 261 25.68 -21.44 17.71
N LYS C 262 24.62 -21.53 18.48
CA LYS C 262 24.41 -22.67 19.36
C LYS C 262 23.60 -23.84 18.84
N ASP C 263 22.90 -23.69 17.68
CA ASP C 263 22.02 -24.70 17.20
C ASP C 263 22.41 -25.20 15.82
N LEU C 264 23.71 -25.31 15.57
CA LEU C 264 24.18 -25.84 14.28
C LEU C 264 23.82 -27.28 14.02
N LYS C 265 23.40 -28.00 15.04
CA LYS C 265 22.89 -29.36 14.86
C LYS C 265 21.82 -29.46 13.75
N VAL C 266 20.98 -28.43 13.62
CA VAL C 266 19.88 -28.45 12.63
C VAL C 266 20.37 -28.55 11.19
N THR C 267 21.62 -28.18 10.92
CA THR C 267 22.16 -28.31 9.61
C THR C 267 22.33 -29.79 9.19
N GLN C 268 22.16 -30.71 10.14
CA GLN C 268 22.25 -32.15 9.82
C GLN C 268 20.99 -32.76 9.21
N TRP C 269 19.84 -32.03 9.24
CA TRP C 269 18.62 -32.55 8.71
C TRP C 269 17.84 -31.42 8.01
N ASP C 270 16.90 -31.82 7.16
CA ASP C 270 15.99 -30.84 6.52
C ASP C 270 15.03 -30.34 7.63
N TRP C 271 14.64 -29.07 7.47
CA TRP C 271 13.76 -28.44 8.43
C TRP C 271 13.07 -27.26 7.81
N GLU C 272 11.92 -26.87 8.39
CA GLU C 272 11.10 -25.81 7.86
C GLU C 272 10.47 -25.08 9.07
N ALA C 273 10.61 -23.75 9.06
CA ALA C 273 10.01 -22.88 10.04
C ALA C 273 8.79 -22.21 9.34
N CYS C 274 7.67 -22.15 10.06
CA CYS C 274 6.49 -21.40 9.58
C CYS C 274 6.27 -20.24 10.52
N MET C 275 5.92 -19.08 9.98
CA MET C 275 5.95 -17.84 10.75
C MET C 275 4.61 -17.08 10.54
N THR C 276 4.07 -16.52 11.61
CA THR C 276 3.00 -15.54 11.51
C THR C 276 3.57 -14.13 11.38
N ILE C 277 2.76 -13.21 10.82
CA ILE C 277 3.13 -11.81 10.75
C ILE C 277 2.94 -11.08 12.10
N PRO C 278 1.77 -11.18 12.73
CA PRO C 278 1.62 -10.82 14.12
C PRO C 278 2.31 -11.86 14.99
N GLU C 279 2.24 -11.70 16.31
CA GLU C 279 2.89 -12.61 17.21
C GLU C 279 2.34 -14.01 17.19
N ASN C 280 1.00 -14.18 17.16
CA ASN C 280 0.42 -15.53 17.04
C ASN C 280 -1.02 -15.46 16.56
N GLN C 281 -1.17 -15.13 15.26
CA GLN C 281 -2.49 -15.20 14.59
C GLN C 281 -2.25 -15.89 13.25
N TRP C 282 -2.86 -17.05 13.07
CA TRP C 282 -2.75 -17.78 11.80
C TRP C 282 -3.94 -17.51 10.90
N GLY C 283 -5.12 -17.81 11.42
CA GLY C 283 -6.32 -17.41 10.71
C GLY C 283 -6.53 -15.90 10.81
N TYR C 284 -7.46 -15.39 10.00
CA TYR C 284 -7.86 -14.00 10.02
C TYR C 284 -8.40 -13.54 11.41
N HIS C 285 -7.68 -12.57 11.94
CA HIS C 285 -8.11 -11.81 13.14
C HIS C 285 -8.33 -10.38 12.75
N LYS C 286 -9.52 -9.85 13.09
CA LYS C 286 -9.83 -8.48 12.62
C LYS C 286 -9.01 -7.33 13.26
N ASP C 287 -8.37 -7.55 14.39
CA ASP C 287 -7.65 -6.50 15.07
C ASP C 287 -6.16 -6.86 15.30
N TRP C 288 -5.34 -6.44 14.35
CA TRP C 288 -3.89 -6.69 14.48
C TRP C 288 -3.20 -5.66 15.38
N SER C 289 -3.94 -4.68 15.98
CA SER C 289 -3.30 -3.82 17.01
C SER C 289 -3.03 -4.53 18.34
N LEU C 290 -3.52 -5.75 18.54
CA LEU C 290 -3.42 -6.44 19.80
C LEU C 290 -2.04 -7.02 20.13
N SER C 291 -1.21 -7.17 19.12
CA SER C 291 0.18 -7.71 19.29
C SER C 291 1.12 -7.05 18.30
N TYR C 292 2.44 -7.31 18.46
CA TYR C 292 3.42 -6.82 17.57
C TYR C 292 3.27 -7.43 16.17
N VAL C 293 3.34 -6.60 15.16
CA VAL C 293 3.29 -7.00 13.76
C VAL C 293 4.61 -6.74 13.07
N LYS C 294 5.20 -7.82 12.52
CA LYS C 294 6.51 -7.74 11.94
C LYS C 294 6.52 -6.89 10.70
N THR C 295 7.61 -6.14 10.50
CA THR C 295 7.84 -5.41 9.27
C THR C 295 8.42 -6.29 8.19
N PRO C 296 8.35 -5.89 6.91
CA PRO C 296 8.97 -6.70 5.88
C PRO C 296 10.46 -7.04 6.08
N ILE C 297 11.26 -6.08 6.54
CA ILE C 297 12.69 -6.39 6.74
C ILE C 297 12.84 -7.43 7.84
N GLU C 298 12.00 -7.34 8.89
CA GLU C 298 12.03 -8.37 9.95
C GLU C 298 11.69 -9.78 9.43
N VAL C 299 10.76 -9.89 8.45
CA VAL C 299 10.46 -11.15 7.85
C VAL C 299 11.57 -11.64 6.90
N ILE C 300 12.12 -10.72 6.11
CA ILE C 300 13.22 -11.03 5.20
C ILE C 300 14.41 -11.52 6.03
N ASP C 301 14.66 -10.88 7.16
CA ASP C 301 15.72 -11.37 8.06
C ASP C 301 15.48 -12.84 8.45
N ARG C 302 14.26 -13.17 8.86
CA ARG C 302 13.91 -14.59 9.15
C ARG C 302 14.07 -15.55 7.97
N ILE C 303 13.65 -15.16 6.74
CA ILE C 303 13.79 -16.01 5.60
C ILE C 303 15.30 -16.34 5.35
N VAL C 304 16.16 -15.30 5.35
CA VAL C 304 17.60 -15.52 5.13
C VAL C 304 18.21 -16.33 6.28
N HIS C 305 17.84 -16.01 7.50
CA HIS C 305 18.30 -16.80 8.65
C HIS C 305 18.03 -18.24 8.46
N ALA C 306 16.82 -18.62 8.11
CA ALA C 306 16.50 -20.02 7.92
C ALA C 306 17.40 -20.65 6.84
N VAL C 307 17.52 -20.01 5.69
CA VAL C 307 18.29 -20.61 4.61
C VAL C 307 19.78 -20.78 5.04
N SER C 308 20.28 -19.80 5.76
CA SER C 308 21.65 -19.78 6.21
C SER C 308 21.94 -20.98 7.12
N MET C 309 20.91 -21.56 7.74
CA MET C 309 21.06 -22.75 8.57
C MET C 309 20.43 -23.95 7.96
N GLY C 310 20.29 -23.98 6.65
CA GLY C 310 19.86 -25.15 5.95
C GLY C 310 18.38 -25.51 6.00
N GLY C 311 17.56 -24.47 6.24
CA GLY C 311 16.11 -24.65 6.42
C GLY C 311 15.28 -23.79 5.48
N ASN C 312 14.01 -24.19 5.40
CA ASN C 312 13.01 -23.46 4.62
C ASN C 312 12.26 -22.50 5.54
N MET C 313 11.63 -21.47 4.96
CA MET C 313 10.86 -20.48 5.72
C MET C 313 9.52 -20.22 5.00
N VAL C 314 8.45 -20.24 5.77
CA VAL C 314 7.06 -20.14 5.21
C VAL C 314 6.37 -18.97 5.92
N VAL C 315 5.90 -18.00 5.12
CA VAL C 315 5.23 -16.81 5.62
C VAL C 315 3.72 -17.08 5.57
N ASN C 316 3.05 -16.99 6.73
CA ASN C 316 1.64 -17.22 6.79
C ASN C 316 0.78 -16.02 6.38
N PHE C 317 -0.35 -16.39 5.76
CA PHE C 317 -1.46 -15.46 5.40
C PHE C 317 -2.72 -16.04 5.93
N GLY C 318 -3.61 -15.16 6.48
CA GLY C 318 -4.94 -15.56 6.91
C GLY C 318 -6.03 -14.78 6.15
N PRO C 319 -6.42 -15.28 4.97
CA PRO C 319 -7.36 -14.50 4.09
C PRO C 319 -8.68 -14.15 4.85
N GLN C 320 -9.20 -12.98 4.43
CA GLN C 320 -10.51 -12.50 4.91
C GLN C 320 -11.61 -13.43 4.52
N ALA C 321 -12.74 -13.37 5.23
CA ALA C 321 -13.88 -14.19 4.89
C ALA C 321 -14.41 -13.96 3.46
N ASP C 322 -14.21 -12.76 2.92
CA ASP C 322 -14.68 -12.46 1.54
C ASP C 322 -13.83 -13.06 0.47
N GLY C 323 -12.66 -13.64 0.85
CA GLY C 323 -11.73 -14.20 -0.19
C GLY C 323 -10.66 -13.29 -0.69
N ASP C 324 -10.50 -12.07 -0.15
CA ASP C 324 -9.41 -11.19 -0.44
C ASP C 324 -8.41 -11.21 0.75
N PHE C 325 -7.29 -10.53 0.54
CA PHE C 325 -6.29 -10.38 1.59
C PHE C 325 -6.32 -9.00 2.11
N ARG C 326 -6.08 -8.90 3.42
CA ARG C 326 -5.90 -7.62 4.08
C ARG C 326 -4.74 -6.81 3.66
N PRO C 327 -4.79 -5.48 3.86
CA PRO C 327 -3.75 -4.67 3.25
C PRO C 327 -2.34 -4.89 3.76
N GLU C 328 -2.21 -5.27 5.03
CA GLU C 328 -0.91 -5.54 5.60
C GLU C 328 -0.29 -6.75 4.90
N GLU C 329 -1.10 -7.70 4.51
CA GLU C 329 -0.59 -8.93 3.83
C GLU C 329 -0.25 -8.66 2.39
N LYS C 330 -1.08 -7.85 1.70
CA LYS C 330 -0.66 -7.45 0.34
C LYS C 330 0.61 -6.67 0.34
N ALA C 331 0.77 -5.75 1.28
CA ALA C 331 1.95 -4.99 1.39
C ALA C 331 3.18 -5.88 1.64
N MET C 332 3.00 -6.84 2.51
CA MET C 332 4.12 -7.77 2.88
C MET C 332 4.57 -8.60 1.70
N ALA C 333 3.62 -9.16 1.00
CA ALA C 333 3.87 -9.94 -0.20
C ALA C 333 4.58 -9.12 -1.25
N THR C 334 4.12 -7.89 -1.47
CA THR C 334 4.79 -7.01 -2.43
C THR C 334 6.21 -6.67 -2.03
N ALA C 335 6.42 -6.34 -0.76
CA ALA C 335 7.72 -5.94 -0.28
C ALA C 335 8.73 -7.11 -0.36
N ILE C 336 8.30 -8.27 0.08
CA ILE C 336 9.13 -9.47 -0.03
C ILE C 336 9.48 -9.79 -1.48
N GLY C 337 8.52 -9.63 -2.37
CA GLY C 337 8.72 -9.87 -3.81
C GLY C 337 9.72 -8.94 -4.45
N LYS C 338 9.69 -7.68 -4.08
CA LYS C 338 10.64 -6.68 -4.56
C LYS C 338 12.07 -7.02 -4.14
N TRP C 339 12.24 -7.39 -2.86
CA TRP C 339 13.55 -7.84 -2.39
C TRP C 339 14.06 -9.13 -3.04
N MET C 340 13.19 -10.15 -3.14
CA MET C 340 13.53 -11.43 -3.69
C MET C 340 13.94 -11.26 -5.18
N ASN C 341 13.31 -10.33 -5.86
CA ASN C 341 13.59 -10.10 -7.28
C ASN C 341 15.02 -9.61 -7.44
N ARG C 342 15.50 -8.82 -6.50
CA ARG C 342 16.87 -8.34 -6.52
C ARG C 342 17.87 -9.32 -5.99
N TYR C 343 17.49 -10.00 -4.89
CA TYR C 343 18.47 -10.70 -4.06
C TYR C 343 18.23 -12.19 -3.92
N GLY C 344 17.19 -12.70 -4.58
CA GLY C 344 16.83 -14.09 -4.51
C GLY C 344 17.84 -15.15 -4.86
N LYS C 345 18.88 -14.79 -5.61
CA LYS C 345 19.96 -15.74 -5.91
C LYS C 345 20.64 -16.26 -4.64
N ALA C 346 20.57 -15.47 -3.56
CA ALA C 346 21.16 -15.83 -2.26
C ALA C 346 20.19 -16.66 -1.36
N VAL C 347 18.97 -16.95 -1.85
CA VAL C 347 17.97 -17.66 -1.11
C VAL C 347 17.62 -18.96 -1.81
N TYR C 348 17.07 -18.87 -3.04
CA TYR C 348 16.68 -20.05 -3.74
C TYR C 348 17.87 -21.03 -4.00
N ALA C 349 17.61 -22.31 -3.74
CA ALA C 349 18.57 -23.39 -3.88
C ALA C 349 19.85 -23.13 -3.09
N CYS C 350 19.82 -22.38 -1.98
CA CYS C 350 20.96 -22.10 -1.18
C CYS C 350 20.88 -22.89 0.13
N ASP C 351 21.99 -22.92 0.84
CA ASP C 351 22.17 -23.77 2.05
C ASP C 351 23.20 -23.21 2.97
N TYR C 352 23.41 -23.90 4.07
CA TYR C 352 24.36 -23.57 5.07
C TYR C 352 25.79 -23.49 4.42
N ALA C 353 26.54 -22.46 4.76
CA ALA C 353 27.86 -22.24 4.18
C ALA C 353 29.01 -22.76 5.02
N GLY C 354 28.80 -23.12 6.26
CA GLY C 354 29.91 -23.63 7.13
C GLY C 354 30.87 -22.59 7.67
N PHE C 355 30.52 -21.30 7.62
CA PHE C 355 31.38 -20.19 8.05
C PHE C 355 30.92 -19.80 9.45
N GLU C 356 31.81 -19.29 10.28
CA GLU C 356 31.45 -18.78 11.59
C GLU C 356 30.56 -17.55 11.43
N LYS C 357 29.49 -17.53 12.23
CA LYS C 357 28.54 -16.40 12.16
C LYS C 357 29.20 -15.06 12.46
N GLN C 358 28.87 -13.98 11.69
CA GLN C 358 29.29 -12.64 11.95
C GLN C 358 28.13 -11.68 12.17
N ASP C 359 28.39 -10.53 12.74
CA ASP C 359 27.34 -9.63 13.23
C ASP C 359 26.59 -8.93 12.12
N TRP C 360 27.20 -8.80 10.95
CA TRP C 360 26.58 -7.98 9.89
C TRP C 360 25.38 -8.68 9.25
N GLY C 361 25.22 -9.97 9.43
CA GLY C 361 24.17 -10.74 8.75
C GLY C 361 24.49 -12.19 8.61
N TYR C 362 24.13 -12.77 7.45
CA TYR C 362 24.16 -14.17 7.26
C TYR C 362 24.95 -14.54 6.03
N TYR C 363 25.58 -15.71 6.06
CA TYR C 363 26.06 -16.31 4.82
C TYR C 363 25.07 -17.33 4.26
N THR C 364 24.99 -17.43 2.92
CA THR C 364 24.41 -18.58 2.28
C THR C 364 25.32 -19.17 1.18
N ARG C 365 25.16 -20.43 0.86
CA ARG C 365 26.00 -21.13 -0.13
C ARG C 365 25.15 -21.58 -1.29
N GLY C 366 25.56 -21.21 -2.50
CA GLY C 366 24.88 -21.59 -3.70
C GLY C 366 25.32 -22.94 -4.24
N LYS C 367 24.61 -23.40 -5.27
CA LYS C 367 24.82 -24.72 -5.81
C LYS C 367 26.21 -24.89 -6.45
N ASN C 368 26.82 -23.79 -6.87
CA ASN C 368 28.17 -23.81 -7.45
C ASN C 368 29.21 -23.25 -6.53
N ASP C 369 28.97 -23.36 -5.23
CA ASP C 369 29.88 -22.89 -4.20
C ASP C 369 30.07 -21.40 -4.14
N GLU C 370 29.14 -20.64 -4.68
CA GLU C 370 29.07 -19.22 -4.40
C GLU C 370 28.87 -19.11 -2.88
N VAL C 371 29.48 -18.12 -2.26
CA VAL C 371 29.18 -17.79 -0.86
C VAL C 371 28.64 -16.38 -0.87
N TYR C 372 27.39 -16.24 -0.45
CA TYR C 372 26.74 -14.95 -0.40
C TYR C 372 26.75 -14.37 1.01
N MET C 373 27.11 -13.09 1.12
CA MET C 373 27.06 -12.35 2.36
C MET C 373 25.77 -11.53 2.26
N VAL C 374 24.79 -11.82 3.14
CA VAL C 374 23.58 -11.00 3.16
C VAL C 374 23.65 -10.10 4.38
N VAL C 375 23.78 -8.82 4.14
CA VAL C 375 24.07 -7.79 5.13
C VAL C 375 22.81 -7.08 5.58
N PHE C 376 22.49 -7.27 6.87
CA PHE C 376 21.36 -6.63 7.53
C PHE C 376 21.75 -5.51 8.47
N ASN C 377 22.99 -5.57 9.01
CA ASN C 377 23.43 -4.63 10.03
C ASN C 377 24.73 -4.01 9.51
N GLN C 378 24.68 -2.75 9.15
CA GLN C 378 25.76 -2.07 8.43
C GLN C 378 26.79 -1.54 9.44
N PRO C 379 28.06 -2.01 9.33
CA PRO C 379 29.03 -1.53 10.28
C PRO C 379 29.47 -0.10 10.06
N TYR C 380 29.53 0.67 11.14
CA TYR C 380 30.16 2.00 11.09
C TYR C 380 31.63 1.93 10.69
N SER C 381 32.28 0.78 10.93
CA SER C 381 33.67 0.60 10.53
C SER C 381 33.88 0.61 9.03
N GLU C 382 32.82 0.38 8.30
CA GLU C 382 32.84 0.21 6.84
C GLU C 382 33.55 -1.01 6.35
N ARG C 383 33.69 -1.98 7.25
CA ARG C 383 34.30 -3.23 6.99
C ARG C 383 33.43 -4.38 7.50
N LEU C 384 33.29 -5.39 6.67
CA LEU C 384 32.55 -6.61 6.97
C LEU C 384 33.52 -7.74 7.21
N ILE C 385 33.56 -8.20 8.47
CA ILE C 385 34.52 -9.28 8.81
C ILE C 385 34.13 -10.62 8.24
N VAL C 386 35.09 -11.30 7.57
CA VAL C 386 34.87 -12.63 7.09
C VAL C 386 35.97 -13.53 7.63
N LYS C 387 35.60 -14.45 8.51
CA LYS C 387 36.48 -15.49 8.96
C LYS C 387 36.20 -16.75 8.19
N THR C 388 37.21 -17.24 7.42
CA THR C 388 37.02 -18.44 6.61
C THR C 388 37.37 -19.74 7.36
N PRO C 389 36.72 -20.85 6.99
CA PRO C 389 37.13 -22.14 7.55
C PRO C 389 38.53 -22.53 7.04
N LYS C 390 39.12 -23.51 7.71
CA LYS C 390 40.47 -24.01 7.35
C LYS C 390 40.43 -24.43 5.91
N GLY C 391 41.43 -24.03 5.15
CA GLY C 391 41.52 -24.40 3.75
C GLY C 391 40.80 -23.54 2.74
N ILE C 392 40.01 -22.57 3.19
CA ILE C 392 39.25 -21.70 2.30
C ILE C 392 39.79 -20.28 2.24
N THR C 393 40.00 -19.76 1.02
CA THR C 393 40.38 -18.37 0.78
C THR C 393 39.34 -17.64 -0.05
N VAL C 394 39.29 -16.33 0.13
CA VAL C 394 38.42 -15.44 -0.61
C VAL C 394 39.26 -14.88 -1.72
N GLU C 395 38.83 -15.16 -2.95
CA GLU C 395 39.46 -14.68 -4.17
C GLU C 395 38.86 -13.35 -4.69
N LYS C 396 37.55 -13.11 -4.50
CA LYS C 396 36.93 -11.92 -5.06
C LYS C 396 35.64 -11.66 -4.29
N ALA C 397 35.26 -10.40 -4.25
CA ALA C 397 33.94 -10.01 -3.76
C ALA C 397 33.32 -9.10 -4.79
N THR C 398 32.01 -9.25 -4.96
CA THR C 398 31.24 -8.54 -5.96
C THR C 398 29.87 -8.13 -5.42
N LEU C 399 29.45 -6.89 -5.65
CA LEU C 399 28.09 -6.48 -5.28
C LEU C 399 27.10 -7.15 -6.21
N LEU C 400 26.19 -7.94 -5.65
CA LEU C 400 25.33 -8.78 -6.49
C LEU C 400 24.54 -7.97 -7.52
N THR C 401 23.97 -6.85 -7.09
CA THR C 401 23.08 -6.11 -7.98
C THR C 401 23.81 -5.43 -9.15
N THR C 402 25.01 -4.91 -8.95
CA THR C 402 25.67 -4.05 -9.95
C THR C 402 26.85 -4.74 -10.63
N GLY C 403 27.36 -5.81 -10.02
CA GLY C 403 28.58 -6.45 -10.46
C GLY C 403 29.87 -5.74 -10.07
N GLU C 404 29.79 -4.65 -9.31
CA GLU C 404 30.96 -3.87 -8.98
C GLU C 404 31.87 -4.66 -8.03
N ASP C 405 33.16 -4.49 -8.25
CA ASP C 405 34.15 -5.19 -7.51
C ASP C 405 34.26 -4.52 -6.12
N ILE C 406 34.43 -5.37 -5.12
CA ILE C 406 34.46 -4.92 -3.72
C ILE C 406 35.83 -5.29 -3.16
N THR C 407 36.47 -4.32 -2.51
CA THR C 407 37.81 -4.54 -1.95
C THR C 407 37.79 -5.58 -0.84
N VAL C 408 38.72 -6.54 -0.92
CA VAL C 408 38.96 -7.53 0.12
C VAL C 408 40.38 -7.40 0.65
N VAL C 409 40.52 -7.24 1.96
CA VAL C 409 41.84 -7.06 2.61
C VAL C 409 42.03 -8.19 3.59
N GLU C 410 43.13 -8.93 3.49
CA GLU C 410 43.44 -9.95 4.48
C GLU C 410 43.94 -9.29 5.77
N THR C 411 43.40 -9.67 6.91
CA THR C 411 43.74 -8.99 8.15
C THR C 411 44.57 -9.91 9.06
N THR C 412 44.30 -11.20 9.00
CA THR C 412 45.13 -12.20 9.63
C THR C 412 44.85 -13.54 8.95
N ARG C 413 45.50 -14.62 9.40
CA ARG C 413 45.28 -15.93 8.83
C ARG C 413 43.75 -16.24 8.90
N ASN C 414 43.19 -16.58 7.77
CA ASN C 414 41.77 -16.95 7.66
C ASN C 414 40.82 -15.84 8.05
N GLU C 415 41.27 -14.60 8.05
CA GLU C 415 40.33 -13.50 8.26
C GLU C 415 40.53 -12.37 7.27
N TYR C 416 39.44 -11.77 6.83
CA TYR C 416 39.43 -10.68 5.87
C TYR C 416 38.49 -9.58 6.32
N ASN C 417 38.79 -8.34 5.91
CA ASN C 417 37.85 -7.28 5.85
C ASN C 417 37.30 -7.14 4.43
N VAL C 418 36.01 -7.36 4.26
CA VAL C 418 35.32 -7.05 2.98
C VAL C 418 34.74 -5.68 3.06
N SER C 419 35.10 -4.76 2.15
CA SER C 419 34.57 -3.41 2.28
C SER C 419 33.06 -3.35 2.02
N VAL C 420 32.41 -2.41 2.64
CA VAL C 420 31.02 -2.12 2.30
C VAL C 420 31.05 -1.44 0.93
N PRO C 421 29.92 -1.43 0.24
CA PRO C 421 29.91 -0.75 -1.09
C PRO C 421 30.15 0.75 -0.99
N LYS C 422 30.64 1.34 -2.09
CA LYS C 422 30.93 2.78 -2.12
C LYS C 422 29.69 3.58 -1.76
N LYS C 423 28.55 3.17 -2.28
CA LYS C 423 27.29 3.79 -1.98
C LYS C 423 26.45 2.85 -1.11
N ASN C 424 25.89 3.38 -0.05
CA ASN C 424 25.13 2.53 0.86
C ASN C 424 23.91 2.01 0.10
N PRO C 425 23.69 0.69 0.05
CA PRO C 425 22.51 0.22 -0.67
C PRO C 425 21.16 0.64 -0.10
N GLY C 426 21.14 1.02 1.18
CA GLY C 426 19.91 1.50 1.84
C GLY C 426 18.86 0.43 2.16
N GLU C 427 19.24 -0.84 2.08
CA GLU C 427 18.37 -1.93 2.36
C GLU C 427 19.31 -3.13 2.58
N PRO C 428 18.77 -4.24 3.13
CA PRO C 428 19.64 -5.43 3.21
C PRO C 428 20.13 -5.85 1.82
N TYR C 429 21.42 -6.18 1.71
CA TYR C 429 22.01 -6.37 0.42
C TYR C 429 22.96 -7.55 0.36
N VAL C 430 23.42 -7.91 -0.82
CA VAL C 430 24.21 -9.11 -0.99
C VAL C 430 25.56 -8.81 -1.67
N ILE C 431 26.62 -9.33 -1.05
CA ILE C 431 27.94 -9.36 -1.67
C ILE C 431 28.24 -10.79 -1.95
N GLN C 432 28.60 -11.09 -3.19
CA GLN C 432 28.91 -12.44 -3.56
C GLN C 432 30.39 -12.70 -3.50
N LEU C 433 30.82 -13.74 -2.78
CA LEU C 433 32.22 -14.13 -2.70
C LEU C 433 32.51 -15.26 -3.66
N LYS C 434 33.72 -15.19 -4.26
CA LYS C 434 34.29 -16.33 -4.91
C LYS C 434 35.34 -16.88 -3.94
N VAL C 435 35.21 -18.13 -3.61
CA VAL C 435 36.11 -18.79 -2.66
C VAL C 435 36.83 -19.94 -3.32
N ARG C 436 37.96 -20.35 -2.74
CA ARG C 436 38.77 -21.45 -3.23
C ARG C 436 39.03 -22.37 -2.04
N ALA C 437 38.79 -23.65 -2.25
CA ALA C 437 39.12 -24.73 -1.34
C ALA C 437 40.32 -25.52 -1.91
N GLU D 1 -31.89 -66.05 -13.41
CA GLU D 1 -31.22 -64.87 -12.78
C GLU D 1 -29.76 -65.25 -12.48
N ILE D 2 -28.84 -64.75 -13.29
CA ILE D 2 -27.41 -65.05 -13.17
C ILE D 2 -26.78 -64.13 -12.09
N PRO D 3 -26.05 -64.70 -11.12
CA PRO D 3 -25.40 -63.82 -10.14
C PRO D 3 -24.28 -63.01 -10.81
N LEU D 4 -24.22 -61.72 -10.55
CA LEU D 4 -23.23 -60.83 -11.15
C LEU D 4 -22.73 -59.84 -10.13
N LYS D 5 -21.42 -59.58 -10.11
CA LYS D 5 -20.89 -58.50 -9.32
C LYS D 5 -20.78 -57.20 -10.09
N TYR D 6 -20.76 -57.26 -11.42
CA TYR D 6 -20.47 -56.07 -12.24
C TYR D 6 -21.57 -55.77 -13.27
N GLY D 7 -22.81 -56.19 -12.96
CA GLY D 7 -23.96 -55.87 -13.80
C GLY D 7 -24.69 -54.60 -13.35
N ALA D 8 -25.97 -54.51 -13.69
CA ALA D 8 -26.70 -53.24 -13.55
C ALA D 8 -26.79 -52.78 -12.12
N THR D 9 -26.79 -51.47 -11.97
CA THR D 9 -26.87 -50.81 -10.68
C THR D 9 -28.22 -50.09 -10.46
N ASN D 10 -28.77 -49.44 -11.49
CA ASN D 10 -30.09 -48.80 -11.43
C ASN D 10 -31.17 -49.89 -11.68
N GLU D 11 -32.29 -49.80 -10.96
CA GLU D 11 -33.53 -50.51 -11.29
C GLU D 11 -34.43 -49.40 -11.81
N GLY D 12 -34.73 -49.38 -13.10
CA GLY D 12 -35.58 -48.32 -13.64
C GLY D 12 -34.83 -47.01 -13.85
N LYS D 13 -35.57 -46.01 -14.30
CA LYS D 13 -34.97 -44.73 -14.60
C LYS D 13 -34.58 -44.00 -13.33
N ARG D 14 -33.42 -43.33 -13.36
CA ARG D 14 -33.10 -42.36 -12.35
C ARG D 14 -34.10 -41.23 -12.39
N GLN D 15 -34.55 -40.81 -11.20
CA GLN D 15 -35.39 -39.63 -11.12
C GLN D 15 -34.88 -38.50 -10.22
N ASP D 16 -33.60 -38.57 -9.86
CA ASP D 16 -32.94 -37.42 -9.24
C ASP D 16 -32.90 -36.22 -10.15
N PRO D 17 -32.75 -35.01 -9.59
CA PRO D 17 -32.76 -33.82 -10.42
C PRO D 17 -31.74 -33.76 -11.55
N ALA D 18 -30.51 -34.25 -11.33
CA ALA D 18 -29.52 -34.26 -12.42
C ALA D 18 -29.96 -35.11 -13.60
N MET D 19 -30.51 -36.27 -13.34
CA MET D 19 -30.99 -37.13 -14.46
C MET D 19 -32.23 -36.53 -15.13
N GLN D 20 -33.10 -35.91 -14.34
CA GLN D 20 -34.19 -35.18 -14.94
C GLN D 20 -33.71 -34.05 -15.84
N LYS D 21 -32.62 -33.35 -15.50
CA LYS D 21 -32.13 -32.27 -16.33
C LYS D 21 -31.53 -32.82 -17.62
N PHE D 22 -30.79 -33.92 -17.46
CA PHE D 22 -30.17 -34.61 -18.65
C PHE D 22 -31.27 -34.93 -19.68
N ARG D 23 -32.35 -35.50 -19.17
CA ARG D 23 -33.47 -35.93 -19.97
C ARG D 23 -34.22 -34.69 -20.57
N ASP D 24 -34.57 -33.72 -19.72
CA ASP D 24 -35.35 -32.60 -20.18
C ASP D 24 -34.68 -31.78 -21.26
N ASN D 25 -33.35 -31.69 -21.19
CA ASN D 25 -32.61 -30.98 -22.17
C ASN D 25 -33.01 -31.40 -23.62
N ARG D 26 -33.08 -32.73 -23.82
CA ARG D 26 -33.45 -33.43 -25.04
C ARG D 26 -32.53 -33.23 -26.26
N LEU D 27 -32.18 -31.99 -26.60
CA LEU D 27 -31.43 -31.72 -27.84
C LEU D 27 -30.03 -31.30 -27.47
N GLY D 28 -29.06 -32.03 -28.00
CA GLY D 28 -27.66 -31.70 -27.80
C GLY D 28 -26.90 -31.55 -29.11
N ALA D 29 -25.65 -31.05 -28.96
CA ALA D 29 -24.67 -31.00 -30.06
C ALA D 29 -23.43 -31.83 -29.66
N PHE D 30 -22.84 -32.45 -30.67
CA PHE D 30 -21.58 -33.23 -30.46
C PHE D 30 -20.49 -32.42 -31.17
N ILE D 31 -19.32 -32.33 -30.51
CA ILE D 31 -18.14 -31.76 -31.10
C ILE D 31 -17.05 -32.87 -31.19
N HIS D 32 -16.66 -33.18 -32.42
CA HIS D 32 -15.51 -34.10 -32.66
C HIS D 32 -14.40 -33.23 -33.21
N TRP D 33 -13.42 -32.93 -32.34
CA TRP D 33 -12.28 -32.10 -32.77
C TRP D 33 -11.02 -32.67 -32.22
N GLY D 34 -10.10 -32.95 -33.12
CA GLY D 34 -8.81 -33.57 -32.77
C GLY D 34 -7.87 -33.44 -33.96
N LEU D 35 -6.74 -34.12 -33.89
CA LEU D 35 -5.67 -33.94 -34.94
C LEU D 35 -6.11 -34.32 -36.35
N TYR D 36 -7.08 -35.25 -36.40
CA TYR D 36 -7.72 -35.62 -37.68
C TYR D 36 -8.33 -34.50 -38.48
N ALA D 37 -8.66 -33.38 -37.85
CA ALA D 37 -9.16 -32.23 -38.59
C ALA D 37 -8.15 -31.62 -39.59
N ILE D 38 -6.86 -31.82 -39.29
CA ILE D 38 -5.79 -31.23 -40.10
C ILE D 38 -5.77 -31.88 -41.50
N PRO D 39 -5.52 -33.19 -41.61
CA PRO D 39 -5.57 -33.84 -42.93
C PRO D 39 -6.97 -33.87 -43.54
N GLY D 40 -8.00 -33.91 -42.68
CA GLY D 40 -9.37 -33.86 -43.20
C GLY D 40 -9.75 -34.95 -44.16
N GLY D 41 -9.29 -36.15 -43.88
CA GLY D 41 -9.63 -37.34 -44.63
C GLY D 41 -8.65 -37.71 -45.74
N GLU D 42 -7.61 -36.89 -45.92
CA GLU D 42 -6.61 -37.09 -46.98
C GLU D 42 -5.26 -37.36 -46.37
N TRP D 43 -4.60 -38.42 -46.82
CA TRP D 43 -3.21 -38.68 -46.42
C TRP D 43 -2.33 -38.97 -47.65
N ASN D 44 -1.22 -38.23 -47.77
CA ASN D 44 -0.22 -38.49 -48.84
C ASN D 44 -0.92 -38.50 -50.20
N GLY D 45 -1.74 -37.49 -50.46
CA GLY D 45 -2.44 -37.35 -51.73
C GLY D 45 -3.61 -38.28 -52.03
N LYS D 46 -3.95 -39.20 -51.13
CA LYS D 46 -5.13 -40.07 -51.32
C LYS D 46 -6.25 -39.63 -50.36
N VAL D 47 -7.43 -39.29 -50.91
CA VAL D 47 -8.65 -39.01 -50.09
C VAL D 47 -9.30 -40.34 -49.75
N TYR D 48 -9.50 -40.61 -48.47
CA TYR D 48 -10.10 -41.87 -48.03
C TYR D 48 -11.57 -41.58 -47.74
N GLY D 49 -12.44 -42.51 -48.12
CA GLY D 49 -13.90 -42.29 -47.93
C GLY D 49 -14.41 -42.64 -46.54
N GLY D 50 -13.63 -43.40 -45.78
CA GLY D 50 -13.96 -43.76 -44.35
C GLY D 50 -14.00 -42.51 -43.43
N ALA D 51 -14.53 -42.72 -42.23
CA ALA D 51 -14.72 -41.64 -41.29
C ALA D 51 -13.36 -40.92 -41.04
N ALA D 52 -13.35 -39.61 -41.24
CA ALA D 52 -12.07 -38.79 -41.14
C ALA D 52 -11.37 -38.96 -39.83
N GLU D 53 -12.10 -39.17 -38.73
CA GLU D 53 -11.45 -39.36 -37.44
C GLU D 53 -10.73 -40.66 -37.27
N TRP D 54 -11.01 -41.60 -38.22
CA TRP D 54 -10.33 -42.87 -38.28
C TRP D 54 -9.17 -42.91 -39.33
N LEU D 55 -8.79 -41.77 -39.86
CA LEU D 55 -7.82 -41.73 -41.01
C LEU D 55 -6.52 -42.41 -40.61
N LYS D 56 -6.10 -42.29 -39.35
CA LYS D 56 -4.89 -43.00 -38.92
C LYS D 56 -4.94 -44.48 -39.28
N SER D 57 -6.14 -45.04 -39.11
CA SER D 57 -6.37 -46.46 -39.38
C SER D 57 -6.46 -46.74 -40.91
N TRP D 58 -7.24 -45.94 -41.64
CA TRP D 58 -7.47 -46.17 -43.08
C TRP D 58 -6.14 -46.06 -43.85
N ALA D 59 -5.36 -45.06 -43.50
CA ALA D 59 -4.07 -44.79 -44.18
C ALA D 59 -2.89 -45.54 -43.55
N LYS D 60 -3.12 -46.36 -42.52
CA LYS D 60 -2.09 -47.14 -41.85
C LYS D 60 -0.88 -46.25 -41.41
N VAL D 61 -1.19 -45.14 -40.74
CA VAL D 61 -0.19 -44.20 -40.28
C VAL D 61 0.31 -44.64 -38.92
N PRO D 62 1.66 -44.80 -38.75
CA PRO D 62 2.13 -45.17 -37.39
C PRO D 62 1.91 -44.04 -36.35
N ALA D 63 1.81 -44.42 -35.09
CA ALA D 63 1.51 -43.45 -34.01
C ALA D 63 2.46 -42.28 -33.98
N ASP D 64 3.76 -42.53 -34.11
CA ASP D 64 4.71 -41.44 -34.06
C ASP D 64 4.44 -40.45 -35.15
N GLU D 65 4.17 -40.92 -36.37
CA GLU D 65 3.95 -40.02 -37.48
C GLU D 65 2.57 -39.26 -37.41
N TRP D 66 1.55 -39.99 -36.99
CA TRP D 66 0.24 -39.38 -36.80
C TRP D 66 0.33 -38.27 -35.73
N LEU D 67 0.93 -38.58 -34.60
CA LEU D 67 1.03 -37.60 -33.52
C LEU D 67 1.91 -36.34 -33.81
N LYS D 68 2.77 -36.38 -34.84
CA LYS D 68 3.46 -35.18 -35.31
C LYS D 68 2.55 -34.14 -35.83
N LEU D 69 1.28 -34.49 -36.12
CA LEU D 69 0.32 -33.45 -36.47
C LEU D 69 0.20 -32.37 -35.38
N MET D 70 0.51 -32.73 -34.12
CA MET D 70 0.53 -31.75 -33.01
C MET D 70 1.30 -30.48 -33.41
N ASP D 71 2.35 -30.65 -34.20
CA ASP D 71 3.16 -29.52 -34.63
C ASP D 71 2.43 -28.55 -35.50
N GLN D 72 1.33 -28.98 -36.13
CA GLN D 72 0.52 -28.13 -36.98
C GLN D 72 -0.78 -27.69 -36.26
N TRP D 73 -0.93 -28.03 -34.99
CA TRP D 73 -2.16 -27.68 -34.27
C TRP D 73 -2.07 -26.24 -33.77
N ASN D 74 -2.73 -25.35 -34.48
CA ASN D 74 -2.76 -23.95 -34.16
C ASN D 74 -4.04 -23.29 -34.73
N PRO D 75 -5.16 -23.60 -34.08
CA PRO D 75 -6.49 -23.14 -34.56
C PRO D 75 -6.75 -21.66 -34.28
N THR D 76 -6.20 -20.85 -35.16
CA THR D 76 -6.25 -19.39 -35.09
C THR D 76 -7.61 -18.75 -35.02
N LYS D 77 -8.58 -19.38 -35.69
CA LYS D 77 -9.97 -18.88 -35.67
C LYS D 77 -10.83 -19.35 -34.50
N PHE D 78 -10.30 -20.21 -33.64
CA PHE D 78 -11.05 -20.67 -32.48
C PHE D 78 -11.47 -19.56 -31.55
N ASP D 79 -12.76 -19.53 -31.20
CA ASP D 79 -13.28 -18.61 -30.20
C ASP D 79 -14.39 -19.35 -29.45
N ALA D 80 -14.12 -19.78 -28.22
CA ALA D 80 -15.07 -20.56 -27.46
C ALA D 80 -16.42 -19.84 -27.30
N LYS D 81 -16.38 -18.50 -27.11
CA LYS D 81 -17.63 -17.73 -27.00
C LYS D 81 -18.49 -17.81 -28.26
N LYS D 82 -17.89 -17.83 -29.45
CA LYS D 82 -18.63 -17.96 -30.67
C LYS D 82 -19.21 -19.36 -30.82
N TRP D 83 -18.43 -20.37 -30.46
CA TRP D 83 -18.96 -21.78 -30.44
C TRP D 83 -20.18 -21.85 -29.53
N ALA D 84 -20.14 -21.23 -28.36
CA ALA D 84 -21.23 -21.33 -27.41
C ALA D 84 -22.45 -20.57 -27.91
N LYS D 85 -22.22 -19.41 -28.53
CA LYS D 85 -23.31 -18.64 -29.16
C LYS D 85 -24.00 -19.44 -30.33
N MET D 86 -23.22 -20.12 -31.17
CA MET D 86 -23.75 -20.97 -32.22
C MET D 86 -24.64 -22.08 -31.62
N ALA D 87 -24.17 -22.75 -30.56
CA ALA D 87 -24.97 -23.75 -29.87
C ALA D 87 -26.26 -23.15 -29.25
N LYS D 88 -26.14 -22.00 -28.60
CA LYS D 88 -27.33 -21.32 -28.08
C LYS D 88 -28.35 -21.03 -29.18
N GLU D 89 -27.87 -20.51 -30.31
CA GLU D 89 -28.75 -20.12 -31.40
C GLU D 89 -29.42 -21.35 -32.02
N MET D 90 -28.70 -22.49 -32.05
CA MET D 90 -29.28 -23.71 -32.58
C MET D 90 -30.42 -24.28 -31.69
N GLY D 91 -30.48 -23.86 -30.43
CA GLY D 91 -31.41 -24.42 -29.53
C GLY D 91 -30.87 -25.63 -28.77
N THR D 92 -29.55 -25.86 -28.79
CA THR D 92 -29.03 -27.00 -28.04
C THR D 92 -28.91 -26.67 -26.58
N LYS D 93 -29.24 -27.61 -25.74
CA LYS D 93 -29.21 -27.44 -24.31
C LYS D 93 -27.96 -28.03 -23.63
N TYR D 94 -27.21 -28.84 -24.42
CA TYR D 94 -25.98 -29.46 -23.93
C TYR D 94 -25.10 -29.77 -25.12
N VAL D 95 -23.78 -29.87 -24.85
CA VAL D 95 -22.79 -30.17 -25.84
C VAL D 95 -21.89 -31.28 -25.29
N LYS D 96 -21.64 -32.27 -26.15
CA LYS D 96 -20.77 -33.39 -25.82
C LYS D 96 -19.48 -33.20 -26.61
N ILE D 97 -18.33 -33.22 -25.91
CA ILE D 97 -17.04 -32.80 -26.51
C ILE D 97 -16.05 -33.95 -26.45
N THR D 98 -15.39 -34.23 -27.56
CA THR D 98 -14.29 -35.24 -27.53
C THR D 98 -13.08 -34.72 -26.72
N THR D 99 -12.92 -35.24 -25.52
CA THR D 99 -11.79 -34.89 -24.64
C THR D 99 -10.53 -35.54 -25.17
N LYS D 100 -10.71 -36.79 -25.62
CA LYS D 100 -9.62 -37.60 -26.22
C LYS D 100 -10.33 -38.63 -27.10
N HIS D 101 -9.99 -38.67 -28.37
CA HIS D 101 -10.52 -39.69 -29.30
C HIS D 101 -9.49 -40.86 -29.38
N HIS D 102 -9.69 -41.77 -30.35
CA HIS D 102 -8.87 -42.98 -30.38
C HIS D 102 -7.39 -42.62 -30.60
N GLU D 103 -7.15 -41.57 -31.36
CA GLU D 103 -5.77 -41.07 -31.63
C GLU D 103 -5.00 -40.78 -30.32
N GLY D 104 -5.72 -40.50 -29.20
CA GLY D 104 -5.05 -40.31 -27.87
C GLY D 104 -4.63 -38.86 -27.55
N PHE D 105 -4.76 -37.98 -28.52
CA PHE D 105 -4.51 -36.52 -28.34
C PHE D 105 -5.57 -35.86 -27.45
N CYS D 106 -5.10 -35.21 -26.38
CA CYS D 106 -5.99 -34.62 -25.38
C CYS D 106 -6.23 -33.17 -25.60
N LEU D 107 -7.52 -32.75 -25.56
CA LEU D 107 -7.89 -31.34 -25.68
C LEU D 107 -7.71 -30.53 -24.37
N TRP D 108 -7.26 -31.18 -23.30
CA TRP D 108 -6.93 -30.56 -22.06
C TRP D 108 -5.48 -30.95 -21.79
N PRO D 109 -4.77 -30.17 -20.94
CA PRO D 109 -3.32 -30.45 -20.66
C PRO D 109 -3.10 -31.53 -19.61
N SER D 110 -3.33 -32.80 -19.97
CA SER D 110 -3.24 -33.87 -19.05
C SER D 110 -1.79 -33.98 -18.54
N LYS D 111 -1.68 -34.28 -17.28
CA LYS D 111 -0.40 -34.59 -16.73
C LYS D 111 0.07 -36.01 -17.04
N TYR D 112 -0.75 -36.86 -17.67
CA TYR D 112 -0.41 -38.28 -17.81
C TYR D 112 0.10 -38.68 -19.19
N THR D 113 0.23 -37.74 -20.09
CA THR D 113 0.76 -37.96 -21.41
C THR D 113 1.28 -36.69 -21.95
N LYS D 114 2.23 -36.81 -22.91
CA LYS D 114 2.69 -35.66 -23.64
C LYS D 114 1.85 -35.29 -24.86
N TYR D 115 0.90 -36.18 -25.25
CA TYR D 115 0.13 -35.95 -26.43
C TYR D 115 -1.11 -35.11 -26.06
N THR D 116 -0.89 -33.85 -25.81
CA THR D 116 -1.94 -32.92 -25.43
C THR D 116 -1.80 -31.56 -26.09
N VAL D 117 -2.82 -30.73 -25.97
CA VAL D 117 -2.81 -29.37 -26.37
C VAL D 117 -1.62 -28.53 -25.84
N ALA D 118 -1.14 -28.83 -24.67
CA ALA D 118 0.00 -28.08 -24.06
C ALA D 118 1.23 -28.18 -24.93
N ASN D 119 1.41 -29.29 -25.60
CA ASN D 119 2.60 -29.48 -26.46
C ASN D 119 2.45 -29.14 -27.94
N THR D 120 1.44 -28.31 -28.25
CA THR D 120 1.16 -27.85 -29.56
C THR D 120 1.50 -26.35 -29.58
N PRO D 121 1.68 -25.77 -30.77
CA PRO D 121 1.90 -24.33 -30.81
C PRO D 121 0.81 -23.50 -30.15
N TYR D 122 -0.42 -23.98 -30.17
CA TYR D 122 -1.52 -23.25 -29.57
C TYR D 122 -1.45 -23.19 -28.02
N LYS D 123 -0.95 -24.25 -27.39
CA LYS D 123 -0.71 -24.37 -25.93
C LYS D 123 -1.93 -24.35 -25.01
N ARG D 124 -2.98 -23.67 -25.40
CA ARG D 124 -4.10 -23.38 -24.51
C ARG D 124 -5.01 -24.57 -24.20
N ASP D 125 -5.64 -24.52 -23.02
CA ASP D 125 -6.59 -25.53 -22.58
C ASP D 125 -7.93 -25.34 -23.32
N ILE D 126 -8.00 -25.88 -24.54
CA ILE D 126 -9.25 -25.85 -25.33
C ILE D 126 -10.45 -26.38 -24.60
N LEU D 127 -10.32 -27.52 -23.99
CA LEU D 127 -11.45 -28.11 -23.27
C LEU D 127 -11.95 -27.14 -22.16
N GLY D 128 -11.03 -26.62 -21.35
CA GLY D 128 -11.40 -25.66 -20.29
C GLY D 128 -12.02 -24.39 -20.85
N GLU D 129 -11.55 -23.89 -22.00
CA GLU D 129 -12.20 -22.72 -22.60
C GLU D 129 -13.65 -23.00 -23.04
N LEU D 130 -13.88 -24.21 -23.55
CA LEU D 130 -15.21 -24.60 -23.97
C LEU D 130 -16.13 -24.82 -22.81
N VAL D 131 -15.67 -25.44 -21.74
CA VAL D 131 -16.44 -25.66 -20.58
C VAL D 131 -16.99 -24.31 -20.07
N LYS D 132 -16.08 -23.36 -19.95
CA LYS D 132 -16.48 -22.02 -19.44
C LYS D 132 -17.50 -21.35 -20.35
N ALA D 133 -17.19 -21.30 -21.64
CA ALA D 133 -18.04 -20.63 -22.61
C ALA D 133 -19.45 -21.25 -22.74
N TYR D 134 -19.51 -22.58 -22.82
CA TYR D 134 -20.83 -23.23 -22.83
C TYR D 134 -21.60 -23.02 -21.53
N ASN D 135 -20.94 -23.17 -20.39
CA ASN D 135 -21.60 -23.04 -19.11
C ASN D 135 -22.11 -21.60 -18.92
N ASP D 136 -21.36 -20.64 -19.45
CA ASP D 136 -21.77 -19.19 -19.38
C ASP D 136 -23.05 -18.94 -20.18
N GLU D 137 -23.35 -19.77 -21.17
CA GLU D 137 -24.59 -19.68 -21.95
C GLU D 137 -25.68 -20.56 -21.40
N GLY D 138 -25.47 -21.15 -20.22
CA GLY D 138 -26.45 -22.02 -19.60
C GLY D 138 -26.52 -23.40 -20.24
N ILE D 139 -25.46 -23.80 -20.92
CA ILE D 139 -25.46 -25.07 -21.69
C ILE D 139 -24.61 -26.10 -20.94
N ASP D 140 -25.15 -27.29 -20.72
CA ASP D 140 -24.47 -28.36 -19.91
C ASP D 140 -23.38 -28.91 -20.83
N VAL D 141 -22.28 -29.35 -20.20
CA VAL D 141 -21.18 -30.00 -20.97
C VAL D 141 -21.00 -31.43 -20.54
N HIS D 142 -20.91 -32.30 -21.56
CA HIS D 142 -20.66 -33.72 -21.39
C HIS D 142 -19.32 -34.06 -22.05
N PHE D 143 -18.62 -35.03 -21.46
CA PHE D 143 -17.29 -35.43 -21.98
C PHE D 143 -17.32 -36.82 -22.68
N TYR D 144 -17.06 -36.81 -23.97
CA TYR D 144 -16.70 -38.04 -24.73
C TYR D 144 -15.28 -38.44 -24.31
N PHE D 145 -15.07 -39.73 -24.11
CA PHE D 145 -13.78 -40.23 -23.75
C PHE D 145 -13.59 -41.59 -24.43
N SER D 146 -12.46 -41.74 -25.13
CA SER D 146 -12.13 -43.03 -25.80
C SER D 146 -11.23 -43.88 -24.90
N VAL D 147 -11.65 -45.07 -24.52
CA VAL D 147 -10.85 -45.96 -23.70
C VAL D 147 -9.69 -46.49 -24.62
N MET D 148 -10.04 -47.10 -25.76
CA MET D 148 -9.02 -47.34 -26.83
C MET D 148 -8.17 -46.09 -27.14
N ASP D 149 -6.81 -46.25 -27.13
CA ASP D 149 -5.92 -45.18 -27.28
C ASP D 149 -4.71 -45.69 -28.11
N TRP D 150 -4.64 -45.19 -29.30
CA TRP D 150 -3.66 -45.55 -30.32
C TRP D 150 -2.32 -44.90 -30.02
N SER D 151 -2.27 -43.99 -29.03
CA SER D 151 -1.01 -43.30 -28.71
C SER D 151 -0.25 -44.00 -27.62
N ASN D 152 -0.84 -44.93 -26.90
CA ASN D 152 -0.26 -45.50 -25.71
C ASN D 152 0.03 -46.96 -26.08
N PRO D 153 1.33 -47.32 -26.15
CA PRO D 153 1.65 -48.71 -26.49
C PRO D 153 1.28 -49.77 -25.46
N ASP D 154 0.83 -49.39 -24.27
CA ASP D 154 0.29 -50.32 -23.32
C ASP D 154 -1.16 -50.78 -23.65
N TYR D 155 -1.81 -50.13 -24.58
CA TYR D 155 -3.17 -50.60 -24.99
C TYR D 155 -3.04 -51.98 -25.62
N ARG D 156 -4.00 -52.83 -25.33
CA ARG D 156 -4.12 -54.14 -25.98
C ARG D 156 -5.54 -54.37 -26.47
N TYR D 157 -5.68 -55.01 -27.64
CA TYR D 157 -6.99 -55.36 -28.22
C TYR D 157 -7.55 -56.60 -27.57
N ASP D 158 -6.66 -57.46 -27.08
CA ASP D 158 -7.01 -58.66 -26.40
C ASP D 158 -5.85 -59.02 -25.51
N ILE D 159 -6.13 -59.88 -24.55
CA ILE D 159 -5.12 -60.38 -23.61
C ILE D 159 -4.80 -61.86 -23.97
N LYS D 160 -3.65 -62.07 -24.63
CA LYS D 160 -3.25 -63.42 -25.11
C LYS D 160 -1.95 -63.90 -24.42
N SER D 161 -1.44 -63.17 -23.44
CA SER D 161 -0.16 -63.47 -22.78
C SER D 161 -0.04 -62.73 -21.46
N LYS D 162 0.92 -63.15 -20.63
CA LYS D 162 1.20 -62.42 -19.38
C LYS D 162 1.69 -61.01 -19.67
N GLU D 163 2.49 -60.85 -20.75
CA GLU D 163 3.04 -59.56 -21.14
C GLU D 163 1.85 -58.61 -21.48
N ASP D 164 0.83 -59.14 -22.16
CA ASP D 164 -0.36 -58.36 -22.50
C ASP D 164 -1.09 -57.93 -21.22
N SER D 165 -1.28 -58.88 -20.31
CA SER D 165 -1.94 -58.61 -19.03
C SER D 165 -1.24 -57.50 -18.22
N ILE D 166 0.08 -57.55 -18.18
CA ILE D 166 0.83 -56.52 -17.45
C ILE D 166 0.67 -55.14 -18.08
N ALA D 167 0.80 -55.07 -19.40
CA ALA D 167 0.76 -53.84 -20.12
C ALA D 167 -0.66 -53.22 -19.96
N PHE D 168 -1.67 -54.05 -20.11
CA PHE D 168 -3.06 -53.57 -20.03
C PHE D 168 -3.42 -53.10 -18.63
N SER D 169 -2.93 -53.79 -17.61
CA SER D 169 -3.18 -53.33 -16.25
C SER D 169 -2.67 -51.92 -16.02
N ARG D 170 -1.50 -51.63 -16.59
CA ARG D 170 -0.96 -50.29 -16.50
C ARG D 170 -1.84 -49.31 -17.26
N PHE D 171 -2.25 -49.76 -18.45
CA PHE D 171 -3.09 -48.98 -19.31
C PHE D 171 -4.38 -48.54 -18.59
N LEU D 172 -4.96 -49.44 -17.82
CA LEU D 172 -6.20 -49.13 -17.07
C LEU D 172 -5.92 -48.16 -15.94
N GLU D 173 -4.76 -48.30 -15.27
CA GLU D 173 -4.34 -47.26 -14.29
C GLU D 173 -4.22 -45.85 -14.92
N PHE D 174 -3.56 -45.78 -16.06
CA PHE D 174 -3.40 -44.59 -16.84
C PHE D 174 -4.78 -43.97 -17.21
N THR D 175 -5.67 -44.85 -17.63
CA THR D 175 -7.02 -44.41 -18.00
C THR D 175 -7.70 -43.80 -16.77
N ASP D 176 -7.67 -44.51 -15.66
CA ASP D 176 -8.23 -44.02 -14.39
C ASP D 176 -7.66 -42.65 -14.03
N ASN D 177 -6.33 -42.48 -14.19
CA ASN D 177 -5.70 -41.22 -13.91
C ASN D 177 -6.24 -40.08 -14.73
N GLN D 178 -6.40 -40.31 -16.01
CA GLN D 178 -7.02 -39.29 -16.89
C GLN D 178 -8.49 -39.00 -16.52
N LEU D 179 -9.25 -40.05 -16.20
CA LEU D 179 -10.69 -39.87 -15.85
C LEU D 179 -10.84 -39.06 -14.58
N LYS D 180 -10.06 -39.41 -13.56
CA LYS D 180 -10.09 -38.62 -12.30
C LYS D 180 -9.67 -37.20 -12.50
N GLU D 181 -8.66 -36.97 -13.32
CA GLU D 181 -8.20 -35.69 -13.66
C GLU D 181 -9.30 -34.83 -14.29
N LEU D 182 -9.99 -35.40 -15.28
CA LEU D 182 -11.08 -34.67 -15.89
C LEU D 182 -12.19 -34.31 -14.90
N ALA D 183 -12.54 -35.28 -14.08
CA ALA D 183 -13.64 -35.11 -13.13
C ALA D 183 -13.35 -34.02 -12.09
N THR D 184 -12.10 -33.95 -11.66
CA THR D 184 -11.72 -33.00 -10.56
C THR D 184 -11.34 -31.70 -11.14
N ARG D 185 -10.81 -31.68 -12.34
CA ARG D 185 -10.45 -30.46 -12.92
C ARG D 185 -11.60 -29.65 -13.51
N TYR D 186 -12.65 -30.34 -13.97
CA TYR D 186 -13.84 -29.69 -14.60
C TYR D 186 -15.11 -30.21 -13.90
N PRO D 187 -15.37 -29.80 -12.63
CA PRO D 187 -16.39 -30.42 -11.80
C PRO D 187 -17.84 -30.08 -12.23
N THR D 188 -18.00 -29.20 -13.21
CA THR D 188 -19.36 -28.92 -13.77
C THR D 188 -19.75 -29.96 -14.84
N VAL D 189 -18.82 -30.84 -15.20
CA VAL D 189 -19.21 -31.92 -16.13
C VAL D 189 -20.43 -32.68 -15.68
N LYS D 190 -21.34 -32.97 -16.62
CA LYS D 190 -22.61 -33.64 -16.26
C LYS D 190 -22.76 -35.08 -16.78
N ASP D 191 -21.80 -35.53 -17.61
CA ASP D 191 -21.90 -36.86 -18.22
C ASP D 191 -20.50 -37.24 -18.74
N PHE D 192 -20.23 -38.54 -18.68
CA PHE D 192 -19.12 -39.12 -19.43
C PHE D 192 -19.72 -40.14 -20.41
N TRP D 193 -19.36 -39.98 -21.65
CA TRP D 193 -19.83 -40.79 -22.78
C TRP D 193 -18.62 -41.55 -23.39
N PHE D 194 -18.56 -42.83 -23.05
CA PHE D 194 -17.41 -43.65 -23.44
C PHE D 194 -17.60 -44.21 -24.84
N ASP D 195 -16.48 -44.35 -25.52
CA ASP D 195 -16.40 -45.04 -26.84
C ASP D 195 -15.03 -45.80 -26.84
N GLY D 196 -14.81 -46.65 -27.84
CA GLY D 196 -13.60 -47.51 -27.82
C GLY D 196 -13.55 -48.52 -26.72
N THR D 197 -14.69 -49.15 -26.38
CA THR D 197 -14.77 -50.12 -25.32
C THR D 197 -15.19 -51.52 -25.78
N TRP D 198 -15.17 -51.75 -27.11
CA TRP D 198 -15.70 -52.97 -27.68
C TRP D 198 -14.69 -54.09 -27.66
N ASP D 199 -13.42 -53.76 -27.49
CA ASP D 199 -12.36 -54.78 -27.64
C ASP D 199 -12.43 -55.87 -26.58
N ALA D 200 -12.00 -57.07 -26.97
CA ALA D 200 -11.95 -58.17 -26.05
C ALA D 200 -11.22 -57.90 -24.74
N SER D 201 -10.17 -57.09 -24.80
CA SER D 201 -9.49 -56.68 -23.58
C SER D 201 -10.41 -56.02 -22.56
N VAL D 202 -11.27 -55.11 -23.04
CA VAL D 202 -12.22 -54.44 -22.11
C VAL D 202 -13.32 -55.41 -21.65
N LYS D 203 -13.85 -56.19 -22.60
CA LYS D 203 -14.89 -57.18 -22.29
C LYS D 203 -14.41 -58.15 -21.24
N LYS D 204 -13.12 -58.51 -21.30
CA LYS D 204 -12.54 -59.43 -20.31
C LYS D 204 -12.32 -58.76 -18.96
N ASN D 205 -12.37 -57.43 -18.94
CA ASN D 205 -12.21 -56.64 -17.73
C ASN D 205 -13.49 -55.80 -17.38
N GLY D 206 -14.62 -56.49 -17.33
CA GLY D 206 -15.91 -55.86 -16.93
C GLY D 206 -15.88 -55.17 -15.60
N TRP D 207 -15.21 -55.79 -14.63
CA TRP D 207 -15.00 -55.16 -13.32
C TRP D 207 -14.49 -53.72 -13.46
N TRP D 208 -13.63 -53.45 -14.45
CA TRP D 208 -13.02 -52.17 -14.60
C TRP D 208 -14.11 -51.13 -15.03
N THR D 209 -14.97 -51.58 -15.92
CA THR D 209 -16.03 -50.68 -16.42
C THR D 209 -16.93 -50.27 -15.25
N ALA D 210 -17.27 -51.21 -14.37
CA ALA D 210 -18.10 -50.92 -13.20
C ALA D 210 -17.40 -50.02 -12.23
N HIS D 211 -16.09 -50.28 -12.04
CA HIS D 211 -15.26 -49.44 -11.19
C HIS D 211 -15.20 -47.99 -11.72
N ALA D 212 -15.05 -47.84 -13.04
CA ALA D 212 -14.88 -46.53 -13.64
C ALA D 212 -16.19 -45.70 -13.41
N GLU D 213 -17.33 -46.37 -13.59
CA GLU D 213 -18.66 -45.72 -13.38
C GLU D 213 -18.77 -45.27 -11.92
N GLN D 214 -18.47 -46.18 -10.98
CA GLN D 214 -18.56 -45.86 -9.56
C GLN D 214 -17.58 -44.75 -9.16
N MET D 215 -16.36 -44.83 -9.67
CA MET D 215 -15.32 -43.85 -9.37
C MET D 215 -15.73 -42.46 -9.80
N LEU D 216 -16.28 -42.36 -11.00
CA LEU D 216 -16.71 -41.10 -11.47
C LEU D 216 -17.96 -40.58 -10.72
N LYS D 217 -18.90 -41.45 -10.36
CA LYS D 217 -20.08 -41.03 -9.62
C LYS D 217 -19.76 -40.54 -8.22
N GLU D 218 -18.73 -41.15 -7.58
CA GLU D 218 -18.24 -40.62 -6.29
C GLU D 218 -17.57 -39.25 -6.43
N LEU D 219 -16.94 -38.97 -7.54
CA LEU D 219 -16.28 -37.69 -7.78
C LEU D 219 -17.18 -36.55 -8.30
N VAL D 220 -18.26 -36.89 -9.02
CA VAL D 220 -19.11 -35.87 -9.63
C VAL D 220 -20.55 -36.23 -9.30
N PRO D 221 -21.11 -35.60 -8.23
CA PRO D 221 -22.48 -35.88 -7.80
C PRO D 221 -23.48 -35.72 -8.95
N GLY D 222 -24.30 -36.76 -9.12
CA GLY D 222 -25.31 -36.73 -10.17
C GLY D 222 -24.83 -36.95 -11.59
N VAL D 223 -23.52 -37.20 -11.82
CA VAL D 223 -23.05 -37.45 -13.18
C VAL D 223 -23.78 -38.61 -13.80
N ALA D 224 -23.94 -38.53 -15.15
CA ALA D 224 -24.51 -39.60 -15.94
C ALA D 224 -23.38 -40.31 -16.71
N ILE D 225 -23.58 -41.60 -16.87
CA ILE D 225 -22.55 -42.47 -17.48
C ILE D 225 -23.27 -43.32 -18.51
N ASN D 226 -22.74 -43.34 -19.74
CA ASN D 226 -23.40 -44.10 -20.81
C ASN D 226 -23.25 -45.62 -20.80
N SER D 227 -24.21 -46.33 -21.39
CA SER D 227 -24.23 -47.78 -21.37
C SER D 227 -23.01 -48.37 -22.15
N ARG D 228 -22.53 -47.64 -23.13
CA ARG D 228 -21.46 -48.14 -24.01
C ARG D 228 -20.17 -48.37 -23.24
N LEU D 229 -19.98 -47.72 -22.10
CA LEU D 229 -18.85 -48.05 -21.21
C LEU D 229 -18.86 -49.50 -20.73
N ARG D 230 -20.02 -50.03 -20.39
CA ARG D 230 -20.17 -51.10 -19.46
C ARG D 230 -20.23 -52.53 -20.01
N ALA D 231 -19.46 -53.41 -19.34
CA ALA D 231 -19.45 -54.83 -19.59
C ALA D 231 -19.61 -55.48 -18.25
N ASP D 232 -20.34 -56.59 -18.21
CA ASP D 232 -20.54 -57.29 -16.96
C ASP D 232 -19.46 -58.40 -16.77
N ASP D 233 -19.68 -59.23 -15.74
CA ASP D 233 -18.79 -60.36 -15.37
C ASP D 233 -18.53 -61.32 -16.52
N LYS D 234 -19.51 -61.46 -17.41
CA LYS D 234 -19.40 -62.36 -18.55
C LYS D 234 -18.97 -61.69 -19.84
N GLY D 235 -18.60 -60.39 -19.79
CA GLY D 235 -18.24 -59.66 -21.00
C GLY D 235 -19.41 -59.10 -21.84
N LYS D 236 -20.65 -59.25 -21.35
CA LYS D 236 -21.83 -58.78 -22.10
C LYS D 236 -21.86 -57.23 -21.94
N ARG D 237 -22.06 -56.51 -23.05
CA ARG D 237 -22.00 -55.05 -23.02
C ARG D 237 -23.40 -54.36 -23.13
N HIS D 238 -23.45 -53.13 -22.59
CA HIS D 238 -24.69 -52.26 -22.51
C HIS D 238 -25.75 -52.76 -21.55
N PHE D 239 -26.27 -53.94 -21.84
CA PHE D 239 -27.23 -54.64 -21.00
C PHE D 239 -26.54 -55.88 -20.43
N ASP D 240 -26.74 -56.14 -19.15
CA ASP D 240 -26.06 -57.26 -18.48
C ASP D 240 -26.69 -58.61 -18.86
N SER D 241 -26.09 -59.68 -18.33
CA SER D 241 -26.51 -61.03 -18.63
C SER D 241 -27.94 -61.37 -18.16
N ASN D 242 -28.49 -60.56 -17.25
CA ASN D 242 -29.90 -60.60 -16.87
C ASN D 242 -30.81 -59.59 -17.66
N GLY D 243 -30.30 -59.00 -18.73
CA GLY D 243 -31.08 -58.09 -19.59
C GLY D 243 -31.29 -56.69 -19.00
N ARG D 244 -30.56 -56.34 -17.95
CA ARG D 244 -30.74 -55.07 -17.27
C ARG D 244 -29.72 -54.06 -17.82
N LEU D 245 -30.19 -52.84 -18.07
CA LEU D 245 -29.34 -51.80 -18.59
C LEU D 245 -28.28 -51.39 -17.57
N MET D 246 -27.05 -51.33 -18.02
CA MET D 246 -25.95 -50.83 -17.20
C MET D 246 -25.69 -49.37 -17.54
N GLY D 247 -25.10 -48.65 -16.61
CA GLY D 247 -25.02 -47.24 -16.72
C GLY D 247 -26.40 -46.58 -16.56
N ASP D 248 -26.44 -45.33 -16.89
CA ASP D 248 -27.68 -44.49 -16.60
C ASP D 248 -28.64 -44.30 -17.78
N TYR D 249 -28.17 -44.59 -18.96
CA TYR D 249 -28.94 -44.44 -20.23
C TYR D 249 -28.28 -45.26 -21.34
N GLU D 250 -29.10 -45.66 -22.30
CA GLU D 250 -28.63 -46.44 -23.42
C GLU D 250 -28.08 -45.49 -24.48
N SER D 251 -26.80 -45.69 -24.85
CA SER D 251 -26.21 -44.89 -25.91
C SER D 251 -26.10 -45.81 -27.13
N GLY D 252 -26.73 -45.41 -28.22
CA GLY D 252 -26.81 -46.28 -29.39
C GLY D 252 -27.53 -45.53 -30.50
N TYR D 253 -27.94 -46.28 -31.50
CA TYR D 253 -28.81 -45.77 -32.53
C TYR D 253 -28.18 -44.76 -33.43
N GLU D 254 -26.87 -44.82 -33.61
CA GLU D 254 -26.21 -43.84 -34.44
C GLU D 254 -26.61 -43.94 -35.91
N ARG D 255 -26.76 -45.16 -36.40
CA ARG D 255 -27.12 -45.37 -37.84
C ARG D 255 -28.69 -45.35 -38.04
N ARG D 256 -29.46 -45.90 -37.11
CA ARG D 256 -30.90 -46.01 -37.26
C ARG D 256 -31.58 -45.89 -35.87
N LEU D 257 -32.58 -45.04 -35.82
CA LEU D 257 -33.34 -44.87 -34.61
C LEU D 257 -34.29 -46.02 -34.32
N PRO D 258 -34.73 -46.16 -33.07
CA PRO D 258 -35.70 -47.21 -32.73
C PRO D 258 -36.97 -47.13 -33.54
N ASP D 259 -37.47 -48.28 -33.91
CA ASP D 259 -38.66 -48.36 -34.74
C ASP D 259 -39.86 -47.91 -33.92
N PRO D 260 -40.63 -46.94 -34.45
CA PRO D 260 -41.75 -46.39 -33.59
C PRO D 260 -42.90 -47.35 -33.30
N VAL D 261 -42.94 -48.48 -34.00
CA VAL D 261 -43.93 -49.51 -33.79
C VAL D 261 -43.31 -50.69 -33.06
N LYS D 262 -42.14 -51.14 -33.50
CA LYS D 262 -41.57 -52.40 -32.99
C LYS D 262 -40.62 -52.29 -31.80
N ASP D 263 -40.12 -51.09 -31.49
CA ASP D 263 -39.11 -50.93 -30.48
C ASP D 263 -39.56 -50.08 -29.32
N LEU D 264 -40.81 -50.18 -28.95
CA LEU D 264 -41.35 -49.44 -27.82
C LEU D 264 -40.72 -49.79 -26.49
N LYS D 265 -40.00 -50.91 -26.43
CA LYS D 265 -39.25 -51.24 -25.23
C LYS D 265 -38.34 -50.11 -24.73
N VAL D 266 -37.80 -49.29 -25.66
CA VAL D 266 -36.89 -48.21 -25.32
C VAL D 266 -37.52 -47.16 -24.44
N THR D 267 -38.84 -47.08 -24.40
CA THR D 267 -39.48 -46.11 -23.57
C THR D 267 -39.39 -46.48 -22.06
N GLN D 268 -38.88 -47.67 -21.78
CA GLN D 268 -38.70 -48.10 -20.39
C GLN D 268 -37.38 -47.62 -19.74
N TRP D 269 -36.48 -47.03 -20.52
CA TRP D 269 -35.25 -46.48 -20.01
C TRP D 269 -34.87 -45.19 -20.71
N ASP D 270 -33.95 -44.45 -20.09
CA ASP D 270 -33.40 -43.25 -20.72
C ASP D 270 -32.45 -43.73 -21.84
N TRP D 271 -32.39 -42.96 -22.90
CA TRP D 271 -31.52 -43.30 -24.02
C TRP D 271 -31.21 -42.07 -24.79
N GLU D 272 -30.12 -42.08 -25.58
CA GLU D 272 -29.69 -40.96 -26.34
C GLU D 272 -29.09 -41.45 -27.68
N ALA D 273 -29.53 -40.85 -28.78
CA ALA D 273 -28.98 -41.13 -30.09
C ALA D 273 -28.10 -39.98 -30.51
N CYS D 274 -26.99 -40.30 -31.14
CA CYS D 274 -26.11 -39.28 -31.69
C CYS D 274 -26.02 -39.49 -33.20
N MET D 275 -25.92 -38.45 -33.96
CA MET D 275 -26.15 -38.50 -35.43
C MET D 275 -25.16 -37.62 -36.17
N THR D 276 -24.63 -38.13 -37.27
CA THR D 276 -23.80 -37.34 -38.19
C THR D 276 -24.63 -36.71 -39.27
N ILE D 277 -24.13 -35.62 -39.85
CA ILE D 277 -24.85 -34.93 -40.93
C ILE D 277 -24.64 -35.68 -42.25
N PRO D 278 -23.38 -35.93 -42.65
CA PRO D 278 -23.18 -36.94 -43.68
C PRO D 278 -23.45 -38.34 -43.18
N GLU D 279 -23.28 -39.34 -44.02
CA GLU D 279 -23.55 -40.69 -43.62
C GLU D 279 -22.73 -41.18 -42.43
N ASN D 280 -21.41 -41.00 -42.48
CA ASN D 280 -20.58 -41.45 -41.43
C ASN D 280 -19.26 -40.66 -41.39
N GLN D 281 -19.37 -39.40 -41.06
CA GLN D 281 -18.19 -38.53 -40.85
C GLN D 281 -18.44 -37.82 -39.49
N TRP D 282 -17.60 -38.08 -38.50
CA TRP D 282 -17.72 -37.41 -37.19
C TRP D 282 -16.72 -36.24 -37.11
N GLY D 283 -15.44 -36.58 -37.30
CA GLY D 283 -14.44 -35.55 -37.47
C GLY D 283 -14.50 -34.89 -38.83
N TYR D 284 -13.88 -33.74 -38.97
CA TYR D 284 -13.85 -32.98 -40.21
C TYR D 284 -13.29 -33.74 -41.40
N HIS D 285 -14.10 -33.85 -42.44
CA HIS D 285 -13.70 -34.40 -43.76
C HIS D 285 -13.84 -33.35 -44.82
N LYS D 286 -12.79 -33.14 -45.64
CA LYS D 286 -12.79 -32.04 -46.57
C LYS D 286 -13.73 -32.21 -47.78
N ASP D 287 -14.19 -33.42 -48.05
CA ASP D 287 -15.09 -33.69 -49.16
C ASP D 287 -16.42 -34.38 -48.73
N TRP D 288 -17.42 -33.55 -48.51
CA TRP D 288 -18.76 -34.07 -48.16
C TRP D 288 -19.57 -34.56 -49.39
N SER D 289 -19.03 -34.46 -50.60
CA SER D 289 -19.71 -35.05 -51.78
C SER D 289 -19.64 -36.59 -51.83
N LEU D 290 -18.84 -37.22 -51.00
CA LEU D 290 -18.63 -38.63 -51.04
C LEU D 290 -19.80 -39.49 -50.51
N SER D 291 -20.68 -38.88 -49.75
CA SER D 291 -21.84 -39.62 -49.18
C SER D 291 -23.00 -38.66 -49.08
N TYR D 292 -24.17 -39.22 -48.78
CA TYR D 292 -25.37 -38.42 -48.64
C TYR D 292 -25.29 -37.49 -47.40
N VAL D 293 -25.66 -36.26 -47.60
CA VAL D 293 -25.67 -35.24 -46.58
C VAL D 293 -27.13 -34.84 -46.23
N LYS D 294 -27.49 -34.98 -44.95
CA LYS D 294 -28.91 -34.79 -44.55
C LYS D 294 -29.29 -33.37 -44.66
N THR D 295 -30.56 -33.12 -45.03
CA THR D 295 -31.10 -31.80 -45.04
C THR D 295 -31.59 -31.43 -43.63
N PRO D 296 -31.81 -30.12 -43.37
CA PRO D 296 -32.34 -29.76 -42.05
C PRO D 296 -33.66 -30.44 -41.64
N ILE D 297 -34.60 -30.56 -42.56
CA ILE D 297 -35.83 -31.29 -42.22
C ILE D 297 -35.58 -32.76 -41.91
N GLU D 298 -34.65 -33.43 -42.62
CA GLU D 298 -34.28 -34.80 -42.28
C GLU D 298 -33.73 -34.89 -40.84
N VAL D 299 -32.94 -33.89 -40.43
CA VAL D 299 -32.38 -33.89 -39.05
C VAL D 299 -33.50 -33.60 -38.03
N ILE D 300 -34.31 -32.60 -38.31
CA ILE D 300 -35.43 -32.26 -37.44
C ILE D 300 -36.37 -33.45 -37.23
N ASP D 301 -36.60 -34.21 -38.28
CA ASP D 301 -37.38 -35.46 -38.16
C ASP D 301 -36.76 -36.43 -37.17
N ARG D 302 -35.44 -36.62 -37.24
CA ARG D 302 -34.79 -37.45 -36.29
C ARG D 302 -34.84 -36.96 -34.84
N ILE D 303 -34.68 -35.64 -34.62
CA ILE D 303 -34.78 -35.09 -33.29
C ILE D 303 -36.14 -35.40 -32.68
N VAL D 304 -37.20 -35.11 -33.42
CA VAL D 304 -38.60 -35.33 -32.91
C VAL D 304 -38.92 -36.84 -32.76
N HIS D 305 -38.45 -37.69 -33.68
CA HIS D 305 -38.52 -39.11 -33.55
C HIS D 305 -37.94 -39.59 -32.21
N ALA D 306 -36.74 -39.10 -31.88
CA ALA D 306 -36.14 -39.50 -30.60
C ALA D 306 -36.98 -39.09 -29.38
N VAL D 307 -37.40 -37.83 -29.35
CA VAL D 307 -38.17 -37.35 -28.19
C VAL D 307 -39.50 -38.08 -28.07
N SER D 308 -40.10 -38.38 -29.23
CA SER D 308 -41.38 -39.15 -29.28
C SER D 308 -41.31 -40.54 -28.67
N MET D 309 -40.09 -41.10 -28.64
CA MET D 309 -39.85 -42.37 -28.00
C MET D 309 -39.02 -42.26 -26.73
N GLY D 310 -39.02 -41.09 -26.09
CA GLY D 310 -38.46 -40.96 -24.76
C GLY D 310 -36.94 -40.84 -24.72
N GLY D 311 -36.34 -40.38 -25.81
CA GLY D 311 -34.91 -40.28 -25.93
C GLY D 311 -34.42 -38.92 -26.28
N ASN D 312 -33.13 -38.72 -26.06
CA ASN D 312 -32.44 -37.53 -26.47
C ASN D 312 -31.83 -37.68 -27.84
N MET D 313 -31.57 -36.56 -28.52
CA MET D 313 -30.90 -36.57 -29.84
C MET D 313 -29.78 -35.53 -29.87
N VAL D 314 -28.60 -35.93 -30.38
CA VAL D 314 -27.39 -35.09 -30.43
C VAL D 314 -26.90 -35.02 -31.86
N VAL D 315 -26.80 -33.81 -32.38
CA VAL D 315 -26.37 -33.56 -33.76
C VAL D 315 -24.86 -33.27 -33.72
N ASN D 316 -24.09 -34.01 -34.51
CA ASN D 316 -22.61 -33.83 -34.56
C ASN D 316 -22.13 -32.77 -35.49
N PHE D 317 -21.03 -32.09 -35.03
CA PHE D 317 -20.25 -31.15 -35.75
C PHE D 317 -18.78 -31.60 -35.71
N GLY D 318 -18.10 -31.46 -36.83
CA GLY D 318 -16.63 -31.72 -36.94
C GLY D 318 -15.88 -30.44 -37.35
N PRO D 319 -15.54 -29.60 -36.35
CA PRO D 319 -14.93 -28.30 -36.69
C PRO D 319 -13.64 -28.42 -37.52
N GLN D 320 -13.39 -27.40 -38.31
CA GLN D 320 -12.21 -27.29 -39.19
C GLN D 320 -10.95 -27.18 -38.33
N ALA D 321 -9.81 -27.49 -38.96
CA ALA D 321 -8.53 -27.39 -38.24
C ALA D 321 -8.24 -25.97 -37.75
N ASP D 322 -8.78 -24.96 -38.44
CA ASP D 322 -8.58 -23.56 -38.05
C ASP D 322 -9.42 -23.12 -36.87
N GLY D 323 -10.35 -23.95 -36.39
CA GLY D 323 -11.19 -23.58 -35.25
C GLY D 323 -12.56 -22.97 -35.60
N ASP D 324 -12.89 -22.87 -36.89
CA ASP D 324 -14.20 -22.44 -37.32
C ASP D 324 -15.00 -23.65 -37.81
N PHE D 325 -16.29 -23.43 -38.04
CA PHE D 325 -17.16 -24.44 -38.64
C PHE D 325 -17.42 -24.19 -40.12
N ARG D 326 -17.48 -25.26 -40.86
CA ARG D 326 -17.78 -25.23 -42.29
C ARG D 326 -19.18 -24.67 -42.58
N PRO D 327 -19.38 -24.09 -43.79
CA PRO D 327 -20.66 -23.47 -44.11
C PRO D 327 -21.92 -24.39 -44.00
N GLU D 328 -21.78 -25.65 -44.35
CA GLU D 328 -22.88 -26.60 -44.27
C GLU D 328 -23.33 -26.75 -42.82
N GLU D 329 -22.40 -26.75 -41.88
CA GLU D 329 -22.72 -26.88 -40.46
C GLU D 329 -23.36 -25.62 -39.90
N LYS D 330 -22.85 -24.46 -40.30
CA LYS D 330 -23.45 -23.23 -39.86
C LYS D 330 -24.91 -23.17 -40.36
N ALA D 331 -25.12 -23.50 -41.64
CA ALA D 331 -26.46 -23.52 -42.20
C ALA D 331 -27.39 -24.47 -41.46
N MET D 332 -26.90 -25.66 -41.12
CA MET D 332 -27.69 -26.62 -40.35
C MET D 332 -28.09 -26.09 -38.98
N ALA D 333 -27.13 -25.55 -38.25
CA ALA D 333 -27.38 -25.05 -36.90
C ALA D 333 -28.41 -23.95 -36.93
N THR D 334 -28.28 -23.06 -37.91
CA THR D 334 -29.20 -21.99 -38.08
C THR D 334 -30.64 -22.48 -38.41
N ALA D 335 -30.75 -23.44 -39.32
CA ALA D 335 -32.05 -23.97 -39.70
C ALA D 335 -32.75 -24.76 -38.59
N ILE D 336 -31.98 -25.58 -37.90
CA ILE D 336 -32.50 -26.18 -36.67
C ILE D 336 -32.98 -25.13 -35.63
N GLY D 337 -32.17 -24.10 -35.36
CA GLY D 337 -32.52 -23.08 -34.39
C GLY D 337 -33.84 -22.33 -34.71
N LYS D 338 -34.02 -22.06 -36.00
CA LYS D 338 -35.24 -21.36 -36.46
C LYS D 338 -36.49 -22.20 -36.20
N TRP D 339 -36.39 -23.48 -36.51
CA TRP D 339 -37.52 -24.39 -36.25
C TRP D 339 -37.78 -24.56 -34.77
N MET D 340 -36.70 -24.77 -33.98
CA MET D 340 -36.82 -24.97 -32.55
C MET D 340 -37.39 -23.73 -31.84
N ASN D 341 -37.02 -22.57 -32.33
CA ASN D 341 -37.54 -21.34 -31.75
C ASN D 341 -39.07 -21.31 -31.90
N ARG D 342 -39.57 -21.81 -33.01
CA ARG D 342 -41.03 -21.85 -33.24
C ARG D 342 -41.77 -23.02 -32.57
N TYR D 343 -41.13 -24.22 -32.61
CA TYR D 343 -41.85 -25.45 -32.28
C TYR D 343 -41.27 -26.22 -31.13
N GLY D 344 -40.24 -25.65 -30.52
CA GLY D 344 -39.57 -26.29 -29.38
C GLY D 344 -40.33 -26.66 -28.14
N LYS D 345 -41.52 -26.07 -27.91
CA LYS D 345 -42.36 -26.50 -26.86
C LYS D 345 -42.73 -28.02 -26.96
N ALA D 346 -42.68 -28.58 -28.14
CA ALA D 346 -43.01 -29.98 -28.39
C ALA D 346 -41.76 -30.89 -28.34
N VAL D 347 -40.61 -30.32 -28.02
CA VAL D 347 -39.33 -31.07 -27.92
C VAL D 347 -38.74 -31.00 -26.49
N TYR D 348 -38.41 -29.79 -26.03
CA TYR D 348 -37.86 -29.64 -24.66
C TYR D 348 -38.76 -30.12 -23.59
N ALA D 349 -38.19 -30.91 -22.70
CA ALA D 349 -38.89 -31.49 -21.56
C ALA D 349 -40.11 -32.31 -21.98
N CYS D 350 -40.09 -32.87 -23.20
CA CYS D 350 -41.17 -33.73 -23.65
C CYS D 350 -40.75 -35.20 -23.62
N ASP D 351 -41.70 -36.08 -23.84
CA ASP D 351 -41.51 -37.54 -23.65
C ASP D 351 -42.51 -38.35 -24.51
N TYR D 352 -42.39 -39.68 -24.42
CA TYR D 352 -43.32 -40.59 -25.05
C TYR D 352 -44.76 -40.34 -24.59
N ALA D 353 -45.69 -40.36 -25.55
CA ALA D 353 -47.09 -40.04 -25.25
C ALA D 353 -47.98 -41.26 -25.10
N GLY D 354 -47.51 -42.44 -25.44
CA GLY D 354 -48.31 -43.65 -25.25
C GLY D 354 -49.46 -43.86 -26.25
N PHE D 355 -49.41 -43.16 -27.39
CA PHE D 355 -50.38 -43.28 -28.48
C PHE D 355 -49.78 -44.14 -29.60
N GLU D 356 -50.62 -44.87 -30.31
CA GLU D 356 -50.22 -45.63 -31.47
C GLU D 356 -49.69 -44.71 -32.54
N LYS D 357 -48.53 -45.07 -33.09
CA LYS D 357 -47.92 -44.31 -34.18
C LYS D 357 -48.79 -44.15 -35.41
N GLN D 358 -48.83 -42.92 -35.93
CA GLN D 358 -49.55 -42.62 -37.18
C GLN D 358 -48.64 -42.08 -38.26
N ASP D 359 -49.11 -42.12 -39.49
CA ASP D 359 -48.22 -41.85 -40.67
C ASP D 359 -47.82 -40.39 -40.83
N TRP D 360 -48.59 -39.47 -40.28
CA TRP D 360 -48.33 -38.06 -40.50
C TRP D 360 -47.10 -37.53 -39.78
N GLY D 361 -46.60 -38.26 -38.79
CA GLY D 361 -45.55 -37.73 -37.98
C GLY D 361 -45.54 -38.37 -36.59
N TYR D 362 -45.22 -37.59 -35.58
CA TYR D 362 -44.98 -38.08 -34.21
C TYR D 362 -45.80 -37.38 -33.20
N TYR D 363 -46.17 -38.05 -32.13
CA TYR D 363 -46.65 -37.41 -30.89
C TYR D 363 -45.54 -37.15 -29.89
N THR D 364 -45.64 -36.04 -29.17
CA THR D 364 -44.85 -35.90 -27.91
C THR D 364 -45.75 -35.44 -26.78
N ARG D 365 -45.33 -35.71 -25.55
CA ARG D 365 -46.10 -35.40 -24.36
C ARG D 365 -45.33 -34.40 -23.50
N GLY D 366 -45.99 -33.29 -23.14
CA GLY D 366 -45.39 -32.25 -22.33
C GLY D 366 -45.57 -32.55 -20.84
N LYS D 367 -44.96 -31.71 -20.02
CA LYS D 367 -44.94 -31.91 -18.57
C LYS D 367 -46.28 -31.72 -17.91
N ASN D 368 -47.15 -30.98 -18.58
CA ASN D 368 -48.54 -30.83 -18.11
C ASN D 368 -49.57 -31.59 -18.92
N ASP D 369 -49.14 -32.71 -19.51
CA ASP D 369 -50.01 -33.61 -20.24
C ASP D 369 -50.57 -33.06 -21.51
N GLU D 370 -49.93 -32.04 -22.01
CA GLU D 370 -50.14 -31.59 -23.38
C GLU D 370 -49.75 -32.76 -24.29
N VAL D 371 -50.48 -33.00 -25.37
CA VAL D 371 -50.08 -33.95 -26.36
C VAL D 371 -49.90 -33.20 -27.67
N TYR D 372 -48.68 -33.21 -28.18
CA TYR D 372 -48.34 -32.53 -29.40
C TYR D 372 -48.32 -33.47 -30.54
N MET D 373 -48.93 -33.08 -31.65
CA MET D 373 -48.81 -33.74 -32.94
C MET D 373 -47.82 -32.98 -33.77
N VAL D 374 -46.70 -33.63 -34.13
CA VAL D 374 -45.71 -32.96 -35.00
C VAL D 374 -45.81 -33.59 -36.37
N VAL D 375 -46.29 -32.80 -37.32
CA VAL D 375 -46.68 -33.26 -38.63
C VAL D 375 -45.59 -33.03 -39.67
N PHE D 376 -45.04 -34.14 -40.15
CA PHE D 376 -44.02 -34.15 -41.20
C PHE D 376 -44.51 -34.59 -42.57
N ASN D 377 -45.61 -35.35 -42.64
CA ASN D 377 -46.11 -35.90 -43.89
C ASN D 377 -47.59 -35.49 -43.99
N GLN D 378 -47.89 -34.57 -44.91
CA GLN D 378 -49.19 -33.86 -44.92
C GLN D 378 -50.19 -34.68 -45.75
N PRO D 379 -51.28 -35.16 -45.11
CA PRO D 379 -52.22 -36.03 -45.87
C PRO D 379 -53.06 -35.32 -46.92
N TYR D 380 -53.14 -35.87 -48.11
CA TYR D 380 -54.06 -35.29 -49.14
C TYR D 380 -55.52 -35.38 -48.70
N SER D 381 -55.82 -36.31 -47.75
CA SER D 381 -57.16 -36.39 -47.14
C SER D 381 -57.53 -35.15 -46.35
N GLU D 382 -56.54 -34.32 -45.95
CA GLU D 382 -56.73 -33.17 -45.11
C GLU D 382 -57.18 -33.51 -43.69
N ARG D 383 -56.99 -34.80 -43.32
CA ARG D 383 -57.38 -35.31 -42.02
C ARG D 383 -56.17 -36.07 -41.45
N LEU D 384 -55.93 -35.81 -40.19
CA LEU D 384 -54.83 -36.42 -39.43
C LEU D 384 -55.45 -37.39 -38.45
N ILE D 385 -55.20 -38.67 -38.67
CA ILE D 385 -55.86 -39.70 -37.86
C ILE D 385 -55.23 -39.71 -36.45
N VAL D 386 -56.08 -39.74 -35.43
CA VAL D 386 -55.59 -39.86 -34.06
C VAL D 386 -56.36 -40.95 -33.36
N LYS D 387 -55.67 -42.02 -33.01
CA LYS D 387 -56.25 -43.15 -32.30
C LYS D 387 -55.79 -43.09 -30.86
N THR D 388 -56.71 -42.94 -29.94
CA THR D 388 -56.37 -42.68 -28.54
C THR D 388 -56.34 -43.98 -27.77
N PRO D 389 -55.54 -44.00 -26.70
CA PRO D 389 -55.61 -45.16 -25.81
C PRO D 389 -57.01 -45.28 -25.11
N LYS D 390 -57.33 -46.46 -24.59
CA LYS D 390 -58.57 -46.70 -23.83
C LYS D 390 -58.72 -45.67 -22.73
N GLY D 391 -59.90 -45.06 -22.66
CA GLY D 391 -60.20 -44.05 -21.65
C GLY D 391 -59.77 -42.62 -21.92
N ILE D 392 -59.07 -42.39 -23.03
CA ILE D 392 -58.58 -41.09 -23.31
C ILE D 392 -59.43 -40.49 -24.42
N THR D 393 -59.85 -39.25 -24.24
CA THR D 393 -60.51 -38.49 -25.29
C THR D 393 -59.73 -37.21 -25.63
N VAL D 394 -59.96 -36.71 -26.84
CA VAL D 394 -59.44 -35.47 -27.32
C VAL D 394 -60.53 -34.40 -27.21
N GLU D 395 -60.23 -33.40 -26.41
CA GLU D 395 -61.19 -32.31 -26.09
C GLU D 395 -61.01 -31.14 -26.96
N LYS D 396 -59.79 -30.88 -27.44
CA LYS D 396 -59.53 -29.69 -28.23
C LYS D 396 -58.27 -29.89 -29.02
N ALA D 397 -58.20 -29.23 -30.16
CA ALA D 397 -56.95 -29.15 -30.95
C ALA D 397 -56.70 -27.70 -31.30
N THR D 398 -55.44 -27.28 -31.22
CA THR D 398 -55.03 -25.90 -31.42
C THR D 398 -53.75 -25.84 -32.24
N LEU D 399 -53.66 -24.96 -33.25
CA LEU D 399 -52.41 -24.78 -33.93
C LEU D 399 -51.43 -24.09 -33.00
N LEU D 400 -50.26 -24.70 -32.73
CA LEU D 400 -49.35 -24.12 -31.76
C LEU D 400 -48.97 -22.69 -32.03
N THR D 401 -48.61 -22.39 -33.28
CA THR D 401 -48.06 -21.09 -33.61
C THR D 401 -49.09 -19.94 -33.51
N THR D 402 -50.33 -20.18 -33.87
CA THR D 402 -51.33 -19.07 -33.99
C THR D 402 -52.37 -19.11 -32.93
N GLY D 403 -52.53 -20.25 -32.26
CA GLY D 403 -53.58 -20.44 -31.27
C GLY D 403 -54.96 -20.71 -31.88
N GLU D 404 -55.04 -20.84 -33.20
CA GLU D 404 -56.29 -21.07 -33.84
C GLU D 404 -56.84 -22.45 -33.50
N ASP D 405 -58.16 -22.50 -33.35
CA ASP D 405 -58.82 -23.76 -33.10
C ASP D 405 -58.82 -24.63 -34.37
N ILE D 406 -58.66 -25.93 -34.15
CA ILE D 406 -58.60 -26.93 -35.22
C ILE D 406 -59.74 -27.94 -35.00
N THR D 407 -60.49 -28.23 -36.07
CA THR D 407 -61.60 -29.15 -35.99
C THR D 407 -61.17 -30.57 -35.67
N VAL D 408 -61.88 -31.19 -34.74
CA VAL D 408 -61.71 -32.58 -34.33
C VAL D 408 -63.02 -33.28 -34.51
N VAL D 409 -63.00 -34.38 -35.24
CA VAL D 409 -64.23 -35.12 -35.51
C VAL D 409 -64.01 -36.52 -35.06
N GLU D 410 -64.93 -37.06 -34.26
CA GLU D 410 -64.85 -38.41 -33.87
C GLU D 410 -65.29 -39.30 -35.02
N THR D 411 -64.52 -40.33 -35.36
CA THR D 411 -64.84 -41.19 -36.48
C THR D 411 -65.32 -42.57 -36.01
N THR D 412 -64.81 -43.02 -34.88
CA THR D 412 -65.29 -44.24 -34.22
C THR D 412 -64.77 -44.20 -32.77
N ARG D 413 -65.11 -45.19 -31.95
CA ARG D 413 -64.68 -45.19 -30.54
C ARG D 413 -63.16 -45.12 -30.51
N ASN D 414 -62.64 -44.15 -29.79
CA ASN D 414 -61.18 -43.95 -29.67
C ASN D 414 -60.46 -43.59 -30.94
N GLU D 415 -61.18 -43.07 -31.92
CA GLU D 415 -60.52 -42.55 -33.13
C GLU D 415 -61.11 -41.24 -33.56
N TYR D 416 -60.25 -40.33 -33.98
CA TYR D 416 -60.61 -39.00 -34.45
C TYR D 416 -59.91 -38.65 -35.76
N ASN D 417 -60.52 -37.78 -36.55
CA ASN D 417 -59.85 -37.02 -37.56
C ASN D 417 -59.61 -35.64 -37.04
N VAL D 418 -58.37 -35.30 -36.93
CA VAL D 418 -57.98 -33.91 -36.67
C VAL D 418 -57.71 -33.19 -37.96
N SER D 419 -58.40 -32.08 -38.21
CA SER D 419 -58.18 -31.40 -39.50
C SER D 419 -56.82 -30.79 -39.62
N VAL D 420 -56.31 -30.72 -40.85
CA VAL D 420 -55.13 -29.95 -41.11
C VAL D 420 -55.52 -28.45 -41.02
N PRO D 421 -54.56 -27.57 -40.75
CA PRO D 421 -54.88 -26.13 -40.70
C PRO D 421 -55.44 -25.59 -42.02
N LYS D 422 -56.24 -24.53 -41.92
CA LYS D 422 -56.84 -23.93 -43.09
C LYS D 422 -55.81 -23.56 -44.11
N LYS D 423 -54.72 -22.98 -43.65
CA LYS D 423 -53.58 -22.68 -44.52
C LYS D 423 -52.41 -23.67 -44.26
N ASN D 424 -51.85 -24.21 -45.33
CA ASN D 424 -50.75 -25.17 -45.16
C ASN D 424 -49.55 -24.45 -44.51
N PRO D 425 -49.06 -24.95 -43.37
CA PRO D 425 -47.94 -24.24 -42.75
C PRO D 425 -46.66 -24.21 -43.58
N GLY D 426 -46.53 -25.13 -44.53
CA GLY D 426 -45.40 -25.13 -45.44
C GLY D 426 -44.10 -25.65 -44.85
N GLU D 427 -44.18 -26.28 -43.68
CA GLU D 427 -43.01 -26.83 -43.01
C GLU D 427 -43.56 -27.81 -41.96
N PRO D 428 -42.71 -28.63 -41.36
CA PRO D 428 -43.23 -29.46 -40.27
C PRO D 428 -43.78 -28.64 -39.12
N TYR D 429 -44.97 -28.98 -38.64
CA TYR D 429 -45.71 -28.11 -37.77
C TYR D 429 -46.33 -28.83 -36.62
N VAL D 430 -46.81 -28.08 -35.66
CA VAL D 430 -47.34 -28.65 -34.43
C VAL D 430 -48.83 -28.30 -34.15
N ILE D 431 -49.63 -29.31 -33.84
CA ILE D 431 -50.97 -29.17 -33.30
C ILE D 431 -50.97 -29.65 -31.89
N GLN D 432 -51.41 -28.84 -30.95
CA GLN D 432 -51.49 -29.21 -29.57
C GLN D 432 -52.87 -29.72 -29.24
N LEU D 433 -52.94 -30.91 -28.63
CA LEU D 433 -54.17 -31.53 -28.15
C LEU D 433 -54.35 -31.36 -26.66
N LYS D 434 -55.59 -31.08 -26.25
CA LYS D 434 -55.98 -31.24 -24.87
C LYS D 434 -56.68 -32.56 -24.78
N VAL D 435 -56.21 -33.43 -23.89
CA VAL D 435 -56.77 -34.72 -23.73
C VAL D 435 -57.30 -34.88 -22.31
N ARG D 436 -58.18 -35.82 -22.15
CA ARG D 436 -58.80 -36.11 -20.83
C ARG D 436 -58.78 -37.60 -20.63
N ALA D 437 -58.43 -38.04 -19.42
CA ALA D 437 -58.45 -39.45 -19.07
C ALA D 437 -59.65 -39.76 -18.17
N ALA D 438 -60.42 -40.81 -18.49
CA ALA D 438 -61.59 -41.15 -17.66
C ALA D 438 -61.18 -41.75 -16.29
N LYS D 439 -62.01 -41.62 -15.24
CA LYS D 439 -61.70 -42.10 -13.86
C LYS D 439 -61.01 -43.48 -13.76
N TYR D 445 -53.11 -39.16 -16.58
CA TYR D 445 -52.76 -39.71 -17.89
C TYR D 445 -51.27 -40.01 -17.95
S SO4 E . 31.10 54.33 19.06
O1 SO4 E . 31.94 53.71 18.07
O2 SO4 E . 29.68 53.96 18.99
O3 SO4 E . 31.64 53.82 20.34
O4 SO4 E . 31.16 55.77 19.14
S SO4 F . 14.18 73.09 -1.34
O1 SO4 F . 13.28 73.22 -2.53
O2 SO4 F . 13.43 73.07 -0.13
O3 SO4 F . 14.99 71.81 -1.49
O4 SO4 F . 15.24 74.14 -1.42
CAK 3U3 G . 31.20 44.96 15.94
CAB 3U3 G . 31.88 46.01 15.03
CAC 3U3 G . 31.88 45.58 13.53
OAJ 3U3 G . 30.51 45.19 13.14
CAD 3U3 G . 32.30 46.74 12.68
OAI 3U3 G . 32.61 46.23 11.35
CAE 3U3 G . 31.27 47.72 12.68
OAH 3U3 G . 31.82 48.96 11.98
CAF 3U3 G . 30.72 48.15 13.98
CAA 3U3 G . 31.26 47.37 15.25
NAG 3U3 G . 32.31 48.18 15.94
CAL 3U3 G . 31.92 49.18 16.71
OAM 3U3 G . 30.75 49.59 16.87
CAN 3U3 G . 33.09 49.94 17.36
S SO4 H . -15.97 25.42 27.75
O1 SO4 H . -15.06 25.08 26.61
O2 SO4 H . -17.31 24.88 27.41
O3 SO4 H . -15.40 24.84 28.99
O4 SO4 H . -16.17 26.87 27.70
S SO4 I . -18.93 27.15 4.43
O1 SO4 I . -18.99 26.55 3.08
O2 SO4 I . -20.04 28.05 4.66
O3 SO4 I . -17.62 27.80 4.56
O4 SO4 I . -19.03 25.98 5.38
CAK 3U3 J . -12.59 19.92 6.64
CAB 3U3 J . -13.72 20.09 7.65
CAC 3U3 J . -13.35 19.58 9.10
OAJ 3U3 J . -12.09 20.15 9.47
CAD 3U3 J . -14.42 20.10 9.93
OAI 3U3 J . -14.25 19.53 11.30
CAE 3U3 J . -14.35 21.53 10.10
OAH 3U3 J . -15.50 21.93 10.96
CAF 3U3 J . -14.36 22.33 8.77
CAA 3U3 J . -14.24 21.56 7.51
NAG 3U3 J . -15.56 21.44 6.88
CAL 3U3 J . -16.05 22.55 6.22
OAM 3U3 J . -15.47 23.67 6.26
CAN 3U3 J . -17.44 22.36 5.56
S SO4 K . 4.73 -29.52 18.87
O1 SO4 K . 4.42 -30.44 17.74
O2 SO4 K . 3.74 -28.47 19.18
O3 SO4 K . 5.20 -30.24 20.06
O4 SO4 K . 5.96 -28.77 18.47
CAK 3U3 L . 0.47 -23.64 12.20
CAB 3U3 L . -0.18 -23.67 13.59
CAC 3U3 L . -1.68 -23.33 13.53
OAJ 3U3 L . -2.36 -24.09 12.54
CAD 3U3 L . -2.28 -23.62 14.89
OAI 3U3 L . -3.64 -23.11 14.93
CAE 3U3 L . -2.38 -25.11 15.16
OAH 3U3 L . -2.81 -25.43 16.54
CAF 3U3 L . -0.97 -25.84 14.88
CAA 3U3 L . 0.16 -25.01 14.26
NAG 3U3 L . 1.11 -24.72 15.34
CAL 3U3 L . 1.90 -25.71 15.83
OAM 3U3 L . 1.87 -26.86 15.44
CAN 3U3 L . 2.77 -25.33 17.01
CAK 3U3 M . -19.39 -41.26 -31.99
CAB 3U3 M . -18.59 -42.32 -32.75
CAC 3U3 M . -17.24 -41.75 -33.16
OAJ 3U3 M . -16.51 -41.13 -32.11
CAD 3U3 M . -16.43 -42.88 -33.70
OAI 3U3 M . -15.25 -42.42 -34.35
CAE 3U3 M . -16.05 -43.72 -32.63
OAH 3U3 M . -15.40 -44.95 -33.13
CAF 3U3 M . -17.19 -44.15 -31.65
CAA 3U3 M . -18.57 -43.55 -31.92
NAG 3U3 M . -19.38 -44.60 -32.63
CAL 3U3 M . -20.09 -45.48 -31.92
OAM 3U3 M . -20.04 -45.64 -30.69
CAN 3U3 M . -20.91 -46.40 -32.78
#